data_3BWD
# 
_entry.id   3BWD 
# 
_audit_conform.dict_name       mmcif_pdbx.dic 
_audit_conform.dict_version    5.377 
_audit_conform.dict_location   http://mmcif.pdb.org/dictionaries/ascii/mmcif_pdbx.dic 
# 
loop_
_database_2.database_id 
_database_2.database_code 
_database_2.pdbx_database_accession 
_database_2.pdbx_DOI 
PDB   3BWD         pdb_00003bwd 10.2210/pdb3bwd/pdb 
RCSB  RCSB046038   ?            ?                   
WWPDB D_1000046038 ?            ?                   
# 
loop_
_pdbx_database_related.db_name 
_pdbx_database_related.db_id 
_pdbx_database_related.details 
_pdbx_database_related.content_type 
PDB 2NTX . unspecified 
PDB 2NTY . unspecified 
# 
_pdbx_database_status.status_code                     REL 
_pdbx_database_status.entry_id                        3BWD 
_pdbx_database_status.recvd_initial_deposition_date   2008-01-09 
_pdbx_database_status.deposit_site                    RCSB 
_pdbx_database_status.process_site                    RCSB 
_pdbx_database_status.status_code_sf                  REL 
_pdbx_database_status.status_code_mr                  ? 
_pdbx_database_status.SG_entry                        ? 
_pdbx_database_status.pdb_format_compatible           Y 
_pdbx_database_status.status_code_cs                  ? 
_pdbx_database_status.status_code_nmr_data            ? 
_pdbx_database_status.methods_development_category    ? 
# 
loop_
_audit_author.name 
_audit_author.pdbx_ordinal 
'Thomas, C.' 1 
'Berken, A.' 2 
# 
loop_
_citation.id 
_citation.title 
_citation.journal_abbrev 
_citation.journal_volume 
_citation.page_first 
_citation.page_last 
_citation.year 
_citation.journal_id_ASTM 
_citation.country 
_citation.journal_id_ISSN 
_citation.journal_id_CSD 
_citation.book_publisher 
_citation.pdbx_database_id_PubMed 
_citation.pdbx_database_id_DOI 
primary 'Crystal structure of the plant Rho protein ROP5'                                                        'To be Published' 
?  ?    ?    ?    ? ?  ?         0353 ? ?        ? 
1       'Purification, crystallization and preliminary X-ray diffraction analysis of the plant Rho protein ROP5' 
'Acta Crystallogr.,Sect.F' 63 1070 1072 2007 ? DK 1744-3091 ?    ? 18084097 ? 
# 
loop_
_citation_author.citation_id 
_citation_author.name 
_citation_author.ordinal 
_citation_author.identifier_ORCID 
primary 'Thomas, C.' 1 ? 
primary 'Berken, A.' 2 ? 
1       'Thomas, C.' 3 ? 
1       'Berken, A.' 4 ? 
# 
_cell.entry_id           3BWD 
_cell.length_a           36.420 
_cell.length_b           40.390 
_cell.length_c           57.180 
_cell.angle_alpha        90.00 
_cell.angle_beta         102.60 
_cell.angle_gamma        90.00 
_cell.Z_PDB              2 
_cell.pdbx_unique_axis   ? 
_cell.length_a_esd       ? 
_cell.length_b_esd       ? 
_cell.length_c_esd       ? 
_cell.angle_alpha_esd    ? 
_cell.angle_beta_esd     ? 
_cell.angle_gamma_esd    ? 
# 
_symmetry.entry_id                         3BWD 
_symmetry.space_group_name_H-M             'P 1 21 1' 
_symmetry.pdbx_full_space_group_name_H-M   ? 
_symmetry.cell_setting                     ? 
_symmetry.Int_Tables_number                4 
_symmetry.space_group_name_Hall            ? 
# 
loop_
_entity.id 
_entity.type 
_entity.src_method 
_entity.pdbx_description 
_entity.formula_weight 
_entity.pdbx_number_of_molecules 
_entity.pdbx_ec 
_entity.pdbx_mutation 
_entity.pdbx_fragment 
_entity.details 
1 polymer     man 'Rac-like GTP-binding protein ARAC6' 19811.617 1  ? ? 'residues 1-180' ? 
2 non-polymer syn 'MAGNESIUM ION'                      24.305    1  ? ? ?                ? 
3 non-polymer syn "GUANOSINE-5'-DIPHOSPHATE"           443.201   1  ? ? ?                ? 
4 water       nat water                                18.015    48 ? ? ?                ? 
# 
_entity_name_com.entity_id   1 
_entity_name_com.name        'GTPase protein ROP5, plant Rho protein ROP5' 
# 
_entity_poly.entity_id                      1 
_entity_poly.type                           'polypeptide(L)' 
_entity_poly.nstd_linkage                   no 
_entity_poly.nstd_monomer                   no 
_entity_poly.pdbx_seq_one_letter_code       
;GSMSASRFIKCVTVGDGAVGKTCLLISYTSNTFPTDYVPTVFDNFSANVVVNGATVNLGLWDTAGQEDYNRLRPLSYRGA
DVFILAFSLISKASYENVSKKWIPELKHYAPGVPIVLVGTKLDLRDDKQFFIDHPGAVPITTVQGEELKKLIGAPAYIEC
SSKSQENVKGVFDAAIRVVLQP
;
_entity_poly.pdbx_seq_one_letter_code_can   
;GSMSASRFIKCVTVGDGAVGKTCLLISYTSNTFPTDYVPTVFDNFSANVVVNGATVNLGLWDTAGQEDYNRLRPLSYRGA
DVFILAFSLISKASYENVSKKWIPELKHYAPGVPIVLVGTKLDLRDDKQFFIDHPGAVPITTVQGEELKKLIGAPAYIEC
SSKSQENVKGVFDAAIRVVLQP
;
_entity_poly.pdbx_strand_id                 D 
_entity_poly.pdbx_target_identifier         ? 
# 
loop_
_entity_poly_seq.entity_id 
_entity_poly_seq.num 
_entity_poly_seq.mon_id 
_entity_poly_seq.hetero 
1 1   GLY n 
1 2   SER n 
1 3   MET n 
1 4   SER n 
1 5   ALA n 
1 6   SER n 
1 7   ARG n 
1 8   PHE n 
1 9   ILE n 
1 10  LYS n 
1 11  CYS n 
1 12  VAL n 
1 13  THR n 
1 14  VAL n 
1 15  GLY n 
1 16  ASP n 
1 17  GLY n 
1 18  ALA n 
1 19  VAL n 
1 20  GLY n 
1 21  LYS n 
1 22  THR n 
1 23  CYS n 
1 24  LEU n 
1 25  LEU n 
1 26  ILE n 
1 27  SER n 
1 28  TYR n 
1 29  THR n 
1 30  SER n 
1 31  ASN n 
1 32  THR n 
1 33  PHE n 
1 34  PRO n 
1 35  THR n 
1 36  ASP n 
1 37  TYR n 
1 38  VAL n 
1 39  PRO n 
1 40  THR n 
1 41  VAL n 
1 42  PHE n 
1 43  ASP n 
1 44  ASN n 
1 45  PHE n 
1 46  SER n 
1 47  ALA n 
1 48  ASN n 
1 49  VAL n 
1 50  VAL n 
1 51  VAL n 
1 52  ASN n 
1 53  GLY n 
1 54  ALA n 
1 55  THR n 
1 56  VAL n 
1 57  ASN n 
1 58  LEU n 
1 59  GLY n 
1 60  LEU n 
1 61  TRP n 
1 62  ASP n 
1 63  THR n 
1 64  ALA n 
1 65  GLY n 
1 66  GLN n 
1 67  GLU n 
1 68  ASP n 
1 69  TYR n 
1 70  ASN n 
1 71  ARG n 
1 72  LEU n 
1 73  ARG n 
1 74  PRO n 
1 75  LEU n 
1 76  SER n 
1 77  TYR n 
1 78  ARG n 
1 79  GLY n 
1 80  ALA n 
1 81  ASP n 
1 82  VAL n 
1 83  PHE n 
1 84  ILE n 
1 85  LEU n 
1 86  ALA n 
1 87  PHE n 
1 88  SER n 
1 89  LEU n 
1 90  ILE n 
1 91  SER n 
1 92  LYS n 
1 93  ALA n 
1 94  SER n 
1 95  TYR n 
1 96  GLU n 
1 97  ASN n 
1 98  VAL n 
1 99  SER n 
1 100 LYS n 
1 101 LYS n 
1 102 TRP n 
1 103 ILE n 
1 104 PRO n 
1 105 GLU n 
1 106 LEU n 
1 107 LYS n 
1 108 HIS n 
1 109 TYR n 
1 110 ALA n 
1 111 PRO n 
1 112 GLY n 
1 113 VAL n 
1 114 PRO n 
1 115 ILE n 
1 116 VAL n 
1 117 LEU n 
1 118 VAL n 
1 119 GLY n 
1 120 THR n 
1 121 LYS n 
1 122 LEU n 
1 123 ASP n 
1 124 LEU n 
1 125 ARG n 
1 126 ASP n 
1 127 ASP n 
1 128 LYS n 
1 129 GLN n 
1 130 PHE n 
1 131 PHE n 
1 132 ILE n 
1 133 ASP n 
1 134 HIS n 
1 135 PRO n 
1 136 GLY n 
1 137 ALA n 
1 138 VAL n 
1 139 PRO n 
1 140 ILE n 
1 141 THR n 
1 142 THR n 
1 143 VAL n 
1 144 GLN n 
1 145 GLY n 
1 146 GLU n 
1 147 GLU n 
1 148 LEU n 
1 149 LYS n 
1 150 LYS n 
1 151 LEU n 
1 152 ILE n 
1 153 GLY n 
1 154 ALA n 
1 155 PRO n 
1 156 ALA n 
1 157 TYR n 
1 158 ILE n 
1 159 GLU n 
1 160 CYS n 
1 161 SER n 
1 162 SER n 
1 163 LYS n 
1 164 SER n 
1 165 GLN n 
1 166 GLU n 
1 167 ASN n 
1 168 VAL n 
1 169 LYS n 
1 170 GLY n 
1 171 VAL n 
1 172 PHE n 
1 173 ASP n 
1 174 ALA n 
1 175 ALA n 
1 176 ILE n 
1 177 ARG n 
1 178 VAL n 
1 179 VAL n 
1 180 LEU n 
1 181 GLN n 
1 182 PRO n 
# 
_entity_src_gen.entity_id                          1 
_entity_src_gen.pdbx_src_id                        1 
_entity_src_gen.pdbx_alt_source_flag               sample 
_entity_src_gen.pdbx_seq_type                      ? 
_entity_src_gen.pdbx_beg_seq_num                   ? 
_entity_src_gen.pdbx_end_seq_num                   ? 
_entity_src_gen.gene_src_common_name               'thale cress' 
_entity_src_gen.gene_src_genus                     Arabidopsis 
_entity_src_gen.pdbx_gene_src_gene                 'ARAC6, RAC2, ROP5' 
_entity_src_gen.gene_src_species                   ? 
_entity_src_gen.gene_src_strain                    ? 
_entity_src_gen.gene_src_tissue                    ? 
_entity_src_gen.gene_src_tissue_fraction           ? 
_entity_src_gen.gene_src_details                   ? 
_entity_src_gen.pdbx_gene_src_fragment             ? 
_entity_src_gen.pdbx_gene_src_scientific_name      'Arabidopsis thaliana' 
_entity_src_gen.pdbx_gene_src_ncbi_taxonomy_id     3702 
_entity_src_gen.pdbx_gene_src_variant              ? 
_entity_src_gen.pdbx_gene_src_cell_line            ? 
_entity_src_gen.pdbx_gene_src_atcc                 ? 
_entity_src_gen.pdbx_gene_src_organ                ? 
_entity_src_gen.pdbx_gene_src_organelle            ? 
_entity_src_gen.pdbx_gene_src_cell                 ? 
_entity_src_gen.pdbx_gene_src_cellular_location    ? 
_entity_src_gen.host_org_common_name               ? 
_entity_src_gen.pdbx_host_org_scientific_name      'Escherichia coli' 
_entity_src_gen.pdbx_host_org_ncbi_taxonomy_id     562 
_entity_src_gen.host_org_genus                     Escherichia 
_entity_src_gen.pdbx_host_org_gene                 ? 
_entity_src_gen.pdbx_host_org_organ                ? 
_entity_src_gen.host_org_species                   ? 
_entity_src_gen.pdbx_host_org_tissue               ? 
_entity_src_gen.pdbx_host_org_tissue_fraction      ? 
_entity_src_gen.pdbx_host_org_strain               ? 
_entity_src_gen.pdbx_host_org_variant              ? 
_entity_src_gen.pdbx_host_org_cell_line            ? 
_entity_src_gen.pdbx_host_org_atcc                 ? 
_entity_src_gen.pdbx_host_org_culture_collection   ? 
_entity_src_gen.pdbx_host_org_cell                 ? 
_entity_src_gen.pdbx_host_org_organelle            ? 
_entity_src_gen.pdbx_host_org_cellular_location    ? 
_entity_src_gen.pdbx_host_org_vector_type          plasmid 
_entity_src_gen.pdbx_host_org_vector               ? 
_entity_src_gen.host_org_details                   ? 
_entity_src_gen.expression_system_id               ? 
_entity_src_gen.plasmid_name                       pGEX-4T-1 
_entity_src_gen.plasmid_details                    ? 
_entity_src_gen.pdbx_description                   ? 
# 
_struct_ref.id                         1 
_struct_ref.db_name                    UNP 
_struct_ref.db_code                    RAC6_ARATH 
_struct_ref.pdbx_db_accession          Q9SBJ6 
_struct_ref.entity_id                  1 
_struct_ref.pdbx_seq_one_letter_code   
;MSASRFIKCVTVGDGAVGKTCLLISYTSNTFPTDYVPTVFDNFSANVVVNGATVNLGLWDTAGQEDYNRLRPLSYRGADV
FILAFSLISKASYENVSKKWIPELKHYAPGVPIVLVGTKLDLRDDKQFFIDHPGAVPITTVQGEELKKLIGAPAYIECSS
KSQENVKGVFDAAIRVVLQP
;
_struct_ref.pdbx_align_begin           1 
_struct_ref.pdbx_db_isoform            ? 
# 
_struct_ref_seq.align_id                      1 
_struct_ref_seq.ref_id                        1 
_struct_ref_seq.pdbx_PDB_id_code              3BWD 
_struct_ref_seq.pdbx_strand_id                D 
_struct_ref_seq.seq_align_beg                 3 
_struct_ref_seq.pdbx_seq_align_beg_ins_code   ? 
_struct_ref_seq.seq_align_end                 182 
_struct_ref_seq.pdbx_seq_align_end_ins_code   ? 
_struct_ref_seq.pdbx_db_accession             Q9SBJ6 
_struct_ref_seq.db_align_beg                  1 
_struct_ref_seq.pdbx_db_align_beg_ins_code    ? 
_struct_ref_seq.db_align_end                  180 
_struct_ref_seq.pdbx_db_align_end_ins_code    ? 
_struct_ref_seq.pdbx_auth_seq_align_beg       1 
_struct_ref_seq.pdbx_auth_seq_align_end       180 
# 
loop_
_struct_ref_seq_dif.align_id 
_struct_ref_seq_dif.pdbx_pdb_id_code 
_struct_ref_seq_dif.mon_id 
_struct_ref_seq_dif.pdbx_pdb_strand_id 
_struct_ref_seq_dif.seq_num 
_struct_ref_seq_dif.pdbx_pdb_ins_code 
_struct_ref_seq_dif.pdbx_seq_db_name 
_struct_ref_seq_dif.pdbx_seq_db_accession_code 
_struct_ref_seq_dif.db_mon_id 
_struct_ref_seq_dif.pdbx_seq_db_seq_num 
_struct_ref_seq_dif.details 
_struct_ref_seq_dif.pdbx_auth_seq_num 
_struct_ref_seq_dif.pdbx_ordinal 
1 3BWD GLY D 1 ? UNP Q9SBJ6 ? ? 'expression tag' -1 1 
1 3BWD SER D 2 ? UNP Q9SBJ6 ? ? 'expression tag' 0  2 
# 
loop_
_chem_comp.id 
_chem_comp.type 
_chem_comp.mon_nstd_flag 
_chem_comp.name 
_chem_comp.pdbx_synonyms 
_chem_comp.formula 
_chem_comp.formula_weight 
ALA 'L-peptide linking' y ALANINE                    ? 'C3 H7 N O2'        89.093  
ARG 'L-peptide linking' y ARGININE                   ? 'C6 H15 N4 O2 1'    175.209 
ASN 'L-peptide linking' y ASPARAGINE                 ? 'C4 H8 N2 O3'       132.118 
ASP 'L-peptide linking' y 'ASPARTIC ACID'            ? 'C4 H7 N O4'        133.103 
CYS 'L-peptide linking' y CYSTEINE                   ? 'C3 H7 N O2 S'      121.158 
GDP 'RNA linking'       n "GUANOSINE-5'-DIPHOSPHATE" ? 'C10 H15 N5 O11 P2' 443.201 
GLN 'L-peptide linking' y GLUTAMINE                  ? 'C5 H10 N2 O3'      146.144 
GLU 'L-peptide linking' y 'GLUTAMIC ACID'            ? 'C5 H9 N O4'        147.129 
GLY 'peptide linking'   y GLYCINE                    ? 'C2 H5 N O2'        75.067  
HIS 'L-peptide linking' y HISTIDINE                  ? 'C6 H10 N3 O2 1'    156.162 
HOH non-polymer         . WATER                      ? 'H2 O'              18.015  
ILE 'L-peptide linking' y ISOLEUCINE                 ? 'C6 H13 N O2'       131.173 
LEU 'L-peptide linking' y LEUCINE                    ? 'C6 H13 N O2'       131.173 
LYS 'L-peptide linking' y LYSINE                     ? 'C6 H15 N2 O2 1'    147.195 
MET 'L-peptide linking' y METHIONINE                 ? 'C5 H11 N O2 S'     149.211 
MG  non-polymer         . 'MAGNESIUM ION'            ? 'Mg 2'              24.305  
PHE 'L-peptide linking' y PHENYLALANINE              ? 'C9 H11 N O2'       165.189 
PRO 'L-peptide linking' y PROLINE                    ? 'C5 H9 N O2'        115.130 
SER 'L-peptide linking' y SERINE                     ? 'C3 H7 N O3'        105.093 
THR 'L-peptide linking' y THREONINE                  ? 'C4 H9 N O3'        119.119 
TRP 'L-peptide linking' y TRYPTOPHAN                 ? 'C11 H12 N2 O2'     204.225 
TYR 'L-peptide linking' y TYROSINE                   ? 'C9 H11 N O3'       181.189 
VAL 'L-peptide linking' y VALINE                     ? 'C5 H11 N O2'       117.146 
# 
_exptl.entry_id          3BWD 
_exptl.method            'X-RAY DIFFRACTION' 
_exptl.crystals_number   1 
# 
_exptl_crystal.id                    1 
_exptl_crystal.density_meas          ? 
_exptl_crystal.density_Matthews      2.07 
_exptl_crystal.density_percent_sol   40.63 
_exptl_crystal.description           ? 
_exptl_crystal.F_000                 ? 
_exptl_crystal.preparation           ? 
# 
_exptl_crystal_grow.crystal_id      1 
_exptl_crystal_grow.method          'VAPOR DIFFUSION, HANGING DROP' 
_exptl_crystal_grow.temp            293 
_exptl_crystal_grow.temp_details    ? 
_exptl_crystal_grow.pH              5.5 
_exptl_crystal_grow.pdbx_details    
;28%(w/v) PEG 3000, 
100 mM MES pH 5.5, VAPOR DIFFUSION, HANGING DROP, temperature 293K
;
_exptl_crystal_grow.pdbx_pH_range   . 
# 
_diffrn.id                     1 
_diffrn.ambient_temp           100 
_diffrn.ambient_temp_details   ? 
_diffrn.crystal_id             1 
# 
_diffrn_detector.diffrn_id              1 
_diffrn_detector.detector               CCD 
_diffrn_detector.type                   'MARMOSAIC 225 mm CCD' 
_diffrn_detector.pdbx_collection_date   2006-09-21 
_diffrn_detector.details                ? 
# 
_diffrn_radiation.diffrn_id                        1 
_diffrn_radiation.wavelength_id                    1 
_diffrn_radiation.pdbx_monochromatic_or_laue_m_l   M 
_diffrn_radiation.monochromator                    ? 
_diffrn_radiation.pdbx_diffrn_protocol             'SINGLE WAVELENGTH' 
_diffrn_radiation.pdbx_scattering_type             x-ray 
# 
_diffrn_radiation_wavelength.id           1 
_diffrn_radiation_wavelength.wavelength   0.97634 
_diffrn_radiation_wavelength.wt           1.0 
# 
_diffrn_source.diffrn_id                   1 
_diffrn_source.source                      SYNCHROTRON 
_diffrn_source.type                        'SLS BEAMLINE X06SA' 
_diffrn_source.pdbx_synchrotron_site       SLS 
_diffrn_source.pdbx_synchrotron_beamline   X06SA 
_diffrn_source.pdbx_wavelength             ? 
_diffrn_source.pdbx_wavelength_list        0.97634 
# 
_reflns.entry_id                     3BWD 
_reflns.observed_criterion_sigma_F   ? 
_reflns.observed_criterion_sigma_I   ? 
_reflns.d_resolution_high            1.53 
_reflns.d_resolution_low             50 
_reflns.number_all                   ? 
_reflns.number_obs                   23836 
_reflns.percent_possible_obs         ? 
_reflns.pdbx_Rmerge_I_obs            ? 
_reflns.pdbx_Rsym_value              ? 
_reflns.pdbx_netI_over_sigmaI        ? 
_reflns.B_iso_Wilson_estimate        ? 
_reflns.pdbx_redundancy              2.9 
_reflns.R_free_details               ? 
_reflns.limit_h_max                  ? 
_reflns.limit_h_min                  ? 
_reflns.limit_k_max                  ? 
_reflns.limit_k_min                  ? 
_reflns.limit_l_max                  ? 
_reflns.limit_l_min                  ? 
_reflns.observed_criterion_F_max     ? 
_reflns.observed_criterion_F_min     ? 
_reflns.pdbx_chi_squared             ? 
_reflns.pdbx_scaling_rejects         ? 
_reflns.pdbx_diffrn_id               1 
_reflns.pdbx_ordinal                 1 
# 
_reflns_shell.d_res_high             1.53 
_reflns_shell.d_res_low              1.6 
_reflns_shell.percent_possible_all   ? 
_reflns_shell.Rmerge_I_obs           ? 
_reflns_shell.pdbx_Rsym_value        ? 
_reflns_shell.meanI_over_sigI_obs    ? 
_reflns_shell.pdbx_redundancy        1.9 
_reflns_shell.percent_possible_obs   ? 
_reflns_shell.number_unique_all      ? 
_reflns_shell.number_measured_all    ? 
_reflns_shell.number_measured_obs    ? 
_reflns_shell.number_unique_obs      ? 
_reflns_shell.pdbx_chi_squared       ? 
_reflns_shell.pdbx_diffrn_id         ? 
_reflns_shell.pdbx_ordinal           1 
# 
_refine.entry_id                                 3BWD 
_refine.ls_number_reflns_obs                     22637 
_refine.ls_number_reflns_all                     ? 
_refine.pdbx_ls_sigma_I                          ? 
_refine.pdbx_ls_sigma_F                          ? 
_refine.pdbx_data_cutoff_high_absF               ? 
_refine.pdbx_data_cutoff_low_absF                ? 
_refine.pdbx_data_cutoff_high_rms_absF           ? 
_refine.ls_d_res_low                             24.72 
_refine.ls_d_res_high                            1.53 
_refine.ls_percent_reflns_obs                    100.00 
_refine.ls_R_factor_obs                          0.24765 
_refine.ls_R_factor_all                          ? 
_refine.ls_R_factor_R_work                       0.24673 
_refine.ls_R_factor_R_free                       0.26504 
_refine.ls_R_factor_R_free_error                 ? 
_refine.ls_R_factor_R_free_error_details         ? 
_refine.ls_percent_reflns_R_free                 5.0 
_refine.ls_number_reflns_R_free                  1191 
_refine.ls_number_parameters                     ? 
_refine.ls_number_restraints                     ? 
_refine.occupancy_min                            ? 
_refine.occupancy_max                            ? 
_refine.correlation_coeff_Fo_to_Fc               0.930 
_refine.correlation_coeff_Fo_to_Fc_free          0.925 
_refine.B_iso_mean                               17.474 
_refine.aniso_B[1][1]                            0.00 
_refine.aniso_B[2][2]                            0.01 
_refine.aniso_B[3][3]                            -0.01 
_refine.aniso_B[1][2]                            0.00 
_refine.aniso_B[1][3]                            0.00 
_refine.aniso_B[2][3]                            0.00 
_refine.solvent_model_details                    MASK 
_refine.solvent_model_param_ksol                 ? 
_refine.solvent_model_param_bsol                 ? 
_refine.pdbx_solvent_vdw_probe_radii             1.40 
_refine.pdbx_solvent_ion_probe_radii             0.80 
_refine.pdbx_solvent_shrinkage_radii             0.80 
_refine.pdbx_ls_cross_valid_method               THROUGHOUT 
_refine.details                                  'HYDROGENS HAVE BEEN ADDED IN THE RIDING POSITIONS' 
_refine.pdbx_starting_model                      'ROP4-GDP of model with PDB ID 2NTY' 
_refine.pdbx_method_to_determine_struct          'MOLECULAR REPLACEMENT' 
_refine.pdbx_isotropic_thermal_model             ? 
_refine.pdbx_stereochemistry_target_values       'MAXIMUM LIKELIHOOD' 
_refine.pdbx_stereochem_target_val_spec_case     ? 
_refine.pdbx_R_Free_selection_details            RANDOM 
_refine.pdbx_overall_ESU_R                       0.102 
_refine.pdbx_overall_ESU_R_Free                  0.097 
_refine.overall_SU_ML                            ? 
_refine.overall_SU_B                             ? 
_refine.ls_redundancy_reflns_obs                 ? 
_refine.B_iso_min                                ? 
_refine.B_iso_max                                ? 
_refine.overall_SU_R_Cruickshank_DPI             ? 
_refine.overall_SU_R_free                        ? 
_refine.ls_wR_factor_R_free                      ? 
_refine.ls_wR_factor_R_work                      ? 
_refine.overall_FOM_free_R_set                   ? 
_refine.overall_FOM_work_R_set                   ? 
_refine.pdbx_overall_phase_error                 ? 
_refine.pdbx_refine_id                           'X-RAY DIFFRACTION' 
_refine.pdbx_diffrn_id                           1 
_refine.pdbx_TLS_residual_ADP_flag               ? 
_refine.pdbx_overall_SU_R_free_Cruickshank_DPI   ? 
_refine.pdbx_overall_SU_R_Blow_DPI               ? 
_refine.pdbx_overall_SU_R_free_Blow_DPI          ? 
# 
_refine_hist.pdbx_refine_id                   'X-RAY DIFFRACTION' 
_refine_hist.cycle_id                         LAST 
_refine_hist.pdbx_number_atoms_protein        1185 
_refine_hist.pdbx_number_atoms_nucleic_acid   0 
_refine_hist.pdbx_number_atoms_ligand         29 
_refine_hist.number_atoms_solvent             48 
_refine_hist.number_atoms_total               1262 
_refine_hist.d_res_high                       1.53 
_refine_hist.d_res_low                        24.72 
# 
loop_
_refine_ls_restr.type 
_refine_ls_restr.dev_ideal 
_refine_ls_restr.dev_ideal_target 
_refine_ls_restr.weight 
_refine_ls_restr.number 
_refine_ls_restr.pdbx_refine_id 
_refine_ls_restr.pdbx_restraint_function 
r_bond_refined_d             0.027  0.022  ? 1239 'X-RAY DIFFRACTION' ? 
r_bond_other_d               ?      ?      ? ?    'X-RAY DIFFRACTION' ? 
r_angle_refined_deg          1.957  1.993  ? 1702 'X-RAY DIFFRACTION' ? 
r_angle_other_deg            ?      ?      ? ?    'X-RAY DIFFRACTION' ? 
r_dihedral_angle_1_deg       27.915 5.000  ? 164  'X-RAY DIFFRACTION' ? 
r_dihedral_angle_2_deg       32.732 24.474 ? 38   'X-RAY DIFFRACTION' ? 
r_dihedral_angle_3_deg       16.466 15.000 ? 182  'X-RAY DIFFRACTION' ? 
r_dihedral_angle_4_deg       21.295 15.000 ? 3    'X-RAY DIFFRACTION' ? 
r_chiral_restr               0.153  0.200  ? 205  'X-RAY DIFFRACTION' ? 
r_gen_planes_refined         0.009  0.020  ? 908  'X-RAY DIFFRACTION' ? 
r_gen_planes_other           ?      ?      ? ?    'X-RAY DIFFRACTION' ? 
r_nbd_refined                0.240  0.200  ? 552  'X-RAY DIFFRACTION' ? 
r_nbd_other                  ?      ?      ? ?    'X-RAY DIFFRACTION' ? 
r_nbtor_refined              0.329  0.200  ? 883  'X-RAY DIFFRACTION' ? 
r_nbtor_other                ?      ?      ? ?    'X-RAY DIFFRACTION' ? 
r_xyhbond_nbd_refined        0.152  0.200  ? 42   'X-RAY DIFFRACTION' ? 
r_xyhbond_nbd_other          ?      ?      ? ?    'X-RAY DIFFRACTION' ? 
r_metal_ion_refined          ?      ?      ? ?    'X-RAY DIFFRACTION' ? 
r_metal_ion_other            ?      ?      ? ?    'X-RAY DIFFRACTION' ? 
r_symmetry_vdw_refined       0.238  0.200  ? 32   'X-RAY DIFFRACTION' ? 
r_symmetry_vdw_other         ?      ?      ? ?    'X-RAY DIFFRACTION' ? 
r_symmetry_hbond_refined     0.114  0.200  ? 7    'X-RAY DIFFRACTION' ? 
r_symmetry_hbond_other       ?      ?      ? ?    'X-RAY DIFFRACTION' ? 
r_symmetry_metal_ion_refined ?      ?      ? ?    'X-RAY DIFFRACTION' ? 
r_symmetry_metal_ion_other   ?      ?      ? ?    'X-RAY DIFFRACTION' ? 
r_mcbond_it                  1.180  1.500  ? 811  'X-RAY DIFFRACTION' ? 
r_mcbond_other               ?      ?      ? ?    'X-RAY DIFFRACTION' ? 
r_mcangle_it                 1.838  2.000  ? 1299 'X-RAY DIFFRACTION' ? 
r_scbond_it                  2.739  3.000  ? 428  'X-RAY DIFFRACTION' ? 
r_scangle_it                 3.923  4.500  ? 402  'X-RAY DIFFRACTION' ? 
r_rigid_bond_restr           ?      ?      ? ?    'X-RAY DIFFRACTION' ? 
r_sphericity_free            ?      ?      ? ?    'X-RAY DIFFRACTION' ? 
r_sphericity_bonded          ?      ?      ? ?    'X-RAY DIFFRACTION' ? 
# 
_refine_ls_shell.pdbx_total_number_of_bins_used   20 
_refine_ls_shell.d_res_high                       1.531 
_refine_ls_shell.d_res_low                        1.570 
_refine_ls_shell.number_reflns_R_work             1442 
_refine_ls_shell.R_factor_R_work                  0.362 
_refine_ls_shell.percent_reflns_obs               100.00 
_refine_ls_shell.R_factor_R_free                  0.374 
_refine_ls_shell.R_factor_R_free_error            ? 
_refine_ls_shell.percent_reflns_R_free            ? 
_refine_ls_shell.number_reflns_R_free             76 
_refine_ls_shell.number_reflns_all                ? 
_refine_ls_shell.R_factor_all                     ? 
_refine_ls_shell.number_reflns_obs                ? 
_refine_ls_shell.redundancy_reflns_obs            ? 
_refine_ls_shell.pdbx_refine_id                   'X-RAY DIFFRACTION' 
# 
_struct.entry_id                  3BWD 
_struct.title                     'Crystal structure of the plant Rho protein ROP5' 
_struct.pdbx_model_details        ? 
_struct.pdbx_CASP_flag            ? 
_struct.pdbx_model_type_details   ? 
# 
_struct_keywords.entry_id        3BWD 
_struct_keywords.pdbx_keywords   'PLANT PROTEIN' 
_struct_keywords.text            
'G domain, Cytoplasm, GTP-binding, Lipoprotein, Membrane, Methylation, Nucleotide-binding, Prenylation, ----, PLANT PROTEIN' 
# 
loop_
_struct_asym.id 
_struct_asym.pdbx_blank_PDB_chainid_flag 
_struct_asym.pdbx_modified 
_struct_asym.entity_id 
_struct_asym.details 
A N N 1 ? 
B N N 2 ? 
C N N 3 ? 
D N N 4 ? 
# 
_struct_biol.id        1 
_struct_biol.details   ? 
# 
loop_
_struct_conf.conf_type_id 
_struct_conf.id 
_struct_conf.pdbx_PDB_helix_id 
_struct_conf.beg_label_comp_id 
_struct_conf.beg_label_asym_id 
_struct_conf.beg_label_seq_id 
_struct_conf.pdbx_beg_PDB_ins_code 
_struct_conf.end_label_comp_id 
_struct_conf.end_label_asym_id 
_struct_conf.end_label_seq_id 
_struct_conf.pdbx_end_PDB_ins_code 
_struct_conf.beg_auth_comp_id 
_struct_conf.beg_auth_asym_id 
_struct_conf.beg_auth_seq_id 
_struct_conf.end_auth_comp_id 
_struct_conf.end_auth_asym_id 
_struct_conf.end_auth_seq_id 
_struct_conf.pdbx_PDB_helix_class 
_struct_conf.details 
_struct_conf.pdbx_PDB_helix_length 
HELX_P HELX_P1 1 GLY A 20  ? ASN A 31  ? GLY D 18  ASN D 29  1 ? 12 
HELX_P HELX_P2 2 LEU A 72  ? ARG A 78  ? LEU D 70  ARG D 76  5 ? 7  
HELX_P HELX_P3 3 SER A 91  ? LYS A 101 ? SER D 89  LYS D 99  1 ? 11 
HELX_P HELX_P4 4 LYS A 101 ? ALA A 110 ? LYS D 99  ALA D 108 1 ? 10 
HELX_P HELX_P5 5 LYS A 121 ? ASP A 126 ? LYS D 119 ASP D 124 1 ? 6  
HELX_P HELX_P6 6 ASP A 127 ? HIS A 134 ? ASP D 125 HIS D 132 1 ? 8  
HELX_P HELX_P7 7 THR A 141 ? GLY A 153 ? THR D 139 GLY D 151 1 ? 13 
HELX_P HELX_P8 8 ASN A 167 ? LEU A 180 ? ASN D 165 LEU D 178 1 ? 14 
# 
_struct_conf_type.id          HELX_P 
_struct_conf_type.criteria    ? 
_struct_conf_type.reference   ? 
# 
loop_
_struct_conn.id 
_struct_conn.conn_type_id 
_struct_conn.pdbx_leaving_atom_flag 
_struct_conn.pdbx_PDB_id 
_struct_conn.ptnr1_label_asym_id 
_struct_conn.ptnr1_label_comp_id 
_struct_conn.ptnr1_label_seq_id 
_struct_conn.ptnr1_label_atom_id 
_struct_conn.pdbx_ptnr1_label_alt_id 
_struct_conn.pdbx_ptnr1_PDB_ins_code 
_struct_conn.pdbx_ptnr1_standard_comp_id 
_struct_conn.ptnr1_symmetry 
_struct_conn.ptnr2_label_asym_id 
_struct_conn.ptnr2_label_comp_id 
_struct_conn.ptnr2_label_seq_id 
_struct_conn.ptnr2_label_atom_id 
_struct_conn.pdbx_ptnr2_label_alt_id 
_struct_conn.pdbx_ptnr2_PDB_ins_code 
_struct_conn.ptnr1_auth_asym_id 
_struct_conn.ptnr1_auth_comp_id 
_struct_conn.ptnr1_auth_seq_id 
_struct_conn.ptnr2_auth_asym_id 
_struct_conn.ptnr2_auth_comp_id 
_struct_conn.ptnr2_auth_seq_id 
_struct_conn.ptnr2_symmetry 
_struct_conn.pdbx_ptnr3_label_atom_id 
_struct_conn.pdbx_ptnr3_label_seq_id 
_struct_conn.pdbx_ptnr3_label_comp_id 
_struct_conn.pdbx_ptnr3_label_asym_id 
_struct_conn.pdbx_ptnr3_label_alt_id 
_struct_conn.pdbx_ptnr3_PDB_ins_code 
_struct_conn.details 
_struct_conn.pdbx_dist_value 
_struct_conn.pdbx_value_order 
_struct_conn.pdbx_role 
metalc1 metalc ? ? A THR 22 OG1 ? ? ? 1_555 B MG  . MG  ? ? D THR 20  D MG  181 1_555 ? ? ? ? ? ? ? 2.079 ? ? 
metalc2 metalc ? ? B MG  .  MG  ? ? ? 1_555 C GDP . O2B ? ? D MG  181 D GDP 200 1_555 ? ? ? ? ? ? ? 2.049 ? ? 
metalc3 metalc ? ? B MG  .  MG  ? ? ? 1_555 D HOH . O   ? ? D MG  181 D HOH 209 1_555 ? ? ? ? ? ? ? 2.244 ? ? 
metalc4 metalc ? ? B MG  .  MG  ? ? ? 1_555 D HOH . O   ? ? D MG  181 D HOH 210 1_555 ? ? ? ? ? ? ? 2.080 ? ? 
metalc5 metalc ? ? B MG  .  MG  ? ? ? 1_555 D HOH . O   ? ? D MG  181 D HOH 224 1_555 ? ? ? ? ? ? ? 2.016 ? ? 
metalc6 metalc ? ? B MG  .  MG  ? ? ? 1_555 D HOH . O   ? ? D MG  181 D HOH 225 1_555 ? ? ? ? ? ? ? 2.160 ? ? 
# 
_struct_conn_type.id          metalc 
_struct_conn_type.criteria    ? 
_struct_conn_type.reference   ? 
# 
_struct_sheet.id               A 
_struct_sheet.type             ? 
_struct_sheet.number_strands   5 
_struct_sheet.details          ? 
# 
loop_
_struct_sheet_order.sheet_id 
_struct_sheet_order.range_id_1 
_struct_sheet_order.range_id_2 
_struct_sheet_order.offset 
_struct_sheet_order.sense 
A 1 2 ? parallel 
A 2 3 ? parallel 
A 3 4 ? parallel 
A 4 5 ? parallel 
# 
loop_
_struct_sheet_range.sheet_id 
_struct_sheet_range.id 
_struct_sheet_range.beg_label_comp_id 
_struct_sheet_range.beg_label_asym_id 
_struct_sheet_range.beg_label_seq_id 
_struct_sheet_range.pdbx_beg_PDB_ins_code 
_struct_sheet_range.end_label_comp_id 
_struct_sheet_range.end_label_asym_id 
_struct_sheet_range.end_label_seq_id 
_struct_sheet_range.pdbx_end_PDB_ins_code 
_struct_sheet_range.beg_auth_comp_id 
_struct_sheet_range.beg_auth_asym_id 
_struct_sheet_range.beg_auth_seq_id 
_struct_sheet_range.end_auth_comp_id 
_struct_sheet_range.end_auth_asym_id 
_struct_sheet_range.end_auth_seq_id 
A 1 GLY A 59  ? TRP A 61  ? GLY D 57  TRP D 59  
A 2 LYS A 10  ? VAL A 14  ? LYS D 8   VAL D 12  
A 3 VAL A 82  ? SER A 88  ? VAL D 80  SER D 86  
A 4 ILE A 115 ? THR A 120 ? ILE D 113 THR D 118 
A 5 ALA A 156 ? GLU A 159 ? ALA D 154 GLU D 157 
# 
loop_
_pdbx_struct_sheet_hbond.sheet_id 
_pdbx_struct_sheet_hbond.range_id_1 
_pdbx_struct_sheet_hbond.range_id_2 
_pdbx_struct_sheet_hbond.range_1_label_atom_id 
_pdbx_struct_sheet_hbond.range_1_label_comp_id 
_pdbx_struct_sheet_hbond.range_1_label_asym_id 
_pdbx_struct_sheet_hbond.range_1_label_seq_id 
_pdbx_struct_sheet_hbond.range_1_PDB_ins_code 
_pdbx_struct_sheet_hbond.range_1_auth_atom_id 
_pdbx_struct_sheet_hbond.range_1_auth_comp_id 
_pdbx_struct_sheet_hbond.range_1_auth_asym_id 
_pdbx_struct_sheet_hbond.range_1_auth_seq_id 
_pdbx_struct_sheet_hbond.range_2_label_atom_id 
_pdbx_struct_sheet_hbond.range_2_label_comp_id 
_pdbx_struct_sheet_hbond.range_2_label_asym_id 
_pdbx_struct_sheet_hbond.range_2_label_seq_id 
_pdbx_struct_sheet_hbond.range_2_PDB_ins_code 
_pdbx_struct_sheet_hbond.range_2_auth_atom_id 
_pdbx_struct_sheet_hbond.range_2_auth_comp_id 
_pdbx_struct_sheet_hbond.range_2_auth_asym_id 
_pdbx_struct_sheet_hbond.range_2_auth_seq_id 
A 1 2 O TRP A 61  ? O TRP D 59  N CYS A 11  ? N CYS D 9   
A 2 3 N VAL A 14  ? N VAL D 12  O ALA A 86  ? O ALA D 84  
A 3 4 N PHE A 87  ? N PHE D 85  O THR A 120 ? O THR D 118 
A 4 5 N LEU A 117 ? N LEU D 115 O ALA A 156 ? O ALA D 154 
# 
loop_
_struct_site.id 
_struct_site.pdbx_evidence_code 
_struct_site.pdbx_auth_asym_id 
_struct_site.pdbx_auth_comp_id 
_struct_site.pdbx_auth_seq_id 
_struct_site.pdbx_auth_ins_code 
_struct_site.pdbx_num_residues 
_struct_site.details 
AC1 Software D MG  181 ? 5  'BINDING SITE FOR RESIDUE MG D 181'  
AC2 Software D GDP 200 ? 16 'BINDING SITE FOR RESIDUE GDP D 200' 
# 
loop_
_struct_site_gen.id 
_struct_site_gen.site_id 
_struct_site_gen.pdbx_num_res 
_struct_site_gen.label_comp_id 
_struct_site_gen.label_asym_id 
_struct_site_gen.label_seq_id 
_struct_site_gen.pdbx_auth_ins_code 
_struct_site_gen.auth_comp_id 
_struct_site_gen.auth_asym_id 
_struct_site_gen.auth_seq_id 
_struct_site_gen.label_atom_id 
_struct_site_gen.label_alt_id 
_struct_site_gen.symmetry 
_struct_site_gen.details 
1  AC1 5  THR A 22  ? THR D 20  . ? 1_555 ? 
2  AC1 5  HOH D .   ? HOH D 209 . ? 1_555 ? 
3  AC1 5  HOH D .   ? HOH D 210 . ? 1_555 ? 
4  AC1 5  HOH D .   ? HOH D 224 . ? 1_555 ? 
5  AC1 5  HOH D .   ? HOH D 225 . ? 1_555 ? 
6  AC2 16 ALA A 18  ? ALA D 16  . ? 1_555 ? 
7  AC2 16 GLY A 20  ? GLY D 18  . ? 1_555 ? 
8  AC2 16 LYS A 21  ? LYS D 19  . ? 1_555 ? 
9  AC2 16 THR A 22  ? THR D 20  . ? 1_555 ? 
10 AC2 16 CYS A 23  ? CYS D 21  . ? 1_555 ? 
11 AC2 16 PHE A 33  ? PHE D 31  . ? 1_555 ? 
12 AC2 16 LYS A 121 ? LYS D 119 . ? 1_555 ? 
13 AC2 16 ASP A 123 ? ASP D 121 . ? 1_555 ? 
14 AC2 16 LEU A 124 ? LEU D 122 . ? 1_555 ? 
15 AC2 16 SER A 161 ? SER D 159 . ? 1_555 ? 
16 AC2 16 SER A 162 ? SER D 160 . ? 1_555 ? 
17 AC2 16 LYS A 163 ? LYS D 161 . ? 1_555 ? 
18 AC2 16 HOH D .   ? HOH D 208 . ? 1_555 ? 
19 AC2 16 HOH D .   ? HOH D 210 . ? 1_555 ? 
20 AC2 16 HOH D .   ? HOH D 224 . ? 1_555 ? 
21 AC2 16 HOH D .   ? HOH D 235 . ? 1_555 ? 
# 
_atom_sites.entry_id                    3BWD 
_atom_sites.fract_transf_matrix[1][1]   -0.00786296 
_atom_sites.fract_transf_matrix[1][2]   -0.01885918 
_atom_sites.fract_transf_matrix[1][3]   -0.01934018 
_atom_sites.fract_transf_matrix[2][1]   0.01704097 
_atom_sites.fract_transf_matrix[2][2]   -0.01582246 
_atom_sites.fract_transf_matrix[2][3]   0.00850076 
_atom_sites.fract_transf_matrix[3][1]   -0.01280013 
_atom_sites.fract_transf_matrix[3][2]   -0.00921619 
_atom_sites.fract_transf_matrix[3][3]   0.00850558 
_atom_sites.fract_transf_vector[1]      0.296224 
_atom_sites.fract_transf_vector[2]      0.061078 
_atom_sites.fract_transf_vector[3]      0.166131 
# 
loop_
_atom_type.symbol 
C  
MG 
N  
O  
P  
S  
# 
loop_
_atom_site.group_PDB 
_atom_site.id 
_atom_site.type_symbol 
_atom_site.label_atom_id 
_atom_site.label_alt_id 
_atom_site.label_comp_id 
_atom_site.label_asym_id 
_atom_site.label_entity_id 
_atom_site.label_seq_id 
_atom_site.pdbx_PDB_ins_code 
_atom_site.Cartn_x 
_atom_site.Cartn_y 
_atom_site.Cartn_z 
_atom_site.occupancy 
_atom_site.B_iso_or_equiv 
_atom_site.pdbx_formal_charge 
_atom_site.auth_seq_id 
_atom_site.auth_comp_id 
_atom_site.auth_asym_id 
_atom_site.auth_atom_id 
_atom_site.pdbx_PDB_model_num 
ATOM   1    N  N     . ARG A 1 7   ? 18.367  6.012   -11.237 1.00 27.54 ? 5   ARG D N     1 
ATOM   2    C  CA    . ARG A 1 7   ? 17.390  5.828   -12.258 1.00 25.69 ? 5   ARG D CA    1 
ATOM   3    C  C     . ARG A 1 7   ? 16.664  4.495   -12.048 1.00 24.32 ? 5   ARG D C     1 
ATOM   4    O  O     . ARG A 1 7   ? 15.746  4.219   -12.741 1.00 23.71 ? 5   ARG D O     1 
ATOM   5    C  CB    . ARG A 1 7   ? 17.930  5.957   -13.638 1.00 26.43 ? 5   ARG D CB    1 
ATOM   6    N  N     . PHE A 1 8   ? 17.059  3.766   -10.982 1.00 20.00 ? 6   PHE D N     1 
ATOM   7    C  CA    . PHE A 1 8   ? 16.245  2.654   -10.508 1.00 20.00 ? 6   PHE D CA    1 
ATOM   8    C  C     . PHE A 1 8   ? 15.737  2.908   -9.092  1.00 20.00 ? 6   PHE D C     1 
ATOM   9    O  O     . PHE A 1 8   ? 16.303  3.423   -8.313  1.00 21.73 ? 6   PHE D O     1 
ATOM   10   C  CB    . PHE A 1 8   ? 17.034  1.355   -10.565 1.00 20.00 ? 6   PHE D CB    1 
ATOM   11   N  N     . ILE A 1 9   ? 14.579  2.232   -8.892  1.00 21.03 ? 7   ILE D N     1 
ATOM   12   C  CA    . ILE A 1 9   ? 13.726  2.433   -7.785  1.00 18.96 ? 7   ILE D CA    1 
ATOM   13   C  C     . ILE A 1 9   ? 13.163  1.059   -7.424  1.00 17.03 ? 7   ILE D C     1 
ATOM   14   O  O     . ILE A 1 9   ? 12.404  0.510   -8.153  1.00 19.76 ? 7   ILE D O     1 
ATOM   15   C  CB    . ILE A 1 9   ? 12.552  3.371   -8.124  1.00 18.63 ? 7   ILE D CB    1 
ATOM   16   C  CG1   . ILE A 1 9   ? 13.054  4.785   -8.317  1.00 21.99 ? 7   ILE D CG1   1 
ATOM   17   C  CG2   . ILE A 1 9   ? 11.607  3.528   -6.933  1.00 21.11 ? 7   ILE D CG2   1 
ATOM   18   C  CD1   . ILE A 1 9   ? 12.003  5.657   -8.801  1.00 22.71 ? 7   ILE D CD1   1 
ATOM   19   N  N     . LYS A 1 10  ? 13.575  0.499   -6.330  1.00 15.89 ? 8   LYS D N     1 
ATOM   20   C  CA    . LYS A 1 10  ? 13.010  -0.719  -5.799  1.00 15.01 ? 8   LYS D CA    1 
ATOM   21   C  C     . LYS A 1 10  ? 11.887  -0.308  -4.812  1.00 14.28 ? 8   LYS D C     1 
ATOM   22   O  O     . LYS A 1 10  ? 12.084  0.354   -3.851  1.00 12.63 ? 8   LYS D O     1 
ATOM   23   C  CB    . LYS A 1 10  ? 14.048  -1.649  -5.151  1.00 14.67 ? 8   LYS D CB    1 
ATOM   24   C  CG    . LYS A 1 10  ? 13.517  -2.758  -4.292  1.00 16.03 ? 8   LYS D CG    1 
ATOM   25   C  CD    . LYS A 1 10  ? 14.618  -3.661  -3.661  1.00 18.44 ? 8   LYS D CD    1 
ATOM   26   C  CE    . LYS A 1 10  ? 14.173  -5.052  -3.483  1.00 23.08 ? 8   LYS D CE    1 
ATOM   27   N  NZ    . LYS A 1 10  ? 14.336  -5.738  -2.191  1.00 28.80 ? 8   LYS D NZ    1 
ATOM   28   N  N     A CYS A 1 11  ? 10.705  -0.769  -5.127  0.60 13.53 ? 9   CYS D N     1 
ATOM   29   N  N     B CYS A 1 11  ? 10.695  -0.748  -5.143  0.40 13.53 ? 9   CYS D N     1 
ATOM   30   C  CA    A CYS A 1 11  ? 9.576   -0.548  -4.323  0.60 13.41 ? 9   CYS D CA    1 
ATOM   31   C  CA    B CYS A 1 11  ? 9.549   -0.533  -4.342  0.40 13.41 ? 9   CYS D CA    1 
ATOM   32   C  C     A CYS A 1 11  ? 9.041   -1.873  -3.748  0.60 13.39 ? 9   CYS D C     1 
ATOM   33   C  C     B CYS A 1 11  ? 9.054   -1.871  -3.746  0.40 13.39 ? 9   CYS D C     1 
ATOM   34   O  O     A CYS A 1 11  ? 8.848   -2.800  -4.445  0.60 12.72 ? 9   CYS D O     1 
ATOM   35   O  O     B CYS A 1 11  ? 8.858   -2.801  -4.439  0.40 12.72 ? 9   CYS D O     1 
ATOM   36   C  CB    A CYS A 1 11  ? 8.546   0.140   -5.189  0.60 13.10 ? 9   CYS D CB    1 
ATOM   37   C  CB    B CYS A 1 11  ? 8.404   -0.022  -5.205  0.40 13.10 ? 9   CYS D CB    1 
ATOM   38   S  SG    A CYS A 1 11  ? 6.941   0.522   -4.374  0.60 14.43 ? 9   CYS D SG    1 
ATOM   39   S  SG    B CYS A 1 11  ? 8.411   1.353   -6.359  0.40 14.43 ? 9   CYS D SG    1 
ATOM   40   N  N     . VAL A 1 12  ? 8.836   -1.900  -2.457  1.00 11.62 ? 10  VAL D N     1 
ATOM   41   C  CA    . VAL A 1 12  ? 8.349   -3.117  -1.785  1.00 11.87 ? 10  VAL D CA    1 
ATOM   42   C  C     . VAL A 1 12  ? 6.987   -2.823  -1.171  1.00 11.03 ? 10  VAL D C     1 
ATOM   43   O  O     . VAL A 1 12  ? 6.843   -1.868  -0.406  1.00 10.27 ? 10  VAL D O     1 
ATOM   44   C  CB    . VAL A 1 12  ? 9.346   -3.526  -0.719  1.00 14.18 ? 10  VAL D CB    1 
ATOM   45   C  CG1   . VAL A 1 12  ? 8.957   -4.828  -0.076  1.00 13.24 ? 10  VAL D CG1   1 
ATOM   46   C  CG2   . VAL A 1 12  ? 10.698  -3.623  -1.381  1.00 14.96 ? 10  VAL D CG2   1 
ATOM   47   N  N     . THR A 1 13  ? 6.016   -3.667  -1.507  1.00 10.87 ? 11  THR D N     1 
ATOM   48   C  CA    . THR A 1 13  ? 4.654   -3.521  -1.008  1.00 12.27 ? 11  THR D CA    1 
ATOM   49   C  C     . THR A 1 13  ? 4.439   -4.420  0.210   1.00 11.57 ? 11  THR D C     1 
ATOM   50   O  O     . THR A 1 13  ? 4.651   -5.658  0.137   1.00 12.48 ? 11  THR D O     1 
ATOM   51   C  CB    . THR A 1 13  ? 3.654   -3.877  -2.121  1.00 14.82 ? 11  THR D CB    1 
ATOM   52   O  OG1   . THR A 1 13  ? 3.926   -3.052  -3.276  1.00 17.08 ? 11  THR D OG1   1 
ATOM   53   C  CG2   . THR A 1 13  ? 2.258   -3.626  -1.661  1.00 15.35 ? 11  THR D CG2   1 
ATOM   54   N  N     . VAL A 1 14  ? 4.009   -3.808  1.299   1.00 10.59 ? 12  VAL D N     1 
ATOM   55   C  CA    . VAL A 1 14  ? 3.748   -4.505  2.556   1.00 11.54 ? 12  VAL D CA    1 
ATOM   56   C  C     . VAL A 1 14  ? 2.350   -4.217  3.180   1.00 11.77 ? 12  VAL D C     1 
ATOM   57   O  O     . VAL A 1 14  ? 1.698   -3.329  2.799   1.00 11.10 ? 12  VAL D O     1 
ATOM   58   C  CB    . VAL A 1 14  ? 4.846   -4.207  3.596   1.00 11.07 ? 12  VAL D CB    1 
ATOM   59   C  CG1   . VAL A 1 14  ? 6.228   -4.530  3.049   1.00 14.18 ? 12  VAL D CG1   1 
ATOM   60   C  CG2   . VAL A 1 14  ? 4.841   -2.828  4.036   1.00 14.11 ? 12  VAL D CG2   1 
ATOM   61   N  N     . GLY A 1 15  ? 1.926   -5.068  4.106   1.00 20.00 ? 13  GLY D N     1 
ATOM   62   C  CA    . GLY A 1 15  ? 0.634   -4.911  4.712   1.00 20.00 ? 13  GLY D CA    1 
ATOM   63   C  C     . GLY A 1 15  ? -0.088  -6.231  5.001   1.00 20.00 ? 13  GLY D C     1 
ATOM   64   O  O     . GLY A 1 15  ? 0.331   -7.189  4.585   1.00 14.97 ? 13  GLY D O     1 
ATOM   65   N  N     . ASP A 1 16  ? -1.166  -6.181  5.737   1.00 15.86 ? 14  ASP D N     1 
ATOM   66   C  CA    . ASP A 1 16  ? -1.838  -7.381  6.231   1.00 17.17 ? 14  ASP D CA    1 
ATOM   67   C  C     . ASP A 1 16  ? -2.339  -8.288  5.072   1.00 17.51 ? 14  ASP D C     1 
ATOM   68   O  O     . ASP A 1 16  ? -2.475  -7.887  3.927   1.00 16.58 ? 14  ASP D O     1 
ATOM   69   C  CB    . ASP A 1 16  ? -3.075  -6.996  7.045   1.00 18.32 ? 14  ASP D CB    1 
ATOM   70   C  CG    . ASP A 1 16  ? -2.741  -6.491  8.458   1.00 21.54 ? 14  ASP D CG    1 
ATOM   71   O  OD1   . ASP A 1 16  ? -1.631  -6.647  8.865   1.00 23.45 ? 14  ASP D OD1   1 
ATOM   72   O  OD2   . ASP A 1 16  ? -3.615  -5.960  9.144   1.00 23.61 ? 14  ASP D OD2   1 
ATOM   73   N  N     . GLY A 1 17  ? -2.662  -9.504  5.439   1.00 16.32 ? 15  GLY D N     1 
ATOM   74   C  CA    . GLY A 1 17  ? -3.255  -10.409 4.511   1.00 16.26 ? 15  GLY D CA    1 
ATOM   75   C  C     . GLY A 1 17  ? -4.553  -9.892  3.979   1.00 16.50 ? 15  GLY D C     1 
ATOM   76   O  O     . GLY A 1 17  ? -5.291  -9.332  4.645   1.00 16.67 ? 15  GLY D O     1 
ATOM   77   N  N     . ALA A 1 18  ? -4.715  -10.051 2.687   1.00 16.98 ? 16  ALA D N     1 
ATOM   78   C  CA    . ALA A 1 18  ? -5.942  -9.808  2.004   1.00 17.72 ? 16  ALA D CA    1 
ATOM   79   C  C     . ALA A 1 18  ? -6.262  -8.361  1.819   1.00 17.04 ? 16  ALA D C     1 
ATOM   80   O  O     . ALA A 1 18  ? -7.344  -8.021  1.522   1.00 16.53 ? 16  ALA D O     1 
ATOM   81   C  CB    . ALA A 1 18  ? -7.094  -10.564 2.642   1.00 17.55 ? 16  ALA D CB    1 
ATOM   82   N  N     . VAL A 1 19  ? -5.276  -7.485  2.010   1.00 15.70 ? 17  VAL D N     1 
ATOM   83   C  CA    . VAL A 1 19  ? -5.583  -6.071  1.879   1.00 14.18 ? 17  VAL D CA    1 
ATOM   84   C  C     . VAL A 1 19  ? -5.649  -5.649  0.413   1.00 13.63 ? 17  VAL D C     1 
ATOM   85   O  O     . VAL A 1 19  ? -6.259  -4.684  0.110   1.00 14.17 ? 17  VAL D O     1 
ATOM   86   C  CB    . VAL A 1 19  ? -4.714  -5.106  2.689   1.00 12.68 ? 17  VAL D CB    1 
ATOM   87   C  CG1   . VAL A 1 19  ? -4.892  -5.325  4.234   1.00 12.66 ? 17  VAL D CG1   1 
ATOM   88   C  CG2   . VAL A 1 19  ? -3.351  -5.133  2.278   1.00 14.79 ? 17  VAL D CG2   1 
ATOM   89   N  N     . GLY A 1 20  ? -5.048  -6.432  -0.439  1.00 15.18 ? 18  GLY D N     1 
ATOM   90   C  CA    . GLY A 1 20  ? -5.014  -6.139  -1.850  1.00 11.49 ? 18  GLY D CA    1 
ATOM   91   C  C     . GLY A 1 20  ? -3.669  -5.795  -2.486  1.00 10.79 ? 18  GLY D C     1 
ATOM   92   O  O     . GLY A 1 20  ? -3.625  -5.134  -3.413  1.00 9.72  ? 18  GLY D O     1 
ATOM   93   N  N     . LYS A 1 21  ? -2.595  -6.269  -1.874  1.00 9.75  ? 19  LYS D N     1 
ATOM   94   C  CA    . LYS A 1 21  ? -1.267  -6.002  -2.343  1.00 9.26  ? 19  LYS D CA    1 
ATOM   95   C  C     . LYS A 1 21  ? -0.966  -6.623  -3.747  1.00 8.55  ? 19  LYS D C     1 
ATOM   96   O  O     . LYS A 1 21  ? -0.437  -5.978  -4.545  1.00 8.98  ? 19  LYS D O     1 
ATOM   97   C  CB    . LYS A 1 21  ? -0.189  -6.489  -1.356  1.00 10.28 ? 19  LYS D CB    1 
ATOM   98   C  CG    . LYS A 1 21  ? -0.281  -5.945  0.045   1.00 11.09 ? 19  LYS D CG    1 
ATOM   99   C  CD    . LYS A 1 21  ? 0.799   -6.538  0.945   1.00 12.98 ? 19  LYS D CD    1 
ATOM   100  C  CE    . LYS A 1 21  ? 0.637   -8.013  1.285   1.00 14.40 ? 19  LYS D CE    1 
ATOM   101  N  NZ    . LYS A 1 21  ? -0.641  -8.369  1.766   1.00 14.78 ? 19  LYS D NZ    1 
ATOM   102  N  N     . THR A 1 22  ? -1.258  -7.911  -3.946  1.00 8.62  ? 20  THR D N     1 
ATOM   103  C  CA    . THR A 1 22  ? -0.967  -8.571  -5.205  1.00 8.42  ? 20  THR D CA    1 
ATOM   104  C  C     . THR A 1 22  ? -1.878  -7.962  -6.304  1.00 8.42  ? 20  THR D C     1 
ATOM   105  O  O     . THR A 1 22  ? -1.387  -7.646  -7.409  1.00 8.21  ? 20  THR D O     1 
ATOM   106  C  CB    . THR A 1 22  ? -1.174  -10.048 -5.080  1.00 10.09 ? 20  THR D CB    1 
ATOM   107  O  OG1   . THR A 1 22  ? -0.254  -10.533 -4.087  1.00 8.26  ? 20  THR D OG1   1 
ATOM   108  C  CG2   . THR A 1 22  ? -0.900  -10.719 -6.423  1.00 9.07  ? 20  THR D CG2   1 
ATOM   109  N  N     . CYS A 1 23  ? -3.146  -7.745  -5.971  1.00 8.63  ? 21  CYS D N     1 
ATOM   110  C  CA    . CYS A 1 23  ? -4.047  -7.068  -6.937  1.00 8.77  ? 21  CYS D CA    1 
ATOM   111  C  C     . CYS A 1 23  ? -3.584  -5.669  -7.288  1.00 8.60  ? 21  CYS D C     1 
ATOM   112  O  O     . CYS A 1 23  ? -3.706  -5.233  -8.440  1.00 7.58  ? 21  CYS D O     1 
ATOM   113  C  CB    . CYS A 1 23  ? -5.492  -7.037  -6.370  1.00 9.71  ? 21  CYS D CB    1 
ATOM   114  S  SG    . CYS A 1 23  ? -6.244  -8.720  -6.582  1.00 15.49 ? 21  CYS D SG    1 
ATOM   115  N  N     . LEU A 1 24  ? -3.057  -4.919  -6.314  1.00 7.32  ? 22  LEU D N     1 
ATOM   116  C  CA    . LEU A 1 24  ? -2.509  -3.629  -6.647  1.00 7.75  ? 22  LEU D CA    1 
ATOM   117  C  C     . LEU A 1 24  ? -1.397  -3.719  -7.719  1.00 7.32  ? 22  LEU D C     1 
ATOM   118  O  O     . LEU A 1 24  ? -1.371  -2.967  -8.675  1.00 7.89  ? 22  LEU D O     1 
ATOM   119  C  CB    . LEU A 1 24  ? -1.977  -2.929  -5.391  1.00 8.25  ? 22  LEU D CB    1 
ATOM   120  C  CG    . LEU A 1 24  ? -1.402  -1.542  -5.482  1.00 11.05 ? 22  LEU D CG    1 
ATOM   121  C  CD1   . LEU A 1 24  ? -2.288  -0.581  -6.280  1.00 14.78 ? 22  LEU D CD1   1 
ATOM   122  C  CD2   . LEU A 1 24  ? -0.984  -1.000  -4.062  1.00 11.42 ? 22  LEU D CD2   1 
ATOM   123  N  N     . LEU A 1 25  ? -0.469  -4.640  -7.544  1.00 8.64  ? 23  LEU D N     1 
ATOM   124  C  CA    . LEU A 1 25  ? 0.610   -4.777  -8.523  1.00 6.49  ? 23  LEU D CA    1 
ATOM   125  C  C     . LEU A 1 25  ? 0.137   -5.271  -9.875  1.00 7.60  ? 23  LEU D C     1 
ATOM   126  O  O     . LEU A 1 25  ? 0.623   -4.787  -10.901 1.00 8.31  ? 23  LEU D O     1 
ATOM   127  C  CB    . LEU A 1 25  ? 1.723   -5.692  -7.950  1.00 7.95  ? 23  LEU D CB    1 
ATOM   128  C  CG    . LEU A 1 25  ? 2.339   -5.119  -6.664  1.00 8.77  ? 23  LEU D CG    1 
ATOM   129  C  CD1   . LEU A 1 25  ? 3.213   -6.145  -5.981  1.00 15.23 ? 23  LEU D CD1   1 
ATOM   130  C  CD2   . LEU A 1 25  ? 3.128   -3.869  -6.927  1.00 15.18 ? 23  LEU D CD2   1 
ATOM   131  N  N     . ILE A 1 26  ? -0.832  -6.169  -9.874  1.00 8.28  ? 24  ILE D N     1 
ATOM   132  C  CA    . ILE A 1 26  ? -1.411  -6.646  -11.136 1.00 7.55  ? 24  ILE D CA    1 
ATOM   133  C  C     . ILE A 1 26  ? -2.131  -5.500  -11.829 1.00 8.56  ? 24  ILE D C     1 
ATOM   134  O  O     . ILE A 1 26  ? -1.970  -5.336  -13.021 1.00 9.40  ? 24  ILE D O     1 
ATOM   135  C  CB    . ILE A 1 26  ? -2.348  -7.789  -10.902 1.00 6.31  ? 24  ILE D CB    1 
ATOM   136  C  CG1   . ILE A 1 26  ? -1.534  -9.015  -10.428 1.00 6.91  ? 24  ILE D CG1   1 
ATOM   137  C  CG2   . ILE A 1 26  ? -3.081  -8.128  -12.198 1.00 6.96  ? 24  ILE D CG2   1 
ATOM   138  C  CD1   . ILE A 1 26  ? -2.412  -10.173 -9.967  1.00 12.12 ? 24  ILE D CD1   1 
ATOM   139  N  N     A SER A 1 27  ? -2.906  -4.712  -11.100 0.50 8.98  ? 25  SER D N     1 
ATOM   140  N  N     B SER A 1 27  ? -2.918  -4.684  -11.118 0.50 8.98  ? 25  SER D N     1 
ATOM   141  C  CA    A SER A 1 27  ? -3.612  -3.607  -11.690 0.50 10.24 ? 25  SER D CA    1 
ATOM   142  C  CA    B SER A 1 27  ? -3.573  -3.542  -11.765 0.50 10.24 ? 25  SER D CA    1 
ATOM   143  C  C     A SER A 1 27  ? -2.655  -2.605  -12.336 0.50 10.41 ? 25  SER D C     1 
ATOM   144  C  C     B SER A 1 27  ? -2.622  -2.607  -12.379 0.50 10.41 ? 25  SER D C     1 
ATOM   145  O  O     A SER A 1 27  ? -2.836  -2.213  -13.417 0.50 11.30 ? 25  SER D O     1 
ATOM   146  O  O     B SER A 1 27  ? -2.816  -2.200  -13.438 0.50 11.30 ? 25  SER D O     1 
ATOM   147  C  CB    A SER A 1 27  ? -4.543  -2.923  -10.637 0.50 12.05 ? 25  SER D CB    1 
ATOM   148  C  CB    B SER A 1 27  ? -4.392  -2.652  -10.818 0.50 12.05 ? 25  SER D CB    1 
ATOM   149  O  OG    A SER A 1 27  ? -4.962  -1.701  -11.116 0.50 18.21 ? 25  SER D OG    1 
ATOM   150  O  OG    B SER A 1 27  ? -5.108  -3.447  -10.090 0.50 18.21 ? 25  SER D OG    1 
ATOM   151  N  N     . TYR A 1 28  ? -1.619  -2.226  -11.621 1.00 9.20  ? 26  TYR D N     1 
ATOM   152  C  CA    . TYR A 1 28  ? -0.695  -1.239  -12.166 1.00 11.12 ? 26  TYR D CA    1 
ATOM   153  C  C     . TYR A 1 28  ? 0.032   -1.753  -13.383 1.00 12.30 ? 26  TYR D C     1 
ATOM   154  O  O     . TYR A 1 28  ? 0.180   -1.047  -14.402 1.00 13.39 ? 26  TYR D O     1 
ATOM   155  C  CB    . TYR A 1 28  ? 0.330   -0.863  -11.087 1.00 12.91 ? 26  TYR D CB    1 
ATOM   156  C  CG    . TYR A 1 28  ? 1.292   0.173   -11.518 1.00 14.76 ? 26  TYR D CG    1 
ATOM   157  C  CD1   . TYR A 1 28  ? 0.828   1.432   -11.965 1.00 17.25 ? 26  TYR D CD1   1 
ATOM   158  C  CD2   . TYR A 1 28  ? 2.676   -0.078  -11.483 1.00 17.79 ? 26  TYR D CD2   1 
ATOM   159  C  CE1   . TYR A 1 28  ? 1.724   2.413   -12.363 1.00 18.41 ? 26  TYR D CE1   1 
ATOM   160  C  CE2   . TYR A 1 28  ? 3.589   0.902   -11.913 1.00 18.35 ? 26  TYR D CE2   1 
ATOM   161  C  CZ    . TYR A 1 28  ? 3.097   2.130   -12.340 1.00 18.59 ? 26  TYR D CZ    1 
ATOM   162  O  OH    . TYR A 1 28  ? 3.995   3.091   -12.730 1.00 22.55 ? 26  TYR D OH    1 
ATOM   163  N  N     . THR A 1 29  ? 0.548   -2.961  -13.257 1.00 11.17 ? 27  THR D N     1 
ATOM   164  C  CA    . THR A 1 29  ? 1.393   -3.510  -14.312 1.00 13.55 ? 27  THR D CA    1 
ATOM   165  C  C     . THR A 1 29  ? 0.606   -4.076  -15.511 1.00 14.59 ? 27  THR D C     1 
ATOM   166  O  O     . THR A 1 29  ? 1.096   -4.022  -16.637 1.00 16.09 ? 27  THR D O     1 
ATOM   167  C  CB    . THR A 1 29  ? 2.345   -4.603  -13.786 1.00 13.13 ? 27  THR D CB    1 
ATOM   168  O  OG1   . THR A 1 29  ? 1.575   -5.680  -13.252 1.00 16.09 ? 27  THR D OG1   1 
ATOM   169  C  CG2   . THR A 1 29  ? 3.277   -4.073  -12.647 1.00 16.02 ? 27  THR D CG2   1 
ATOM   170  N  N     A SER A 1 30  ? -0.601  -4.540  -15.301 0.50 12.91 ? 28  SER D N     1 
ATOM   171  N  N     B SER A 1 30  ? -0.596  -4.544  -15.310 0.50 13.37 ? 28  SER D N     1 
ATOM   172  C  CA    A SER A 1 30  ? -1.346  -5.265  -16.332 0.50 13.51 ? 28  SER D CA    1 
ATOM   173  C  CA    B SER A 1 30  ? -1.317  -5.180  -16.403 0.50 14.44 ? 28  SER D CA    1 
ATOM   174  C  C     A SER A 1 30  ? -2.686  -4.612  -16.685 0.50 12.74 ? 28  SER D C     1 
ATOM   175  C  C     B SER A 1 30  ? -2.688  -4.596  -16.698 0.50 13.20 ? 28  SER D C     1 
ATOM   176  O  O     A SER A 1 30  ? -3.303  -5.016  -17.598 0.50 12.24 ? 28  SER D O     1 
ATOM   177  O  O     B SER A 1 30  ? -3.316  -5.021  -17.593 0.50 13.26 ? 28  SER D O     1 
ATOM   178  C  CB    A SER A 1 30  ? -1.616  -6.707  -15.901 0.50 13.73 ? 28  SER D CB    1 
ATOM   179  C  CB    B SER A 1 30  ? -1.457  -6.655  -16.196 0.50 14.35 ? 28  SER D CB    1 
ATOM   180  O  OG    A SER A 1 30  ? -0.349  -7.369  -15.675 0.50 13.11 ? 28  SER D OG    1 
ATOM   181  O  OG    B SER A 1 30  ? -2.369  -6.892  -15.244 0.50 16.92 ? 28  SER D OG    1 
ATOM   182  N  N     . ASN A 1 31  ? -3.146  -3.664  -15.865 1.00 12.36 ? 29  ASN D N     1 
ATOM   183  C  CA    . ASN A 1 31  ? -4.410  -2.989  -16.113 1.00 12.63 ? 29  ASN D CA    1 
ATOM   184  C  C     . ASN A 1 31  ? -5.571  -3.970  -16.123 1.00 12.94 ? 29  ASN D C     1 
ATOM   185  O  O     . ASN A 1 31  ? -6.445  -3.915  -16.954 1.00 12.59 ? 29  ASN D O     1 
ATOM   186  C  CB    . ASN A 1 31  ? -4.333  -2.199  -17.440 1.00 13.49 ? 29  ASN D CB    1 
ATOM   187  C  CG    . ASN A 1 31  ? -5.590  -1.451  -17.773 1.00 18.38 ? 29  ASN D CG    1 
ATOM   188  O  OD1   . ASN A 1 31  ? -6.209  -0.862  -16.919 1.00 22.91 ? 29  ASN D OD1   1 
ATOM   189  N  ND2   . ASN A 1 31  ? -5.925  -1.382  -19.080 1.00 22.06 ? 29  ASN D ND2   1 
ATOM   190  N  N     . THR A 1 32  ? -5.550  -4.874  -15.147 1.00 10.68 ? 30  THR D N     1 
ATOM   191  C  CA    . THR A 1 32  ? -6.647  -5.804  -15.050 1.00 13.15 ? 30  THR D CA    1 
ATOM   192  C  C     . THR A 1 32  ? -6.834  -6.201  -13.593 1.00 13.03 ? 30  THR D C     1 
ATOM   193  O  O     . THR A 1 32  ? -5.982  -5.904  -12.755 1.00 12.81 ? 30  THR D O     1 
ATOM   194  C  CB    . THR A 1 32  ? -6.473  -7.059  -16.012 1.00 14.04 ? 30  THR D CB    1 
ATOM   195  O  OG1   . THR A 1 32  ? -7.702  -7.814  -16.048 1.00 17.39 ? 30  THR D OG1   1 
ATOM   196  C  CG2   . THR A 1 32  ? -5.360  -7.926  -15.530 1.00 14.99 ? 30  THR D CG2   1 
ATOM   197  N  N     . PHE A 1 33  ? -7.975  -6.832  -13.303 1.00 13.89 ? 31  PHE D N     1 
ATOM   198  C  CA    . PHE A 1 33  ? -8.294  -7.286  -11.952 1.00 13.93 ? 31  PHE D CA    1 
ATOM   199  C  C     . PHE A 1 33  ? -8.726  -8.732  -12.107 1.00 14.96 ? 31  PHE D C     1 
ATOM   200  O  O     . PHE A 1 33  ? -9.668  -8.981  -12.860 1.00 16.63 ? 31  PHE D O     1 
ATOM   201  C  CB    . PHE A 1 33  ? -9.424  -6.421  -11.369 1.00 13.75 ? 31  PHE D CB    1 
ATOM   202  C  CG    . PHE A 1 33  ? -9.864  -6.820  -9.958  1.00 13.18 ? 31  PHE D CG    1 
ATOM   203  C  CD1   . PHE A 1 33  ? -9.139  -6.382  -8.847  1.00 12.67 ? 31  PHE D CD1   1 
ATOM   204  C  CD2   . PHE A 1 33  ? -11.020 -7.581  -9.763  1.00 17.02 ? 31  PHE D CD2   1 
ATOM   205  C  CE1   . PHE A 1 33  ? -9.548  -6.753  -7.544  1.00 16.97 ? 31  PHE D CE1   1 
ATOM   206  C  CE2   . PHE A 1 33  ? -11.442 -7.942  -8.470  1.00 17.19 ? 31  PHE D CE2   1 
ATOM   207  C  CZ    . PHE A 1 33  ? -10.698 -7.510  -7.370  1.00 14.36 ? 31  PHE D CZ    1 
ATOM   208  N  N     . PRO A 1 34  ? -8.100  -9.672  -11.360 1.00 15.31 ? 32  PRO D N     1 
ATOM   209  C  CA    . PRO A 1 34  ? -8.473  -11.094 -11.516 1.00 17.14 ? 32  PRO D CA    1 
ATOM   210  C  C     . PRO A 1 34  ? -9.861  -11.377 -10.961 1.00 18.73 ? 32  PRO D C     1 
ATOM   211  O  O     . PRO A 1 34  ? -10.197 -10.864 -9.900  1.00 20.98 ? 32  PRO D O     1 
ATOM   212  C  CB    . PRO A 1 34  ? -7.394  -11.858 -10.726 1.00 17.21 ? 32  PRO D CB    1 
ATOM   213  C  CG    . PRO A 1 34  ? -6.426  -10.833 -10.194 1.00 15.78 ? 32  PRO D CG    1 
ATOM   214  C  CD    . PRO A 1 34  ? -7.023  -9.457  -10.365 1.00 15.78 ? 32  PRO D CD    1 
ATOM   215  N  N     . PHE A 1 45  ? 6.481   -7.845  -12.506 1.00 24.69 ? 43  PHE D N     1 
ATOM   216  C  CA    . PHE A 1 45  ? 6.157   -6.658  -11.725 1.00 23.08 ? 43  PHE D CA    1 
ATOM   217  C  C     . PHE A 1 45  ? 7.305   -5.688  -11.845 1.00 24.03 ? 43  PHE D C     1 
ATOM   218  O  O     . PHE A 1 45  ? 8.254   -5.694  -11.041 1.00 23.63 ? 43  PHE D O     1 
ATOM   219  C  CB    . PHE A 1 45  ? 5.903   -6.958  -10.234 1.00 22.78 ? 43  PHE D CB    1 
ATOM   220  C  CG    . PHE A 1 45  ? 4.664   -7.763  -9.953  1.00 18.80 ? 43  PHE D CG    1 
ATOM   221  C  CD1   . PHE A 1 45  ? 3.568   -7.753  -10.824 1.00 19.56 ? 43  PHE D CD1   1 
ATOM   222  C  CD2   . PHE A 1 45  ? 4.580   -8.535  -8.795  1.00 17.48 ? 43  PHE D CD2   1 
ATOM   223  C  CE1   . PHE A 1 45  ? 2.419   -8.514  -10.549 1.00 20.02 ? 43  PHE D CE1   1 
ATOM   224  C  CE2   . PHE A 1 45  ? 3.424   -9.294  -8.518  1.00 20.17 ? 43  PHE D CE2   1 
ATOM   225  C  CZ    . PHE A 1 45  ? 2.349   -9.288  -9.412  1.00 18.87 ? 43  PHE D CZ    1 
ATOM   226  N  N     . SER A 1 46  ? 7.201   -4.886  -12.883 1.00 25.33 ? 44  SER D N     1 
ATOM   227  C  CA    . SER A 1 46  ? 8.201   -3.900  -13.242 1.00 26.47 ? 44  SER D CA    1 
ATOM   228  C  C     . SER A 1 46  ? 7.486   -2.911  -14.132 1.00 26.60 ? 44  SER D C     1 
ATOM   229  O  O     . SER A 1 46  ? 6.419   -3.201  -14.654 1.00 27.32 ? 44  SER D O     1 
ATOM   230  C  CB    . SER A 1 46  ? 9.396   -4.562  -13.958 1.00 26.33 ? 44  SER D CB    1 
ATOM   231  O  OG    . SER A 1 46  ? 9.117   -4.767  -15.328 1.00 28.99 ? 44  SER D OG    1 
ATOM   232  N  N     . ALA A 1 47  ? 8.045   -1.712  -14.234 1.00 27.34 ? 45  ALA D N     1 
ATOM   233  C  CA    . ALA A 1 47  ? 7.518   -0.641  -15.058 1.00 28.40 ? 45  ALA D CA    1 
ATOM   234  C  C     . ALA A 1 47  ? 8.706   0.220   -15.431 1.00 29.12 ? 45  ALA D C     1 
ATOM   235  O  O     . ALA A 1 47  ? 9.786   0.172   -14.801 1.00 29.53 ? 45  ALA D O     1 
ATOM   236  C  CB    . ALA A 1 47  ? 6.469   0.192   -14.308 1.00 28.34 ? 45  ALA D CB    1 
ATOM   237  N  N     . ASN A 1 48  ? 8.514   0.982   -16.483 1.00 31.20 ? 46  ASN D N     1 
ATOM   238  C  CA    . ASN A 1 48  ? 9.512   1.895   -16.964 1.00 32.77 ? 46  ASN D CA    1 
ATOM   239  C  C     . ASN A 1 48  ? 8.749   3.168   -17.207 1.00 33.16 ? 46  ASN D C     1 
ATOM   240  O  O     . ASN A 1 48  ? 7.727   3.157   -17.888 1.00 34.02 ? 46  ASN D O     1 
ATOM   241  C  CB    . ASN A 1 48  ? 10.135  1.345   -18.258 1.00 32.61 ? 46  ASN D CB    1 
ATOM   242  C  CG    . ASN A 1 48  ? 11.460  1.988   -18.589 1.00 34.33 ? 46  ASN D CG    1 
ATOM   243  O  OD1   . ASN A 1 48  ? 11.503  3.105   -19.078 1.00 34.84 ? 46  ASN D OD1   1 
ATOM   244  N  ND2   . ASN A 1 48  ? 12.560  1.280   -18.316 1.00 33.87 ? 46  ASN D ND2   1 
ATOM   245  N  N     . VAL A 1 49  ? 9.194   4.253   -16.584 1.00 34.18 ? 47  VAL D N     1 
ATOM   246  C  CA    . VAL A 1 49  ? 8.632   5.570   -16.842 1.00 34.20 ? 47  VAL D CA    1 
ATOM   247  C  C     . VAL A 1 49  ? 9.717   6.596   -17.166 1.00 34.49 ? 47  VAL D C     1 
ATOM   248  O  O     . VAL A 1 49  ? 10.915  6.395   -16.886 1.00 32.69 ? 47  VAL D O     1 
ATOM   249  C  CB    . VAL A 1 49  ? 7.733   6.044   -15.647 1.00 35.50 ? 47  VAL D CB    1 
ATOM   250  N  N     . VAL A 1 50  ? 9.297   7.693   -17.788 1.00 34.22 ? 48  VAL D N     1 
ATOM   251  C  CA    . VAL A 1 50  ? 10.217  8.779   -18.108 1.00 34.50 ? 48  VAL D CA    1 
ATOM   252  C  C     . VAL A 1 50  ? 9.626   10.111  -17.682 1.00 34.60 ? 48  VAL D C     1 
ATOM   253  O  O     . VAL A 1 50  ? 9.541   11.022  -18.495 1.00 34.27 ? 48  VAL D O     1 
ATOM   254  C  CB    . VAL A 1 50  ? 10.583  8.792   -19.610 1.00 34.53 ? 48  VAL D CB    1 
ATOM   255  N  N     . LEU A 1 58  ? 11.495  0.948   -12.425 1.00 23.67 ? 56  LEU D N     1 
ATOM   256  C  CA    . LEU A 1 58  ? 10.761  0.605   -11.200 1.00 23.96 ? 56  LEU D CA    1 
ATOM   257  C  C     . LEU A 1 58  ? 10.568  -0.888  -11.033 1.00 22.56 ? 56  LEU D C     1 
ATOM   258  O  O     . LEU A 1 58  ? 9.903   -1.469  -11.793 1.00 24.04 ? 56  LEU D O     1 
ATOM   259  C  CB    . LEU A 1 58  ? 9.391   1.322   -11.140 1.00 24.05 ? 56  LEU D CB    1 
ATOM   260  C  CG    . LEU A 1 58  ? 8.625   1.230   -9.830  1.00 29.83 ? 56  LEU D CG    1 
ATOM   261  C  CD1   . LEU A 1 58  ? 9.292   1.807   -8.605  1.00 32.08 ? 56  LEU D CD1   1 
ATOM   262  C  CD2   . LEU A 1 58  ? 7.193   1.669   -9.911  1.00 29.85 ? 56  LEU D CD2   1 
ATOM   263  N  N     . GLY A 1 59  ? 11.220  -1.456  -10.048 1.00 20.53 ? 57  GLY D N     1 
ATOM   264  C  CA    . GLY A 1 59  ? 11.064  -2.831  -9.708  1.00 19.78 ? 57  GLY D CA    1 
ATOM   265  C  C     . GLY A 1 59  ? 10.067  -2.899  -8.582  1.00 18.54 ? 57  GLY D C     1 
ATOM   266  O  O     . GLY A 1 59  ? 10.195  -2.214  -7.642  1.00 18.37 ? 57  GLY D O     1 
ATOM   267  N  N     . LEU A 1 60  ? 9.067   -3.742  -8.738  1.00 17.60 ? 58  LEU D N     1 
ATOM   268  C  CA    . LEU A 1 60  ? 8.032   -3.902  -7.730  1.00 16.07 ? 58  LEU D CA    1 
ATOM   269  C  C     . LEU A 1 60  ? 8.070   -5.266  -7.058  1.00 17.53 ? 58  LEU D C     1 
ATOM   270  O  O     . LEU A 1 60  ? 7.974   -6.275  -7.679  1.00 17.45 ? 58  LEU D O     1 
ATOM   271  C  CB    . LEU A 1 60  ? 6.662   -3.671  -8.350  1.00 17.34 ? 58  LEU D CB    1 
ATOM   272  C  CG    . LEU A 1 60  ? 6.555   -2.404  -9.177  1.00 17.06 ? 58  LEU D CG    1 
ATOM   273  C  CD1   . LEU A 1 60  ? 5.436   -2.537  -10.095 1.00 18.65 ? 58  LEU D CD1   1 
ATOM   274  C  CD2   . LEU A 1 60  ? 6.346   -1.257  -8.302  1.00 18.56 ? 58  LEU D CD2   1 
ATOM   275  N  N     . TRP A 1 61  ? 8.208   -5.267  -5.780  1.00 16.59 ? 59  TRP D N     1 
ATOM   276  C  CA    . TRP A 1 61  ? 8.296   -6.496  -5.013  1.00 17.18 ? 59  TRP D CA    1 
ATOM   277  C  C     . TRP A 1 61  ? 7.016   -6.706  -4.190  1.00 17.17 ? 59  TRP D C     1 
ATOM   278  O  O     . TRP A 1 61  ? 6.526   -5.775  -3.500  1.00 16.15 ? 59  TRP D O     1 
ATOM   279  C  CB    . TRP A 1 61  ? 9.536   -6.454  -4.092  1.00 19.16 ? 59  TRP D CB    1 
ATOM   280  C  CG    . TRP A 1 61  ? 10.903  -6.844  -4.639  1.00 21.15 ? 59  TRP D CG    1 
ATOM   281  C  CD1   . TRP A 1 61  ? 11.635  -7.951  -4.259  1.00 24.66 ? 59  TRP D CD1   1 
ATOM   282  C  CD2   . TRP A 1 61  ? 11.729  -6.141  -5.589  1.00 22.58 ? 59  TRP D CD2   1 
ATOM   283  N  NE1   . TRP A 1 61  ? 12.837  -7.987  -4.921  1.00 27.98 ? 59  TRP D NE1   1 
ATOM   284  C  CE2   . TRP A 1 61  ? 12.915  -6.909  -5.764  1.00 24.94 ? 59  TRP D CE2   1 
ATOM   285  C  CE3   . TRP A 1 61  ? 11.574  -4.976  -6.335  1.00 23.21 ? 59  TRP D CE3   1 
ATOM   286  C  CZ2   . TRP A 1 61  ? 13.966  -6.514  -6.626  1.00 25.38 ? 59  TRP D CZ2   1 
ATOM   287  C  CZ3   . TRP A 1 61  ? 12.624  -4.584  -7.200  1.00 25.68 ? 59  TRP D CZ3   1 
ATOM   288  C  CH2   . TRP A 1 61  ? 13.804  -5.351  -7.329  1.00 24.71 ? 59  TRP D CH2   1 
ATOM   289  N  N     . ASP A 1 62  ? 6.466   -7.921  -4.260  1.00 16.53 ? 60  ASP D N     1 
ATOM   290  C  CA    . ASP A 1 62  ? 5.293   -8.319  -3.493  1.00 17.56 ? 60  ASP D CA    1 
ATOM   291  C  C     . ASP A 1 62  ? 5.812   -9.050  -2.203  1.00 18.32 ? 60  ASP D C     1 
ATOM   292  O  O     . ASP A 1 62  ? 6.964   -9.546  -2.167  1.00 19.67 ? 60  ASP D O     1 
ATOM   293  C  CB    . ASP A 1 62  ? 4.421   -9.246  -4.371  1.00 18.17 ? 60  ASP D CB    1 
ATOM   294  C  CG    . ASP A 1 62  ? 2.958   -9.297  -3.943  1.00 18.35 ? 60  ASP D CG    1 
ATOM   295  O  OD1   . ASP A 1 62  ? 2.586   -8.701  -2.919  1.00 18.53 ? 60  ASP D OD1   1 
ATOM   296  O  OD2   . ASP A 1 62  ? 2.171   -9.985  -4.638  1.00 19.29 ? 60  ASP D OD2   1 
ATOM   297  N  N     . THR A 1 63  ? 5.019   -9.012  -1.149  1.00 19.55 ? 61  THR D N     1 
ATOM   298  C  CA    . THR A 1 63  ? 5.361   -9.703  0.090   1.00 20.34 ? 61  THR D CA    1 
ATOM   299  C  C     . THR A 1 63  ? 4.215   -10.501 0.671   1.00 20.01 ? 61  THR D C     1 
ATOM   300  O  O     . THR A 1 63  ? 3.118   -10.302 0.330   1.00 18.94 ? 61  THR D O     1 
ATOM   301  C  CB    . THR A 1 63  ? 5.941   -8.757  1.195   1.00 20.09 ? 61  THR D CB    1 
ATOM   302  O  OG1   . THR A 1 63  ? 4.924   -7.885  1.655   1.00 23.96 ? 61  THR D OG1   1 
ATOM   303  C  CG2   . THR A 1 63  ? 7.113   -7.975  0.685   1.00 23.19 ? 61  THR D CG2   1 
ATOM   304  N  N     . ALA A 1 64  ? 4.501   -11.427 1.588   1.00 18.56 ? 62  ALA D N     1 
ATOM   305  C  CA    . ALA A 1 64  ? 3.398   -12.061 2.293   1.00 18.71 ? 62  ALA D CA    1 
ATOM   306  C  C     . ALA A 1 64  ? 3.263   -11.457 3.687   1.00 18.32 ? 62  ALA D C     1 
ATOM   307  O  O     . ALA A 1 64  ? 4.166   -11.477 4.394   1.00 20.06 ? 62  ALA D O     1 
ATOM   308  C  CB    . ALA A 1 64  ? 3.661   -13.515 2.401   1.00 20.18 ? 62  ALA D CB    1 
ATOM   309  N  N     . GLY A 1 65  ? 2.115   -10.961 4.069   1.00 18.40 ? 63  GLY D N     1 
ATOM   310  C  CA    . GLY A 1 65  ? 1.996   -10.185 5.277   1.00 19.38 ? 63  GLY D CA    1 
ATOM   311  C  C     . GLY A 1 65  ? 1.543   -10.881 6.561   1.00 20.25 ? 63  GLY D C     1 
ATOM   312  O  O     . GLY A 1 65  ? 1.468   -10.333 7.576   1.00 21.50 ? 63  GLY D O     1 
ATOM   313  N  N     . GLU A 1 67  ? 1.528   -13.622 9.857   1.00 21.77 ? 65  GLU D N     1 
ATOM   314  C  CA    . GLU A 1 67  ? 2.466   -13.762 10.934  1.00 22.32 ? 65  GLU D CA    1 
ATOM   315  C  C     . GLU A 1 67  ? 3.428   -14.928 10.665  1.00 21.78 ? 65  GLU D C     1 
ATOM   316  O  O     . GLU A 1 67  ? 4.526   -14.853 11.024  1.00 21.49 ? 65  GLU D O     1 
ATOM   317  C  CB    . GLU A 1 67  ? 1.777   -13.815 12.269  1.00 23.53 ? 65  GLU D CB    1 
ATOM   318  N  N     . ASP A 1 68  ? 2.988   -15.950 9.943   1.00 21.46 ? 66  ASP D N     1 
ATOM   319  C  CA    . ASP A 1 68  ? 3.867   -17.047 9.530   1.00 20.79 ? 66  ASP D CA    1 
ATOM   320  C  C     . ASP A 1 68  ? 5.128   -16.599 8.848   1.00 20.98 ? 66  ASP D C     1 
ATOM   321  O  O     . ASP A 1 68  ? 6.102   -17.308 8.829   1.00 21.66 ? 66  ASP D O     1 
ATOM   322  C  CB    . ASP A 1 68  ? 3.164   -18.034 8.667   1.00 21.66 ? 66  ASP D CB    1 
ATOM   323  N  N     . TYR A 1 69  ? 5.060   -15.466 8.196   1.00 20.00 ? 67  TYR D N     1 
ATOM   324  C  CA    . TYR A 1 69  ? 6.208   -14.938 7.483   1.00 20.00 ? 67  TYR D CA    1 
ATOM   325  C  C     . TYR A 1 69  ? 7.051   -13.927 8.250   1.00 20.00 ? 67  TYR D C     1 
ATOM   326  O  O     . TYR A 1 69  ? 7.895   -13.366 7.704   1.00 19.86 ? 67  TYR D O     1 
ATOM   327  C  CB    . TYR A 1 69  ? 5.825   -14.333 6.150   1.00 20.00 ? 67  TYR D CB    1 
ATOM   328  C  CG    . TYR A 1 69  ? 5.909   -15.306 5.051   1.00 20.00 ? 67  TYR D CG    1 
ATOM   329  C  CD1   . TYR A 1 69  ? 4.916   -16.154 4.876   1.00 20.00 ? 67  TYR D CD1   1 
ATOM   330  C  CD2   . TYR A 1 69  ? 6.986   -15.346 4.209   1.00 20.00 ? 67  TYR D CD2   1 
ATOM   331  C  CE1   . TYR A 1 69  ? 4.893   -17.022 3.922   1.00 20.00 ? 67  TYR D CE1   1 
ATOM   332  C  CE2   . TYR A 1 69  ? 6.998   -16.213 3.172   1.00 20.00 ? 67  TYR D CE2   1 
ATOM   333  C  CZ    . TYR A 1 69  ? 5.924   -17.095 3.061   1.00 20.00 ? 67  TYR D CZ    1 
ATOM   334  O  OH    . TYR A 1 69  ? 5.813   -18.033 2.068   1.00 20.00 ? 67  TYR D OH    1 
ATOM   335  N  N     . ASN A 1 70  ? 6.768   -13.720 9.522   1.00 18.07 ? 68  ASN D N     1 
ATOM   336  C  CA    . ASN A 1 70  ? 7.442   -12.687 10.244  1.00 19.04 ? 68  ASN D CA    1 
ATOM   337  C  C     . ASN A 1 70  ? 8.951   -12.697 10.020  1.00 18.48 ? 68  ASN D C     1 
ATOM   338  O  O     . ASN A 1 70  ? 9.537   -11.694 10.013  1.00 20.30 ? 68  ASN D O     1 
ATOM   339  C  CB    . ASN A 1 70  ? 7.127   -12.648 11.716  1.00 18.42 ? 68  ASN D CB    1 
ATOM   340  C  CG    . ASN A 1 70  ? 5.770   -12.123 11.998  1.00 21.48 ? 68  ASN D CG    1 
ATOM   341  O  OD1   . ASN A 1 70  ? 5.141   -11.524 11.157  1.00 20.87 ? 68  ASN D OD1   1 
ATOM   342  N  ND2   . ASN A 1 70  ? 5.291   -12.396 13.200  1.00 20.85 ? 68  ASN D ND2   1 
ATOM   343  N  N     . ARG A 1 71  ? 9.556   -13.853 9.845   1.00 19.31 ? 69  ARG D N     1 
ATOM   344  C  CA    . ARG A 1 71  ? 11.014  -13.889 9.808   1.00 17.99 ? 69  ARG D CA    1 
ATOM   345  C  C     . ARG A 1 71  ? 11.483  -13.806 8.377   1.00 17.80 ? 69  ARG D C     1 
ATOM   346  O  O     . ARG A 1 71  ? 12.425  -13.170 8.126   1.00 18.83 ? 69  ARG D O     1 
ATOM   347  C  CB    . ARG A 1 71  ? 11.585  -15.154 10.502  1.00 17.49 ? 69  ARG D CB    1 
ATOM   348  C  CG    . ARG A 1 71  ? 13.113  -15.183 10.447  1.00 17.32 ? 69  ARG D CG    1 
ATOM   349  C  CD    . ARG A 1 71  ? 13.783  -16.469 10.931  1.00 19.73 ? 69  ARG D CD    1 
ATOM   350  N  NE    . ARG A 1 71  ? 13.500  -17.599 10.092  1.00 20.17 ? 69  ARG D NE    1 
ATOM   351  C  CZ    . ARG A 1 71  ? 14.059  -17.801 8.937   1.00 17.89 ? 69  ARG D CZ    1 
ATOM   352  N  NH1   . ARG A 1 71  ? 14.943  -16.949 8.463   1.00 19.27 ? 69  ARG D NH1   1 
ATOM   353  N  NH2   . ARG A 1 71  ? 13.707  -18.827 8.239   1.00 19.70 ? 69  ARG D NH2   1 
ATOM   354  N  N     . LEU A 1 72  ? 10.747  -14.393 7.442   1.00 16.74 ? 70  LEU D N     1 
ATOM   355  C  CA    . LEU A 1 72  ? 11.159  -14.430 6.056   1.00 16.17 ? 70  LEU D CA    1 
ATOM   356  C  C     . LEU A 1 72  ? 10.798  -13.154 5.300   1.00 15.36 ? 70  LEU D C     1 
ATOM   357  O  O     . LEU A 1 72  ? 11.577  -12.665 4.502   1.00 13.51 ? 70  LEU D O     1 
ATOM   358  C  CB    . LEU A 1 72  ? 10.530  -15.640 5.347   1.00 17.79 ? 70  LEU D CB    1 
ATOM   359  C  CG    . LEU A 1 72  ? 10.966  -17.053 5.750   1.00 20.66 ? 70  LEU D CG    1 
ATOM   360  C  CD1   . LEU A 1 72  ? 10.065  -18.085 5.088   1.00 24.04 ? 70  LEU D CD1   1 
ATOM   361  C  CD2   . LEU A 1 72  ? 12.403  -17.288 5.349   1.00 24.50 ? 70  LEU D CD2   1 
ATOM   362  N  N     . ARG A 1 73  ? 9.642   -12.574 5.612   1.00 15.93 ? 71  ARG D N     1 
ATOM   363  C  CA    . ARG A 1 73  ? 9.231   -11.377 4.808   1.00 15.18 ? 71  ARG D CA    1 
ATOM   364  C  C     . ARG A 1 73  ? 10.299  -10.275 4.788   1.00 17.09 ? 71  ARG D C     1 
ATOM   365  O  O     . ARG A 1 73  ? 10.669  -9.778  3.727   1.00 15.86 ? 71  ARG D O     1 
ATOM   366  C  CB    . ARG A 1 73  ? 7.878   -10.857 5.294   1.00 17.24 ? 71  ARG D CB    1 
ATOM   367  C  CG    . ARG A 1 73  ? 7.553   -9.426  4.868   1.00 14.00 ? 71  ARG D CG    1 
ATOM   368  C  CD    . ARG A 1 73  ? 6.214   -9.057  5.387   1.00 17.06 ? 71  ARG D CD    1 
ATOM   369  N  NE    . ARG A 1 73  ? 6.195   -8.941  6.837   1.00 15.54 ? 71  ARG D NE    1 
ATOM   370  C  CZ    . ARG A 1 73  ? 5.597   -9.809  7.667   1.00 16.38 ? 71  ARG D CZ    1 
ATOM   371  N  NH1   . ARG A 1 73  ? 4.968   -10.896 7.210   1.00 18.31 ? 71  ARG D NH1   1 
ATOM   372  N  NH2   . ARG A 1 73  ? 5.633   -9.591  8.965   1.00 16.93 ? 71  ARG D NH2   1 
ATOM   373  N  N     . PRO A 1 74  ? 10.858  -9.923  5.970   1.00 16.89 ? 72  PRO D N     1 
ATOM   374  C  CA    . PRO A 1 74  ? 11.829  -8.840  5.997   1.00 18.61 ? 72  PRO D CA    1 
ATOM   375  C  C     . PRO A 1 74  ? 13.029  -9.038  5.111   1.00 18.54 ? 72  PRO D C     1 
ATOM   376  O  O     . PRO A 1 74  ? 13.735  -8.111  4.827   1.00 18.11 ? 72  PRO D O     1 
ATOM   377  C  CB    . PRO A 1 74  ? 12.221  -8.752  7.470   1.00 17.74 ? 72  PRO D CB    1 
ATOM   378  C  CG    . PRO A 1 74  ? 11.017  -9.280  8.188   1.00 18.75 ? 72  PRO D CG    1 
ATOM   379  C  CD    . PRO A 1 74  ? 10.558  -10.413 7.327   1.00 18.96 ? 72  PRO D CD    1 
ATOM   380  N  N     . LEU A 1 75  ? 13.291  -10.256 4.744   1.00 21.07 ? 73  LEU D N     1 
ATOM   381  C  CA    . LEU A 1 75  ? 14.404  -10.481 3.844   1.00 22.55 ? 73  LEU D CA    1 
ATOM   382  C  C     . LEU A 1 75  ? 14.272  -9.785  2.506   1.00 23.56 ? 73  LEU D C     1 
ATOM   383  O  O     . LEU A 1 75  ? 15.247  -9.445  1.888   1.00 25.49 ? 73  LEU D O     1 
ATOM   384  C  CB    . LEU A 1 75  ? 14.706  -11.986 3.718   1.00 22.81 ? 73  LEU D CB    1 
ATOM   385  C  CG    . LEU A 1 75  ? 15.034  -12.699 5.039   1.00 24.01 ? 73  LEU D CG    1 
ATOM   386  C  CD1   . LEU A 1 75  ? 14.943  -14.164 4.918   1.00 26.71 ? 73  LEU D CD1   1 
ATOM   387  C  CD2   . LEU A 1 75  ? 16.383  -12.271 5.528   1.00 28.04 ? 73  LEU D CD2   1 
ATOM   388  N  N     . SER A 1 76  ? 13.047  -9.540  2.078   1.00 23.67 ? 74  SER D N     1 
ATOM   389  C  CA    . SER A 1 76  ? 12.758  -8.849  0.818   1.00 23.31 ? 74  SER D CA    1 
ATOM   390  C  C     . SER A 1 76  ? 13.099  -7.341  0.799   1.00 23.06 ? 74  SER D C     1 
ATOM   391  O  O     . SER A 1 76  ? 13.115  -6.707  -0.288  1.00 24.15 ? 74  SER D O     1 
ATOM   392  C  CB    . SER A 1 76  ? 11.283  -9.051  0.442   1.00 23.21 ? 74  SER D CB    1 
ATOM   393  O  OG    . SER A 1 76  ? 10.946  -10.426 0.166   1.00 25.79 ? 74  SER D OG    1 
ATOM   394  N  N     . TYR A 1 77  ? 13.378  -6.763  1.957   1.00 21.37 ? 75  TYR D N     1 
ATOM   395  C  CA    . TYR A 1 77  ? 13.486  -5.343  2.089   1.00 20.60 ? 75  TYR D CA    1 
ATOM   396  C  C     . TYR A 1 77  ? 14.818  -4.745  1.675   1.00 21.22 ? 75  TYR D C     1 
ATOM   397  O  O     . TYR A 1 77  ? 14.933  -3.580  1.466   1.00 21.59 ? 75  TYR D O     1 
ATOM   398  C  CB    . TYR A 1 77  ? 13.152  -4.886  3.493   1.00 18.97 ? 75  TYR D CB    1 
ATOM   399  C  CG    . TYR A 1 77  ? 11.840  -5.276  4.092   1.00 16.40 ? 75  TYR D CG    1 
ATOM   400  C  CD1   . TYR A 1 77  ? 10.781  -5.678  3.321   1.00 12.64 ? 75  TYR D CD1   1 
ATOM   401  C  CD2   . TYR A 1 77  ? 11.641  -5.173  5.414   1.00 14.65 ? 75  TYR D CD2   1 
ATOM   402  C  CE1   . TYR A 1 77  ? 9.629   -5.992  3.852   1.00 16.45 ? 75  TYR D CE1   1 
ATOM   403  C  CE2   . TYR A 1 77  ? 10.492  -5.486  5.948   1.00 17.23 ? 75  TYR D CE2   1 
ATOM   404  C  CZ    . TYR A 1 77  ? 9.469   -5.935  5.164   1.00 14.65 ? 75  TYR D CZ    1 
ATOM   405  O  OH    . TYR A 1 77  ? 8.295   -6.229  5.759   1.00 16.97 ? 75  TYR D OH    1 
ATOM   406  N  N     . ARG A 1 78  ? 15.831  -5.563  1.559   1.00 21.69 ? 76  ARG D N     1 
ATOM   407  C  CA    . ARG A 1 78  ? 17.158  -5.037  1.352   1.00 21.30 ? 76  ARG D CA    1 
ATOM   408  C  C     . ARG A 1 78  ? 17.328  -4.272  0.064   1.00 21.06 ? 76  ARG D C     1 
ATOM   409  O  O     . ARG A 1 78  ? 16.932  -4.720  -0.952  1.00 23.33 ? 76  ARG D O     1 
ATOM   410  C  CB    . ARG A 1 78  ? 18.223  -6.194  1.511   1.00 21.05 ? 76  ARG D CB    1 
ATOM   411  N  N     . GLY A 1 79  ? 17.885  -3.075  0.161   1.00 21.37 ? 77  GLY D N     1 
ATOM   412  C  CA    . GLY A 1 79  ? 17.981  -2.074  -0.868  1.00 18.62 ? 77  GLY D CA    1 
ATOM   413  C  C     . GLY A 1 79  ? 16.707  -1.371  -1.378  1.00 17.53 ? 77  GLY D C     1 
ATOM   414  O  O     . GLY A 1 79  ? 16.723  -0.734  -2.328  1.00 16.56 ? 77  GLY D O     1 
ATOM   415  N  N     . ALA A 1 80  ? 15.630  -1.562  -0.643  1.00 17.34 ? 78  ALA D N     1 
ATOM   416  C  CA    . ALA A 1 80  ? 14.399  -0.858  -0.957  1.00 16.29 ? 78  ALA D CA    1 
ATOM   417  C  C     . ALA A 1 80  ? 14.600  0.653   -0.930  1.00 16.39 ? 78  ALA D C     1 
ATOM   418  O  O     . ALA A 1 80  ? 15.193  1.156   -0.070  1.00 18.58 ? 78  ALA D O     1 
ATOM   419  C  CB    . ALA A 1 80  ? 13.282  -1.252  -0.019  1.00 15.99 ? 78  ALA D CB    1 
ATOM   420  N  N     . ASP A 1 81  ? 14.011  1.338   -1.889  1.00 14.72 ? 79  ASP D N     1 
ATOM   421  C  CA    . ASP A 1 81  ? 14.064  2.792   -2.039  1.00 14.83 ? 79  ASP D CA    1 
ATOM   422  C  C     . ASP A 1 81  ? 12.768  3.423   -1.481  1.00 13.75 ? 79  ASP D C     1 
ATOM   423  O  O     . ASP A 1 81  ? 12.746  4.589   -1.134  1.00 13.87 ? 79  ASP D O     1 
ATOM   424  C  CB    . ASP A 1 81  ? 14.207  3.136   -3.475  1.00 14.59 ? 79  ASP D CB    1 
ATOM   425  N  N     . VAL A 1 82  ? 11.711  2.607   -1.475  1.00 11.67 ? 80  VAL D N     1 
ATOM   426  C  CA    . VAL A 1 82  ? 10.395  3.071   -0.976  1.00 10.27 ? 80  VAL D CA    1 
ATOM   427  C  C     . VAL A 1 82  ? 9.535   1.898   -0.567  1.00 9.34  ? 80  VAL D C     1 
ATOM   428  O  O     . VAL A 1 82  ? 9.624   0.858   -1.158  1.00 10.75 ? 80  VAL D O     1 
ATOM   429  C  CB    . VAL A 1 82  ? 9.681   3.974   -2.031  1.00 10.51 ? 80  VAL D CB    1 
ATOM   430  C  CG1   . VAL A 1 82  ? 9.412   3.260   -3.357  1.00 11.03 ? 80  VAL D CG1   1 
ATOM   431  C  CG2   . VAL A 1 82  ? 8.338   4.603   -1.497  1.00 10.01 ? 80  VAL D CG2   1 
ATOM   432  N  N     . PHE A 1 83  ? 8.657   2.113   0.402   1.00 8.84  ? 81  PHE D N     1 
ATOM   433  C  CA    . PHE A 1 83  ? 7.728   1.081   0.753   1.00 8.41  ? 81  PHE D CA    1 
ATOM   434  C  C     . PHE A 1 83  ? 6.339   1.541   0.444   1.00 7.88  ? 81  PHE D C     1 
ATOM   435  O  O     . PHE A 1 83  ? 6.036   2.668   0.733   1.00 9.24  ? 81  PHE D O     1 
ATOM   436  C  CB    . PHE A 1 83  ? 7.794   0.725   2.230   1.00 7.72  ? 81  PHE D CB    1 
ATOM   437  C  CG    . PHE A 1 83  ? 9.063   0.022   2.611   1.00 10.07 ? 81  PHE D CG    1 
ATOM   438  C  CD1   . PHE A 1 83  ? 10.073  0.714   3.251   1.00 10.13 ? 81  PHE D CD1   1 
ATOM   439  C  CD2   . PHE A 1 83  ? 9.189   -1.322  2.350   1.00 11.25 ? 81  PHE D CD2   1 
ATOM   440  C  CE1   . PHE A 1 83  ? 11.252  0.041   3.617   1.00 15.07 ? 81  PHE D CE1   1 
ATOM   441  C  CE2   . PHE A 1 83  ? 10.350  -2.016  2.691   1.00 13.64 ? 81  PHE D CE2   1 
ATOM   442  C  CZ    . PHE A 1 83  ? 11.371  -1.333  3.324   1.00 15.23 ? 81  PHE D CZ    1 
ATOM   443  N  N     A ILE A 1 84  ? 5.535   0.658   -0.138  0.50 7.95  ? 82  ILE D N     1 
ATOM   444  N  N     B ILE A 1 84  ? 5.535   0.662   -0.152  0.50 7.99  ? 82  ILE D N     1 
ATOM   445  C  CA    A ILE A 1 84  ? 4.103   0.918   -0.228  0.50 10.47 ? 82  ILE D CA    1 
ATOM   446  C  CA    B ILE A 1 84  ? 4.093   0.901   -0.211  0.50 10.52 ? 82  ILE D CA    1 
ATOM   447  C  C     A ILE A 1 84  ? 3.458   0.148   0.899   0.50 10.15 ? 82  ILE D C     1 
ATOM   448  C  C     B ILE A 1 84  ? 3.509   0.142   0.944   0.50 10.13 ? 82  ILE D C     1 
ATOM   449  O  O     A ILE A 1 84  ? 3.427   -1.073  0.875   0.50 10.79 ? 82  ILE D O     1 
ATOM   450  O  O     B ILE A 1 84  ? 3.579   -1.072  0.996   0.50 10.63 ? 82  ILE D O     1 
ATOM   451  C  CB    A ILE A 1 84  ? 3.488   0.509   -1.566  0.50 10.50 ? 82  ILE D CB    1 
ATOM   452  C  CB    B ILE A 1 84  ? 3.417   0.471   -1.528  0.50 10.58 ? 82  ILE D CB    1 
ATOM   453  C  CG1   A ILE A 1 84  ? 3.903   1.502   -2.668  0.50 13.85 ? 82  ILE D CG1   1 
ATOM   454  C  CG1   B ILE A 1 84  ? 3.653   1.535   -2.608  0.50 14.33 ? 82  ILE D CG1   1 
ATOM   455  C  CG2   A ILE A 1 84  ? 1.965   0.455   -1.458  0.50 12.35 ? 82  ILE D CG2   1 
ATOM   456  C  CG2   B ILE A 1 84  ? 1.911   0.291   -1.340  0.50 12.36 ? 82  ILE D CG2   1 
ATOM   457  C  CD1   A ILE A 1 84  ? 3.404   1.095   -4.048  0.50 13.36 ? 82  ILE D CD1   1 
ATOM   458  C  CD1   B ILE A 1 84  ? 5.030   1.483   -3.164  0.50 15.44 ? 82  ILE D CD1   1 
ATOM   459  N  N     . LEU A 1 85  ? 2.941   0.882   1.880   1.00 10.25 ? 83  LEU D N     1 
ATOM   460  C  CA    . LEU A 1 85  ? 2.351   0.269   3.092   1.00 10.44 ? 83  LEU D CA    1 
ATOM   461  C  C     . LEU A 1 85  ? 0.842   0.289   2.934   1.00 9.69  ? 83  LEU D C     1 
ATOM   462  O  O     . LEU A 1 85  ? 0.225   1.335   3.016   1.00 10.41 ? 83  LEU D O     1 
ATOM   463  C  CB    . LEU A 1 85  ? 2.793   1.025   4.365   1.00 9.86  ? 83  LEU D CB    1 
ATOM   464  C  CG    . LEU A 1 85  ? 2.699   0.273   5.720   1.00 15.20 ? 83  LEU D CG    1 
ATOM   465  C  CD1   . LEU A 1 85  ? 3.021   1.200   6.902   1.00 14.37 ? 83  LEU D CD1   1 
ATOM   466  C  CD2   . LEU A 1 85  ? 1.423   -0.488  5.973   1.00 19.23 ? 83  LEU D CD2   1 
ATOM   467  N  N     . ALA A 1 86  ? 0.281   -0.862  2.595   1.00 10.23 ? 84  ALA D N     1 
ATOM   468  C  CA    . ALA A 1 86  ? -1.152  -0.924  2.257   1.00 10.18 ? 84  ALA D CA    1 
ATOM   469  C  C     . ALA A 1 86  ? -1.979  -1.350  3.489   1.00 10.59 ? 84  ALA D C     1 
ATOM   470  O  O     . ALA A 1 86  ? -1.549  -2.265  4.247   1.00 10.80 ? 84  ALA D O     1 
ATOM   471  C  CB    . ALA A 1 86  ? -1.351  -1.931  1.179   1.00 10.38 ? 84  ALA D CB    1 
ATOM   472  N  N     . PHE A 1 87  ? -3.144  -0.727  3.661   1.00 10.28 ? 85  PHE D N     1 
ATOM   473  C  CA    . PHE A 1 87  ? -4.173  -1.241  4.583   1.00 10.87 ? 85  PHE D CA    1 
ATOM   474  C  C     . PHE A 1 87  ? -5.518  -1.146  3.849   1.00 11.79 ? 85  PHE D C     1 
ATOM   475  O  O     . PHE A 1 87  ? -5.669  -0.384  2.890   1.00 11.02 ? 85  PHE D O     1 
ATOM   476  C  CB    . PHE A 1 87  ? -4.169  -0.452  5.914   1.00 12.17 ? 85  PHE D CB    1 
ATOM   477  C  CG    . PHE A 1 87  ? -4.750  0.925   5.784   1.00 12.24 ? 85  PHE D CG    1 
ATOM   478  C  CD1   . PHE A 1 87  ? -3.941  2.003   5.393   1.00 11.32 ? 85  PHE D CD1   1 
ATOM   479  C  CD2   . PHE A 1 87  ? -6.104  1.163   6.026   1.00 10.43 ? 85  PHE D CD2   1 
ATOM   480  C  CE1   . PHE A 1 87  ? -4.465  3.268   5.213   1.00 16.84 ? 85  PHE D CE1   1 
ATOM   481  C  CE2   . PHE A 1 87  ? -6.636  2.441   5.816   1.00 13.77 ? 85  PHE D CE2   1 
ATOM   482  C  CZ    . PHE A 1 87  ? -5.827  3.485   5.426   1.00 11.74 ? 85  PHE D CZ    1 
ATOM   483  N  N     . SER A 1 88  ? -6.492  -1.929  4.294   1.00 12.81 ? 86  SER D N     1 
ATOM   484  C  CA    . SER A 1 88  ? -7.778  -1.951  3.631   1.00 13.75 ? 86  SER D CA    1 
ATOM   485  C  C     . SER A 1 88  ? -8.747  -0.882  4.174   1.00 14.16 ? 86  SER D C     1 
ATOM   486  O  O     . SER A 1 88  ? -8.832  -0.721  5.377   1.00 15.70 ? 86  SER D O     1 
ATOM   487  C  CB    . SER A 1 88  ? -8.393  -3.340  3.791   1.00 15.05 ? 86  SER D CB    1 
ATOM   488  O  OG    . SER A 1 88  ? -9.733  -3.277  3.363   1.00 16.54 ? 86  SER D OG    1 
ATOM   489  N  N     . LEU A 1 89  ? -9.443  -0.150  3.298   1.00 14.17 ? 87  LEU D N     1 
ATOM   490  C  CA    . LEU A 1 89  ? -10.354 0.915   3.702   1.00 13.71 ? 87  LEU D CA    1 
ATOM   491  C  C     . LEU A 1 89  ? -11.641 0.375   4.322   1.00 16.42 ? 87  LEU D C     1 
ATOM   492  O  O     . LEU A 1 89  ? -12.474 1.178   4.746   1.00 16.75 ? 87  LEU D O     1 
ATOM   493  C  CB    . LEU A 1 89  ? -10.716 1.851   2.513   1.00 14.88 ? 87  LEU D CB    1 
ATOM   494  C  CG    . LEU A 1 89  ? -9.559  2.773   2.024   1.00 9.62  ? 87  LEU D CG    1 
ATOM   495  C  CD1   . LEU A 1 89  ? -9.838  3.458   0.692   1.00 13.66 ? 87  LEU D CD1   1 
ATOM   496  C  CD2   . LEU A 1 89  ? -9.198  3.810   3.127   1.00 11.85 ? 87  LEU D CD2   1 
ATOM   497  N  N     . ILE A 1 90  ? -11.810 -0.941  4.300   1.00 16.42 ? 88  ILE D N     1 
ATOM   498  C  CA    . ILE A 1 90  ? -13.043 -1.586  4.789   1.00 20.13 ? 88  ILE D CA    1 
ATOM   499  C  C     . ILE A 1 90  ? -12.726 -2.343  6.063   1.00 19.37 ? 88  ILE D C     1 
ATOM   500  O  O     . ILE A 1 90  ? -13.572 -3.073  6.578   1.00 20.86 ? 88  ILE D O     1 
ATOM   501  C  CB    . ILE A 1 90  ? -13.668 -2.615  3.749   1.00 18.79 ? 88  ILE D CB    1 
ATOM   502  C  CG1   . ILE A 1 90  ? -12.699 -3.797  3.510   1.00 21.03 ? 88  ILE D CG1   1 
ATOM   503  C  CG2   . ILE A 1 90  ? -14.065 -1.931  2.536   1.00 23.52 ? 88  ILE D CG2   1 
ATOM   504  C  CD1   . ILE A 1 90  ? -13.300 -5.073  3.043   1.00 22.04 ? 88  ILE D CD1   1 
ATOM   505  N  N     . SER A 1 91  ? -11.494 -2.200  6.564   1.00 19.89 ? 89  SER D N     1 
ATOM   506  C  CA    . SER A 1 91  ? -11.046 -3.002  7.690   1.00 20.00 ? 89  SER D CA    1 
ATOM   507  C  C     . SER A 1 91  ? -10.354 -2.125  8.736   1.00 20.68 ? 89  SER D C     1 
ATOM   508  O  O     . SER A 1 91  ? -9.184  -1.786  8.576   1.00 21.89 ? 89  SER D O     1 
ATOM   509  C  CB    . SER A 1 91  ? -10.119 -4.114  7.213   1.00 19.87 ? 89  SER D CB    1 
ATOM   510  O  OG    . SER A 1 91  ? -9.616  -4.897  8.280   1.00 20.92 ? 89  SER D OG    1 
ATOM   511  N  N     . LYS A 1 92  ? -11.081 -1.770  9.798   1.00 21.76 ? 90  LYS D N     1 
ATOM   512  C  CA    . LYS A 1 92  ? -10.507 -1.099  10.966  1.00 21.80 ? 90  LYS D CA    1 
ATOM   513  C  C     . LYS A 1 92  ? -9.300  -1.850  11.513  1.00 21.07 ? 90  LYS D C     1 
ATOM   514  O  O     . LYS A 1 92  ? -8.323  -1.237  11.915  1.00 22.54 ? 90  LYS D O     1 
ATOM   515  C  CB    . LYS A 1 92  ? -11.549 -0.953  12.090  1.00 23.17 ? 90  LYS D CB    1 
ATOM   516  N  N     . ALA A 1 93  ? -9.351  -3.174  11.518  1.00 20.96 ? 91  ALA D N     1 
ATOM   517  C  CA    . ALA A 1 93  ? -8.178  -3.923  12.018  1.00 20.73 ? 91  ALA D CA    1 
ATOM   518  C  C     . ALA A 1 93  ? -6.887  -3.692  11.225  1.00 21.64 ? 91  ALA D C     1 
ATOM   519  O  O     . ALA A 1 93  ? -5.817  -3.583  11.806  1.00 21.25 ? 91  ALA D O     1 
ATOM   520  C  CB    . ALA A 1 93  ? -8.458  -5.382  12.114  1.00 21.54 ? 91  ALA D CB    1 
ATOM   521  N  N     . SER A 1 94  ? -6.963  -3.655  9.897   1.00 20.03 ? 92  SER D N     1 
ATOM   522  C  CA    . SER A 1 94  ? -5.730  -3.434  9.119   1.00 20.94 ? 92  SER D CA    1 
ATOM   523  C  C     . SER A 1 94  ? -5.249  -2.003  9.396   1.00 19.85 ? 92  SER D C     1 
ATOM   524  O  O     . SER A 1 94  ? -4.060  -1.762  9.412   1.00 22.21 ? 92  SER D O     1 
ATOM   525  C  CB    . SER A 1 94  ? -5.934  -3.672  7.601   1.00 18.97 ? 92  SER D CB    1 
ATOM   526  O  OG    . SER A 1 94  ? -6.817  -2.722  7.061   1.00 22.47 ? 92  SER D OG    1 
ATOM   527  N  N     . TYR A 1 95  ? -6.177  -1.076  9.591   1.00 20.00 ? 93  TYR D N     1 
ATOM   528  C  CA    . TYR A 1 95  ? -5.871  0.318   9.920   1.00 20.00 ? 93  TYR D CA    1 
ATOM   529  C  C     . TYR A 1 95  ? -5.073  0.409   11.236  1.00 20.00 ? 93  TYR D C     1 
ATOM   530  O  O     . TYR A 1 95  ? -4.083  1.064   11.328  1.00 20.27 ? 93  TYR D O     1 
ATOM   531  C  CB    . TYR A 1 95  ? -7.147  1.150   10.023  1.00 20.00 ? 93  TYR D CB    1 
ATOM   532  C  CG    . TYR A 1 95  ? -6.931  2.614   10.372  1.00 20.00 ? 93  TYR D CG    1 
ATOM   533  C  CD1   . TYR A 1 95  ? -6.490  3.493   9.432   1.00 20.00 ? 93  TYR D CD1   1 
ATOM   534  C  CD2   . TYR A 1 95  ? -7.207  3.115   11.634  1.00 20.00 ? 93  TYR D CD2   1 
ATOM   535  C  CE1   . TYR A 1 95  ? -6.316  4.798   9.691   1.00 20.00 ? 93  TYR D CE1   1 
ATOM   536  C  CE2   . TYR A 1 95  ? -6.988  4.492   11.913  1.00 20.00 ? 93  TYR D CE2   1 
ATOM   537  C  CZ    . TYR A 1 95  ? -6.535  5.309   10.918  1.00 20.00 ? 93  TYR D CZ    1 
ATOM   538  O  OH    . TYR A 1 95  ? -6.273  6.670   11.083  1.00 20.00 ? 93  TYR D OH    1 
ATOM   539  N  N     . GLU A 1 96  ? -5.561  -0.304  12.238  1.00 20.44 ? 94  GLU D N     1 
ATOM   540  C  CA    . GLU A 1 96  ? -4.927  -0.298  13.554  1.00 20.13 ? 94  GLU D CA    1 
ATOM   541  C  C     . GLU A 1 96  ? -3.567  -0.991  13.469  1.00 19.10 ? 94  GLU D C     1 
ATOM   542  O  O     . GLU A 1 96  ? -2.623  -0.620  14.175  1.00 20.40 ? 94  GLU D O     1 
ATOM   543  C  CB    . GLU A 1 96  ? -5.854  -0.999  14.615  1.00 19.96 ? 94  GLU D CB    1 
ATOM   544  N  N     . ASN A 1 97  ? -3.439  -1.977  12.595  1.00 19.10 ? 95  ASN D N     1 
ATOM   545  C  CA    . ASN A 1 97  ? -2.179  -2.727  12.519  1.00 18.45 ? 95  ASN D CA    1 
ATOM   546  C  C     . ASN A 1 97  ? -1.006  -1.980  11.829  1.00 18.97 ? 95  ASN D C     1 
ATOM   547  O  O     . ASN A 1 97  ? 0.142   -2.425  11.877  1.00 17.73 ? 95  ASN D O     1 
ATOM   548  C  CB    . ASN A 1 97  ? -2.368  -4.095  11.878  1.00 20.31 ? 95  ASN D CB    1 
ATOM   549  C  CG    . ASN A 1 97  ? -2.118  -5.249  12.869  1.00 25.90 ? 95  ASN D CG    1 
ATOM   550  O  OD1   . ASN A 1 97  ? -1.552  -6.292  12.506  1.00 30.27 ? 95  ASN D OD1   1 
ATOM   551  N  ND2   . ASN A 1 97  ? -2.495  -5.042  14.130  1.00 26.00 ? 95  ASN D ND2   1 
ATOM   552  N  N     . VAL A 1 98  ? -1.275  -0.860  11.194  1.00 18.13 ? 96  VAL D N     1 
ATOM   553  C  CA    . VAL A 1 98  ? -0.239  -0.073  10.581  1.00 16.34 ? 96  VAL D CA    1 
ATOM   554  C  C     . VAL A 1 98  ? 0.690   0.436   11.654  1.00 17.34 ? 96  VAL D C     1 
ATOM   555  O  O     . VAL A 1 98  ? 1.850   0.281   11.544  1.00 15.82 ? 96  VAL D O     1 
ATOM   556  C  CB    . VAL A 1 98  ? -0.806  1.084   9.761   1.00 17.11 ? 96  VAL D CB    1 
ATOM   557  C  CG1   . VAL A 1 98  ? 0.279   2.078   9.402   1.00 15.56 ? 96  VAL D CG1   1 
ATOM   558  C  CG2   . VAL A 1 98  ? -1.486  0.577   8.534   1.00 16.12 ? 96  VAL D CG2   1 
ATOM   559  N  N     . SER A 1 99  ? 0.099   1.028   12.690  1.00 19.32 ? 97  SER D N     1 
ATOM   560  C  CA    . SER A 1 99  ? 0.890   1.559   13.793  1.00 19.89 ? 97  SER D CA    1 
ATOM   561  C  C     . SER A 1 99  ? 1.338   0.416   14.724  1.00 21.36 ? 97  SER D C     1 
ATOM   562  O  O     . SER A 1 99  ? 2.523   0.372   15.147  1.00 22.24 ? 97  SER D O     1 
ATOM   563  C  CB    . SER A 1 99  ? 0.096   2.638   14.520  1.00 21.09 ? 97  SER D CB    1 
ATOM   564  N  N     . LYS A 1 100 ? 0.431   -0.538  15.000  1.00 20.73 ? 98  LYS D N     1 
ATOM   565  C  CA    . LYS A 1 100 ? 0.754   -1.684  15.856  1.00 21.04 ? 98  LYS D CA    1 
ATOM   566  C  C     . LYS A 1 100 ? 1.858   -2.577  15.349  1.00 20.36 ? 98  LYS D C     1 
ATOM   567  O  O     . LYS A 1 100 ? 2.674   -2.972  16.151  1.00 22.74 ? 98  LYS D O     1 
ATOM   568  C  CB    . LYS A 1 100 ? -0.492  -2.525  16.221  1.00 21.14 ? 98  LYS D CB    1 
ATOM   569  N  N     . LYS A 1 101 ? 1.891   -2.908  14.050  1.00 20.25 ? 99  LYS D N     1 
ATOM   570  C  CA    . LYS A 1 101 ? 2.835   -3.918  13.494  1.00 18.24 ? 99  LYS D CA    1 
ATOM   571  C  C     . LYS A 1 101 ? 3.829   -3.379  12.411  1.00 17.89 ? 99  LYS D C     1 
ATOM   572  O  O     . LYS A 1 101 ? 5.056   -3.596  12.441  1.00 16.96 ? 99  LYS D O     1 
ATOM   573  C  CB    . LYS A 1 101 ? 2.018   -5.083  12.896  1.00 20.06 ? 99  LYS D CB    1 
ATOM   574  C  CG    . LYS A 1 101 ? 2.829   -6.034  12.051  1.00 19.04 ? 99  LYS D CG    1 
ATOM   575  C  CD    . LYS A 1 101 ? 1.973   -7.168  11.512  1.00 21.40 ? 99  LYS D CD    1 
ATOM   576  C  CE    . LYS A 1 101 ? 2.797   -8.211  10.770  1.00 26.77 ? 99  LYS D CE    1 
ATOM   577  N  NZ    . LYS A 1 101 ? 3.779   -8.939  11.640  1.00 30.51 ? 99  LYS D NZ    1 
ATOM   578  N  N     . TRP A 1 102 ? 3.284   -2.700  11.419  1.00 15.81 ? 100 TRP D N     1 
ATOM   579  C  CA    . TRP A 1 102 ? 4.065   -2.395  10.249  1.00 15.13 ? 100 TRP D CA    1 
ATOM   580  C  C     . TRP A 1 102 ? 5.119   -1.339  10.472  1.00 14.58 ? 100 TRP D C     1 
ATOM   581  O  O     . TRP A 1 102 ? 6.243   -1.474  10.027  1.00 13.57 ? 100 TRP D O     1 
ATOM   582  C  CB    . TRP A 1 102 ? 3.105   -2.074  9.088   1.00 14.76 ? 100 TRP D CB    1 
ATOM   583  C  CG    . TRP A 1 102 ? 2.364   -3.329  8.737   1.00 14.47 ? 100 TRP D CG    1 
ATOM   584  C  CD1   . TRP A 1 102 ? 1.035   -3.618  8.953   1.00 15.14 ? 100 TRP D CD1   1 
ATOM   585  C  CD2   . TRP A 1 102 ? 2.933   -4.495  8.176   1.00 13.82 ? 100 TRP D CD2   1 
ATOM   586  N  NE1   . TRP A 1 102 ? 0.744   -4.871  8.505   1.00 14.81 ? 100 TRP D NE1   1 
ATOM   587  C  CE2   . TRP A 1 102 ? 1.896   -5.440  8.032   1.00 11.44 ? 100 TRP D CE2   1 
ATOM   588  C  CE3   . TRP A 1 102 ? 4.217   -4.828  7.745   1.00 16.46 ? 100 TRP D CE3   1 
ATOM   589  C  CZ2   . TRP A 1 102 ? 2.120   -6.701  7.501   1.00 18.12 ? 100 TRP D CZ2   1 
ATOM   590  C  CZ3   . TRP A 1 102 ? 4.423   -6.045  7.186   1.00 17.92 ? 100 TRP D CZ3   1 
ATOM   591  C  CH2   . TRP A 1 102 ? 3.396   -6.980  7.080   1.00 15.91 ? 100 TRP D CH2   1 
ATOM   592  N  N     . ILE A 1 103 ? 4.743   -0.251  11.112  1.00 14.30 ? 101 ILE D N     1 
ATOM   593  C  CA    . ILE A 1 103 ? 5.717   0.791   11.365  1.00 14.66 ? 101 ILE D CA    1 
ATOM   594  C  C     . ILE A 1 103 ? 6.891   0.289   12.214  1.00 15.30 ? 101 ILE D C     1 
ATOM   595  O  O     . ILE A 1 103 ? 8.051   0.477   11.824  1.00 15.86 ? 101 ILE D O     1 
ATOM   596  C  CB    . ILE A 1 103 ? 5.035   2.047   11.897  1.00 15.12 ? 101 ILE D CB    1 
ATOM   597  C  CG1   . ILE A 1 103 ? 4.130   2.584   10.784  1.00 14.06 ? 101 ILE D CG1   1 
ATOM   598  C  CG2   . ILE A 1 103 ? 6.056   3.065   12.444  1.00 14.81 ? 101 ILE D CG2   1 
ATOM   599  C  CD1   . ILE A 1 103 ? 4.887   3.064   9.565   1.00 15.20 ? 101 ILE D CD1   1 
ATOM   600  N  N     . PRO A 1 104 ? 6.599   -0.377  13.358  1.00 15.44 ? 102 PRO D N     1 
ATOM   601  C  CA    . PRO A 1 104 ? 7.705   -0.969  14.116  1.00 16.31 ? 102 PRO D CA    1 
ATOM   602  C  C     . PRO A 1 104 ? 8.584   -1.943  13.309  1.00 13.78 ? 102 PRO D C     1 
ATOM   603  O  O     . PRO A 1 104 ? 9.824   -1.859  13.338  1.00 14.46 ? 102 PRO D O     1 
ATOM   604  C  CB    . PRO A 1 104 ? 6.978   -1.696  15.274  1.00 15.10 ? 102 PRO D CB    1 
ATOM   605  C  CG    . PRO A 1 104 ? 5.707   -0.996  15.477  1.00 18.46 ? 102 PRO D CG    1 
ATOM   606  C  CD    . PRO A 1 104 ? 5.305   -0.543  14.043  1.00 16.70 ? 102 PRO D CD    1 
ATOM   607  N  N     . GLU A 1 105 ? 7.990   -2.791  12.507  1.00 14.69 ? 103 GLU D N     1 
ATOM   608  C  CA    . GLU A 1 105 ? 8.757   -3.589  11.570  1.00 14.45 ? 103 GLU D CA    1 
ATOM   609  C  C     . GLU A 1 105 ? 9.640   -2.876  10.550  1.00 13.92 ? 103 GLU D C     1 
ATOM   610  O  O     . GLU A 1 105 ? 10.745  -3.162  10.408  1.00 14.47 ? 103 GLU D O     1 
ATOM   611  C  CB    . GLU A 1 105 ? 7.879   -4.634  10.867  1.00 15.06 ? 103 GLU D CB    1 
ATOM   612  C  CG    . GLU A 1 105 ? 8.636   -5.616  10.023  1.00 16.75 ? 103 GLU D CG    1 
ATOM   613  C  CD    . GLU A 1 105 ? 7.776   -6.783  9.452   1.00 17.75 ? 103 GLU D CD    1 
ATOM   614  O  OE1   . GLU A 1 105 ? 7.906   -7.034  8.271   1.00 19.93 ? 103 GLU D OE1   1 
ATOM   615  O  OE2   . GLU A 1 105 ? 7.008   -7.395  10.235  1.00 24.09 ? 103 GLU D OE2   1 
ATOM   616  N  N     . LEU A 1 106 ? 9.083   -1.958  9.804   1.00 13.67 ? 104 LEU D N     1 
ATOM   617  C  CA    . LEU A 1 106 ? 9.932   -1.210  8.866   1.00 14.80 ? 104 LEU D CA    1 
ATOM   618  C  C     . LEU A 1 106 ? 11.051  -0.366  9.497   1.00 14.38 ? 104 LEU D C     1 
ATOM   619  O  O     . LEU A 1 106 ? 12.118  -0.213  8.916   1.00 17.17 ? 104 LEU D O     1 
ATOM   620  C  CB    . LEU A 1 106 ? 9.053   -0.318  7.998   1.00 15.07 ? 104 LEU D CB    1 
ATOM   621  C  CG    . LEU A 1 106 ? 7.997   -1.088  7.211   1.00 15.65 ? 104 LEU D CG    1 
ATOM   622  C  CD1   . LEU A 1 106 ? 7.182   -0.062  6.471   1.00 14.29 ? 104 LEU D CD1   1 
ATOM   623  C  CD2   . LEU A 1 106 ? 8.631   -2.024  6.213   1.00 17.30 ? 104 LEU D CD2   1 
ATOM   624  N  N     . LYS A 1 107 ? 10.816  0.134   10.677  1.00 20.00 ? 105 LYS D N     1 
ATOM   625  C  CA    . LYS A 1 107 ? 11.783  0.954   11.397  1.00 20.00 ? 105 LYS D CA    1 
ATOM   626  C  C     . LYS A 1 107 ? 12.926  0.106   11.945  1.00 20.00 ? 105 LYS D C     1 
ATOM   627  O  O     . LYS A 1 107 ? 13.949  0.599   12.128  1.00 16.37 ? 105 LYS D O     1 
ATOM   628  C  CB    . LYS A 1 107 ? 11.098  1.716   12.522  1.00 20.00 ? 105 LYS D CB    1 
ATOM   629  N  N     . HIS A 1 108 ? 12.631  -1.153  12.181  1.00 14.73 ? 106 HIS D N     1 
ATOM   630  C  CA    . HIS A 1 108 ? 13.668  -2.084  12.597  1.00 14.92 ? 106 HIS D CA    1 
ATOM   631  C  C     . HIS A 1 108 ? 14.585  -2.487  11.426  1.00 14.99 ? 106 HIS D C     1 
ATOM   632  O  O     . HIS A 1 108 ? 15.814  -2.589  11.531  1.00 16.02 ? 106 HIS D O     1 
ATOM   633  C  CB    . HIS A 1 108 ? 12.988  -3.315  13.254  1.00 14.58 ? 106 HIS D CB    1 
ATOM   634  C  CG    . HIS A 1 108 ? 13.950  -4.380  13.687  1.00 17.97 ? 106 HIS D CG    1 
ATOM   635  N  ND1   . HIS A 1 108 ? 13.973  -5.631  13.117  1.00 21.55 ? 106 HIS D ND1   1 
ATOM   636  C  CD2   . HIS A 1 108 ? 14.952  -4.361  14.604  1.00 17.10 ? 106 HIS D CD2   1 
ATOM   637  C  CE1   . HIS A 1 108 ? 14.939  -6.348  13.668  1.00 23.70 ? 106 HIS D CE1   1 
ATOM   638  N  NE2   . HIS A 1 108 ? 15.549  -5.599  14.576  1.00 23.56 ? 106 HIS D NE2   1 
ATOM   639  N  N     . TYR A 1 109 ? 13.994  -2.731  10.266  1.00 14.03 ? 107 TYR D N     1 
ATOM   640  C  CA    . TYR A 1 109 ? 14.767  -3.280  9.168   1.00 14.19 ? 107 TYR D CA    1 
ATOM   641  C  C     . TYR A 1 109 ? 15.229  -2.256  8.181   1.00 15.60 ? 107 TYR D C     1 
ATOM   642  O  O     . TYR A 1 109 ? 16.197  -2.462  7.466   1.00 16.46 ? 107 TYR D O     1 
ATOM   643  C  CB    . TYR A 1 109 ? 13.942  -4.341  8.409   1.00 15.20 ? 107 TYR D CB    1 
ATOM   644  C  CG    . TYR A 1 109 ? 13.702  -5.585  9.210   1.00 13.57 ? 107 TYR D CG    1 
ATOM   645  C  CD1   . TYR A 1 109 ? 12.463  -5.837  9.756   1.00 14.63 ? 107 TYR D CD1   1 
ATOM   646  C  CD2   . TYR A 1 109 ? 14.714  -6.519  9.378   1.00 16.72 ? 107 TYR D CD2   1 
ATOM   647  C  CE1   . TYR A 1 109 ? 12.201  -6.985  10.487  1.00 16.87 ? 107 TYR D CE1   1 
ATOM   648  C  CE2   . TYR A 1 109 ? 14.472  -7.681  10.131  1.00 17.11 ? 107 TYR D CE2   1 
ATOM   649  C  CZ    . TYR A 1 109 ? 13.209  -7.900  10.660  1.00 18.13 ? 107 TYR D CZ    1 
ATOM   650  O  OH    . TYR A 1 109 ? 12.901  -9.020  11.404  1.00 21.41 ? 107 TYR D OH    1 
ATOM   651  N  N     . ALA A 1 110 ? 14.494  -1.151  8.105   1.00 15.32 ? 108 ALA D N     1 
ATOM   652  C  CA    . ALA A 1 110 ? 14.791  -0.157  7.088   1.00 15.53 ? 108 ALA D CA    1 
ATOM   653  C  C     . ALA A 1 110 ? 14.373  1.217   7.502   1.00 16.92 ? 108 ALA D C     1 
ATOM   654  O  O     . ALA A 1 110 ? 13.514  1.838   6.779   1.00 16.50 ? 108 ALA D O     1 
ATOM   655  C  CB    . ALA A 1 110 ? 14.124  -0.525  5.756   1.00 17.33 ? 108 ALA D CB    1 
ATOM   656  N  N     . PRO A 1 111 ? 14.929  1.736   8.615   1.00 17.20 ? 109 PRO D N     1 
ATOM   657  C  CA    . PRO A 1 111 ? 14.616  3.100   9.040   1.00 17.37 ? 109 PRO D CA    1 
ATOM   658  C  C     . PRO A 1 111 ? 14.996  4.087   7.917   1.00 17.90 ? 109 PRO D C     1 
ATOM   659  O  O     . PRO A 1 111 ? 15.955  3.875   7.148   1.00 19.87 ? 109 PRO D O     1 
ATOM   660  C  CB    . PRO A 1 111 ? 15.493  3.333   10.277  1.00 19.50 ? 109 PRO D CB    1 
ATOM   661  C  CG    . PRO A 1 111 ? 16.374  2.147   10.416  1.00 17.20 ? 109 PRO D CG    1 
ATOM   662  C  CD    . PRO A 1 111 ? 15.876  1.054   9.536   1.00 16.70 ? 109 PRO D CD    1 
ATOM   663  N  N     . GLY A 1 112 ? 14.206  5.117   7.775   1.00 18.02 ? 110 GLY D N     1 
ATOM   664  C  CA    . GLY A 1 112 ? 14.610  6.150   6.846   1.00 17.17 ? 110 GLY D CA    1 
ATOM   665  C  C     . GLY A 1 112 ? 14.174  5.962   5.406   1.00 17.61 ? 110 GLY D C     1 
ATOM   666  O  O     . GLY A 1 112 ? 14.265  6.921   4.614   1.00 19.41 ? 110 GLY D O     1 
ATOM   667  N  N     . VAL A 1 113 ? 13.706  4.768   5.026   1.00 15.35 ? 111 VAL D N     1 
ATOM   668  C  CA    . VAL A 1 113 ? 13.201  4.595   3.660   1.00 13.93 ? 111 VAL D CA    1 
ATOM   669  C  C     . VAL A 1 113 ? 11.784  5.169   3.664   1.00 13.80 ? 111 VAL D C     1 
ATOM   670  O  O     . VAL A 1 113 ? 11.017  4.871   4.576   1.00 15.36 ? 111 VAL D O     1 
ATOM   671  C  CB    . VAL A 1 113 ? 13.162  3.134   3.241   1.00 14.18 ? 111 VAL D CB    1 
ATOM   672  C  CG1   . VAL A 1 113 ? 12.518  2.987   1.923   1.00 15.08 ? 111 VAL D CG1   1 
ATOM   673  C  CG2   . VAL A 1 113 ? 14.613  2.592   3.136   1.00 14.87 ? 111 VAL D CG2   1 
ATOM   674  N  N     . PRO A 1 114 ? 11.459  6.043   2.693   1.00 13.66 ? 112 PRO D N     1 
ATOM   675  C  CA    . PRO A 1 114 ? 10.125  6.641   2.725   1.00 12.61 ? 112 PRO D CA    1 
ATOM   676  C  C     . PRO A 1 114 ? 9.007   5.639   2.520   1.00 13.79 ? 112 PRO D C     1 
ATOM   677  O  O     . PRO A 1 114 ? 9.195   4.607   1.895   1.00 12.40 ? 112 PRO D O     1 
ATOM   678  C  CB    . PRO A 1 114 ? 10.153  7.637   1.557   1.00 12.15 ? 112 PRO D CB    1 
ATOM   679  C  CG    . PRO A 1 114 ? 11.254  7.179   0.657   1.00 14.82 ? 112 PRO D CG    1 
ATOM   680  C  CD    . PRO A 1 114 ? 12.268  6.523   1.570   1.00 13.77 ? 112 PRO D CD    1 
ATOM   681  N  N     . ILE A 1 115 ? 7.820   6.026   2.999   1.00 12.34 ? 113 ILE D N     1 
ATOM   682  C  CA    . ILE A 1 115 ? 6.609   5.198   2.998   1.00 12.63 ? 113 ILE D CA    1 
ATOM   683  C  C     . ILE A 1 115 ? 5.536   5.947   2.276   1.00 12.10 ? 113 ILE D C     1 
ATOM   684  O  O     . ILE A 1 115 ? 5.283   7.135   2.546   1.00 12.83 ? 113 ILE D O     1 
ATOM   685  C  CB    . ILE A 1 115 ? 6.103   4.905   4.412   1.00 12.85 ? 113 ILE D CB    1 
ATOM   686  C  CG1   . ILE A 1 115 ? 7.098   3.956   5.106   1.00 14.73 ? 113 ILE D CG1   1 
ATOM   687  C  CG2   . ILE A 1 115 ? 4.679   4.293   4.364   1.00 13.72 ? 113 ILE D CG2   1 
ATOM   688  C  CD1   . ILE A 1 115 ? 7.086   3.934   6.632   1.00 18.51 ? 113 ILE D CD1   1 
ATOM   689  N  N     . VAL A 1 116 ? 4.932   5.264   1.332   1.00 9.42  ? 114 VAL D N     1 
ATOM   690  C  CA    . VAL A 1 116 ? 3.685   5.735   0.734   1.00 10.16 ? 114 VAL D CA    1 
ATOM   691  C  C     . VAL A 1 116 ? 2.578   4.910   1.362   1.00 9.42  ? 114 VAL D C     1 
ATOM   692  O  O     . VAL A 1 116 ? 2.533   3.686   1.155   1.00 10.06 ? 114 VAL D O     1 
ATOM   693  C  CB    . VAL A 1 116 ? 3.668   5.524   -0.802  1.00 8.74  ? 114 VAL D CB    1 
ATOM   694  C  CG1   . VAL A 1 116 ? 2.350   5.929   -1.425  1.00 13.27 ? 114 VAL D CG1   1 
ATOM   695  C  CG2   . VAL A 1 116 ? 4.834   6.332   -1.496  1.00 12.49 ? 114 VAL D CG2   1 
ATOM   696  N  N     . LEU A 1 117 ? 1.658   5.556   2.085   1.00 7.95  ? 115 LEU D N     1 
ATOM   697  C  CA    . LEU A 1 117 ? 0.563   4.868   2.721   1.00 6.88  ? 115 LEU D CA    1 
ATOM   698  C  C     . LEU A 1 117 ? -0.589  4.728   1.736   1.00 8.23  ? 115 LEU D C     1 
ATOM   699  O  O     . LEU A 1 117 ? -0.970  5.728   1.087   1.00 9.15  ? 115 LEU D O     1 
ATOM   700  C  CB    . LEU A 1 117 ? 0.114   5.679   3.936   1.00 7.60  ? 115 LEU D CB    1 
ATOM   701  C  CG    . LEU A 1 117 ? -0.962  5.012   4.805   1.00 8.17  ? 115 LEU D CG    1 
ATOM   702  C  CD1   . LEU A 1 117 ? -0.520  3.693   5.493   1.00 10.42 ? 115 LEU D CD1   1 
ATOM   703  C  CD2   . LEU A 1 117 ? -1.511  6.088   5.850   1.00 11.77 ? 115 LEU D CD2   1 
ATOM   704  N  N     . VAL A 1 118 ? -1.106  3.512   1.601   1.00 7.47  ? 116 VAL D N     1 
ATOM   705  C  CA    . VAL A 1 118 ? -2.179  3.267   0.609   1.00 7.55  ? 116 VAL D CA    1 
ATOM   706  C  C     . VAL A 1 118 ? -3.366  2.618   1.280   1.00 9.35  ? 116 VAL D C     1 
ATOM   707  O  O     . VAL A 1 118 ? -3.219  1.609   1.994   1.00 9.09  ? 116 VAL D O     1 
ATOM   708  C  CB    . VAL A 1 118 ? -1.638  2.333   -0.499  1.00 8.46  ? 116 VAL D CB    1 
ATOM   709  C  CG1   . VAL A 1 118 ? -2.758  1.935   -1.454  1.00 8.20  ? 116 VAL D CG1   1 
ATOM   710  C  CG2   . VAL A 1 118 ? -0.455  3.015   -1.200  1.00 9.69  ? 116 VAL D CG2   1 
ATOM   711  N  N     . GLY A 1 119 ? -4.531  3.205   1.097   1.00 8.03  ? 117 GLY D N     1 
ATOM   712  C  CA    . GLY A 1 119 ? -5.775  2.627   1.591   1.00 8.75  ? 117 GLY D CA    1 
ATOM   713  C  C     . GLY A 1 119 ? -6.403  1.940   0.393   1.00 10.13 ? 117 GLY D C     1 
ATOM   714  O  O     . GLY A 1 119 ? -6.721  2.620   -0.586  1.00 9.69  ? 117 GLY D O     1 
ATOM   715  N  N     . THR A 1 120 ? -6.488  0.621   0.465   1.00 9.29  ? 118 THR D N     1 
ATOM   716  C  CA    . THR A 1 120 ? -6.974  -0.176  -0.699  1.00 11.15 ? 118 THR D CA    1 
ATOM   717  C  C     . THR A 1 120 ? -8.500  -0.359  -0.626  1.00 12.13 ? 118 THR D C     1 
ATOM   718  O  O     . THR A 1 120 ? -9.132  -0.034  0.404   1.00 13.06 ? 118 THR D O     1 
ATOM   719  C  CB    . THR A 1 120 ? -6.342  -1.559  -0.697  1.00 12.63 ? 118 THR D CB    1 
ATOM   720  O  OG1   . THR A 1 120 ? -6.641  -2.250  0.518   1.00 13.13 ? 118 THR D OG1   1 
ATOM   721  C  CG2   . THR A 1 120 ? -4.797  -1.500  -0.905  1.00 10.76 ? 118 THR D CG2   1 
ATOM   722  N  N     . LYS A 1 121 ? -9.083  -0.911  -1.693  1.00 11.10 ? 119 LYS D N     1 
ATOM   723  C  CA    . LYS A 1 121 ? -10.534 -1.229  -1.704  1.00 11.60 ? 119 LYS D CA    1 
ATOM   724  C  C     . LYS A 1 121 ? -11.455 -0.015  -1.606  1.00 11.06 ? 119 LYS D C     1 
ATOM   725  O  O     . LYS A 1 121 ? -12.541 -0.086  -0.976  1.00 12.03 ? 119 LYS D O     1 
ATOM   726  C  CB    . LYS A 1 121 ? -10.892 -2.296  -0.667  1.00 9.84  ? 119 LYS D CB    1 
ATOM   727  C  CG    . LYS A 1 121 ? -10.085 -3.572  -0.819  1.00 12.11 ? 119 LYS D CG    1 
ATOM   728  C  CD    . LYS A 1 121 ? -10.453 -4.649  0.147   1.00 11.32 ? 119 LYS D CD    1 
ATOM   729  C  CE    . LYS A 1 121 ? -9.639  -5.877  -0.141  1.00 14.21 ? 119 LYS D CE    1 
ATOM   730  N  NZ    . LYS A 1 121 ? -9.943  -7.042  0.783   1.00 15.11 ? 119 LYS D NZ    1 
ATOM   731  N  N     . LEU A 1 122 ? -11.077 1.039   -2.317  1.00 11.71 ? 120 LEU D N     1 
ATOM   732  C  CA    . LEU A 1 122 ? -11.844 2.299   -2.347  1.00 12.76 ? 120 LEU D CA    1 
ATOM   733  C  C     . LEU A 1 122 ? -13.255 2.095   -2.929  1.00 14.12 ? 120 LEU D C     1 
ATOM   734  O  O     . LEU A 1 122 ? -14.192 2.811   -2.522  1.00 16.91 ? 120 LEU D O     1 
ATOM   735  C  CB    . LEU A 1 122 ? -11.056 3.370   -3.115  1.00 12.50 ? 120 LEU D CB    1 
ATOM   736  C  CG    . LEU A 1 122 ? -11.684 4.730   -3.458  1.00 12.96 ? 120 LEU D CG    1 
ATOM   737  C  CD1   . LEU A 1 122 ? -11.974 5.481   -2.208  1.00 16.97 ? 120 LEU D CD1   1 
ATOM   738  C  CD2   . LEU A 1 122 ? -10.747 5.514   -4.391  1.00 12.67 ? 120 LEU D CD2   1 
ATOM   739  N  N     . ASP A 1 123 ? -13.385 1.155   -3.866  1.00 14.63 ? 121 ASP D N     1 
ATOM   740  C  CA    . ASP A 1 123 ? -14.683 0.802   -4.490  1.00 14.93 ? 121 ASP D CA    1 
ATOM   741  C  C     . ASP A 1 123 ? -15.696 0.302   -3.465  1.00 16.50 ? 121 ASP D C     1 
ATOM   742  O  O     . ASP A 1 123 ? -16.900 0.585   -3.606  1.00 17.25 ? 121 ASP D O     1 
ATOM   743  C  CB    . ASP A 1 123 ? -14.564 -0.234  -5.608  1.00 14.25 ? 121 ASP D CB    1 
ATOM   744  C  CG    . ASP A 1 123 ? -13.901 -1.523  -5.166  1.00 16.63 ? 121 ASP D CG    1 
ATOM   745  O  OD1   . ASP A 1 123 ? -12.710 -1.454  -4.777  1.00 15.79 ? 121 ASP D OD1   1 
ATOM   746  O  OD2   . ASP A 1 123 ? -14.550 -2.602  -5.233  1.00 17.63 ? 121 ASP D OD2   1 
ATOM   747  N  N     . LEU A 1 124 ? -15.211 -0.436  -2.471  1.00 15.40 ? 122 LEU D N     1 
ATOM   748  C  CA    . LEU A 1 124 ? -16.045 -0.984  -1.388  1.00 16.82 ? 122 LEU D CA    1 
ATOM   749  C  C     . LEU A 1 124 ? -16.428 0.088   -0.415  1.00 18.24 ? 122 LEU D C     1 
ATOM   750  O  O     . LEU A 1 124 ? -17.556 0.109   0.047   1.00 19.25 ? 122 LEU D O     1 
ATOM   751  C  CB    . LEU A 1 124 ? -15.377 -2.181  -0.661  1.00 14.32 ? 122 LEU D CB    1 
ATOM   752  C  CG    . LEU A 1 124 ? -15.066 -3.354  -1.585  1.00 15.24 ? 122 LEU D CG    1 
ATOM   753  C  CD1   . LEU A 1 124 ? -14.518 -4.496  -0.804  1.00 13.70 ? 122 LEU D CD1   1 
ATOM   754  C  CD2   . LEU A 1 124 ? -16.272 -3.757  -2.393  1.00 16.20 ? 122 LEU D CD2   1 
ATOM   755  N  N     . ARG A 1 125 ? -15.505 0.983   -0.099  1.00 19.82 ? 123 ARG D N     1 
ATOM   756  C  CA    . ARG A 1 125 ? -15.876 2.093   0.755   1.00 20.93 ? 123 ARG D CA    1 
ATOM   757  C  C     . ARG A 1 125 ? -16.971 2.966   0.175   1.00 22.55 ? 123 ARG D C     1 
ATOM   758  O  O     . ARG A 1 125 ? -17.797 3.436   0.940   1.00 23.85 ? 123 ARG D O     1 
ATOM   759  C  CB    . ARG A 1 125 ? -14.676 2.937   1.212   1.00 20.89 ? 123 ARG D CB    1 
ATOM   760  C  CG    . ARG A 1 125 ? -15.025 3.628   2.523   1.00 21.01 ? 123 ARG D CG    1 
ATOM   761  C  CD    . ARG A 1 125 ? -14.216 4.822   2.828   1.00 19.25 ? 123 ARG D CD    1 
ATOM   762  N  NE    . ARG A 1 125 ? -13.961 5.693   1.685   1.00 17.16 ? 123 ARG D NE    1 
ATOM   763  C  CZ    . ARG A 1 125 ? -12.873 6.457   1.575   1.00 15.07 ? 123 ARG D CZ    1 
ATOM   764  N  NH1   . ARG A 1 125 ? -11.964 6.486   2.555   1.00 17.71 ? 123 ARG D NH1   1 
ATOM   765  N  NH2   . ARG A 1 125 ? -12.699 7.228   0.491   1.00 20.06 ? 123 ARG D NH2   1 
ATOM   766  N  N     . ASP A 1 126 ? -16.992 3.188   -1.128  1.00 23.88 ? 124 ASP D N     1 
ATOM   767  C  CA    . ASP A 1 126 ? -18.000 3.992   -1.800  1.00 24.69 ? 124 ASP D CA    1 
ATOM   768  C  C     . ASP A 1 126 ? -19.397 3.342   -1.682  1.00 25.17 ? 124 ASP D C     1 
ATOM   769  O  O     . ASP A 1 126 ? -20.360 4.000   -1.827  1.00 26.63 ? 124 ASP D O     1 
ATOM   770  C  CB    . ASP A 1 126 ? -17.668 4.165   -3.303  1.00 24.89 ? 124 ASP D CB    1 
ATOM   771  C  CG    . ASP A 1 126 ? -16.486 5.178   -3.612  1.00 26.16 ? 124 ASP D CG    1 
ATOM   772  O  OD1   . ASP A 1 126 ? -16.054 5.968   -2.763  1.00 25.71 ? 124 ASP D OD1   1 
ATOM   773  O  OD2   . ASP A 1 126 ? -16.028 5.134   -4.770  1.00 23.09 ? 124 ASP D OD2   1 
ATOM   774  N  N     . ASP A 1 127 ? -19.469 2.039   -1.465  1.00 24.44 ? 125 ASP D N     1 
ATOM   775  C  CA    . ASP A 1 127 ? -20.684 1.287   -1.733  1.00 24.92 ? 125 ASP D CA    1 
ATOM   776  C  C     . ASP A 1 127 ? -21.414 0.974   -0.428  1.00 24.67 ? 125 ASP D C     1 
ATOM   777  O  O     . ASP A 1 127 ? -20.985 0.117   0.351   1.00 23.46 ? 125 ASP D O     1 
ATOM   778  C  CB    . ASP A 1 127 ? -20.379 0.032   -2.557  1.00 25.86 ? 125 ASP D CB    1 
ATOM   779  C  CG    . ASP A 1 127 ? -21.638 -0.688  -3.027  1.00 28.01 ? 125 ASP D CG    1 
ATOM   780  O  OD1   . ASP A 1 127 ? -22.759 -0.218  -2.722  1.00 30.07 ? 125 ASP D OD1   1 
ATOM   781  O  OD2   . ASP A 1 127 ? -21.507 -1.723  -3.716  1.00 32.63 ? 125 ASP D OD2   1 
ATOM   782  N  N     . LYS A 1 128 ? -22.536 1.664   -0.215  1.00 24.66 ? 126 LYS D N     1 
ATOM   783  C  CA    . LYS A 1 128 ? -23.356 1.439   0.988   1.00 24.65 ? 126 LYS D CA    1 
ATOM   784  C  C     . LYS A 1 128 ? -23.837 -0.004  1.037   1.00 23.61 ? 126 LYS D C     1 
ATOM   785  O  O     . LYS A 1 128 ? -23.947 -0.587  2.103   1.00 22.95 ? 126 LYS D O     1 
ATOM   786  C  CB    . LYS A 1 128 ? -24.536 2.401   1.032   1.00 25.67 ? 126 LYS D CB    1 
ATOM   787  N  N     . GLN A 1 129 ? -24.066 -0.644  -0.088  1.00 20.00 ? 127 GLN D N     1 
ATOM   788  C  CA    . GLN A 1 129 ? -24.540 -1.950  -0.055  1.00 20.00 ? 127 GLN D CA    1 
ATOM   789  C  C     . GLN A 1 129 ? -23.514 -2.898  0.443   1.00 20.00 ? 127 GLN D C     1 
ATOM   790  O  O     . GLN A 1 129 ? -23.891 -3.892  0.888   1.00 20.85 ? 127 GLN D O     1 
ATOM   791  C  CB    . GLN A 1 129 ? -24.968 -2.329  -1.401  1.00 20.00 ? 127 GLN D CB    1 
ATOM   792  C  CG    . GLN A 1 129 ? -25.687 -3.643  -1.528  1.00 20.00 ? 127 GLN D CG    1 
ATOM   793  C  CD    . GLN A 1 129 ? -27.040 -3.768  -0.761  1.00 20.00 ? 127 GLN D CD    1 
ATOM   794  O  OE1   . GLN A 1 129 ? -27.144 -4.688  -0.119  1.00 20.00 ? 127 GLN D OE1   1 
ATOM   795  N  NE2   . GLN A 1 129 ? -27.888 -2.801  -0.773  1.00 20.00 ? 127 GLN D NE2   1 
ATOM   796  N  N     . PHE A 1 130 ? -22.202 -2.595  0.248   1.00 21.43 ? 128 PHE D N     1 
ATOM   797  C  CA    . PHE A 1 130 ? -21.177 -3.480  0.796   1.00 20.39 ? 128 PHE D CA    1 
ATOM   798  C  C     . PHE A 1 130 ? -21.307 -3.645  2.324   1.00 20.29 ? 128 PHE D C     1 
ATOM   799  O  O     . PHE A 1 130 ? -21.146 -4.738  2.863   1.00 20.22 ? 128 PHE D O     1 
ATOM   800  C  CB    . PHE A 1 130 ? -19.756 -2.988  0.469   1.00 20.49 ? 128 PHE D CB    1 
ATOM   801  C  CG    . PHE A 1 130 ? -18.695 -3.855  1.110   1.00 20.59 ? 128 PHE D CG    1 
ATOM   802  C  CD1   . PHE A 1 130 ? -18.359 -5.081  0.557   1.00 21.92 ? 128 PHE D CD1   1 
ATOM   803  C  CD2   . PHE A 1 130 ? -18.065 -3.457  2.280   1.00 22.41 ? 128 PHE D CD2   1 
ATOM   804  C  CE1   . PHE A 1 130 ? -17.419 -5.874  1.145   1.00 21.65 ? 128 PHE D CE1   1 
ATOM   805  C  CE2   . PHE A 1 130 ? -17.111 -4.283  2.876   1.00 21.25 ? 128 PHE D CE2   1 
ATOM   806  C  CZ    . PHE A 1 130 ? -16.793 -5.473  2.302   1.00 20.41 ? 128 PHE D CZ    1 
ATOM   807  N  N     . PHE A 1 131 ? -21.518 -2.545  3.035   1.00 20.16 ? 129 PHE D N     1 
ATOM   808  C  CA    . PHE A 1 131 ? -21.580 -2.632  4.489   1.00 20.00 ? 129 PHE D CA    1 
ATOM   809  C  C     . PHE A 1 131 ? -22.882 -3.284  4.996   1.00 20.14 ? 129 PHE D C     1 
ATOM   810  O  O     . PHE A 1 131 ? -22.906 -3.898  6.070   1.00 20.07 ? 129 PHE D O     1 
ATOM   811  C  CB    . PHE A 1 131 ? -21.391 -1.236  5.077   1.00 19.80 ? 129 PHE D CB    1 
ATOM   812  C  CG    . PHE A 1 131 ? -20.086 -0.631  4.680   1.00 19.04 ? 129 PHE D CG    1 
ATOM   813  C  CD1   . PHE A 1 131 ? -20.028 0.310   3.673   1.00 19.29 ? 129 PHE D CD1   1 
ATOM   814  C  CD2   . PHE A 1 131 ? -18.914 -1.092  5.260   1.00 19.94 ? 129 PHE D CD2   1 
ATOM   815  C  CE1   . PHE A 1 131 ? -18.780 0.829   3.276   1.00 19.09 ? 129 PHE D CE1   1 
ATOM   816  C  CE2   . PHE A 1 131 ? -17.668 -0.577  4.874   1.00 18.20 ? 129 PHE D CE2   1 
ATOM   817  C  CZ    . PHE A 1 131 ? -17.619 0.376   3.877   1.00 21.49 ? 129 PHE D CZ    1 
ATOM   818  N  N     A ILE A 1 132 ? -23.936 -3.161  4.198   0.70 20.75 ? 130 ILE D N     1 
ATOM   819  N  N     B ILE A 1 132 ? -23.954 -3.163  4.219   0.30 20.75 ? 130 ILE D N     1 
ATOM   820  C  CA    A ILE A 1 132 ? -25.162 -3.919  4.493   0.70 21.20 ? 130 ILE D CA    1 
ATOM   821  C  CA    B ILE A 1 132 ? -25.173 -3.940  4.515   0.30 21.20 ? 130 ILE D CA    1 
ATOM   822  C  C     A ILE A 1 132 ? -24.868 -5.415  4.365   0.70 22.18 ? 130 ILE D C     1 
ATOM   823  C  C     B ILE A 1 132 ? -24.885 -5.430  4.362   0.30 22.18 ? 130 ILE D C     1 
ATOM   824  O  O     A ILE A 1 132 ? -25.279 -6.203  5.220   0.70 22.41 ? 130 ILE D O     1 
ATOM   825  O  O     B ILE A 1 132 ? -25.322 -6.196  5.164   0.30 22.41 ? 130 ILE D O     1 
ATOM   826  C  CB    A ILE A 1 132 ? -26.305 -3.533  3.562   0.70 21.89 ? 130 ILE D CB    1 
ATOM   827  C  CB    B ILE A 1 132 ? -26.330 -3.611  3.565   0.30 21.89 ? 130 ILE D CB    1 
ATOM   828  C  CG1   A ILE A 1 132 ? -26.810 -2.145  3.937   0.70 20.24 ? 130 ILE D CG1   1 
ATOM   829  C  CG1   B ILE A 1 132 ? -26.883 -2.213  3.741   0.30 20.24 ? 130 ILE D CG1   1 
ATOM   830  C  CG2   A ILE A 1 132 ? -27.400 -4.630  3.578   0.70 20.65 ? 130 ILE D CG2   1 
ATOM   831  C  CG2   B ILE A 1 132 ? -27.384 -4.655  3.676   0.30 20.65 ? 130 ILE D CG2   1 
ATOM   832  C  CD1   A ILE A 1 132 ? -27.742 -1.549  2.919   0.70 24.80 ? 130 ILE D CD1   1 
ATOM   833  C  CD1   B ILE A 1 132 ? -26.374 -1.530  4.776   0.30 24.80 ? 130 ILE D CD1   1 
ATOM   834  N  N     . ASP A 1 133 ? -24.178 -5.799  3.301   1.00 23.29 ? 131 ASP D N     1 
ATOM   835  C  CA    . ASP A 1 133 ? -23.889 -7.202  3.046   1.00 24.10 ? 131 ASP D CA    1 
ATOM   836  C  C     . ASP A 1 133 ? -22.896 -7.760  4.099   1.00 23.94 ? 131 ASP D C     1 
ATOM   837  O  O     . ASP A 1 133 ? -22.825 -8.908  4.303   1.00 24.17 ? 131 ASP D O     1 
ATOM   838  C  CB    . ASP A 1 133 ? -23.283 -7.421  1.694   1.00 25.45 ? 131 ASP D CB    1 
ATOM   839  C  CG    . ASP A 1 133 ? -24.230 -7.256  0.529   1.00 29.72 ? 131 ASP D CG    1 
ATOM   840  O  OD1   . ASP A 1 133 ? -23.676 -7.122  -0.601  1.00 34.81 ? 131 ASP D OD1   1 
ATOM   841  O  OD2   . ASP A 1 133 ? -25.452 -7.295  0.681   1.00 33.67 ? 131 ASP D OD2   1 
ATOM   842  N  N     . HIS A 1 134 ? -22.064 -6.907  4.675   1.00 23.95 ? 132 HIS D N     1 
ATOM   843  C  CA    . HIS A 1 134 ? -20.926 -7.328  5.472   1.00 24.90 ? 132 HIS D CA    1 
ATOM   844  C  C     . HIS A 1 134 ? -20.907 -6.569  6.792   1.00 26.59 ? 132 HIS D C     1 
ATOM   845  O  O     . HIS A 1 134 ? -20.201 -5.557  6.931   1.00 26.11 ? 132 HIS D O     1 
ATOM   846  C  CB    . HIS A 1 134 ? -19.609 -7.156  4.653   1.00 23.91 ? 132 HIS D CB    1 
ATOM   847  C  CG    . HIS A 1 134 ? -19.552 -8.028  3.435   1.00 24.17 ? 132 HIS D CG    1 
ATOM   848  N  ND1   . HIS A 1 134 ? -19.925 -7.596  2.179   1.00 22.94 ? 132 HIS D ND1   1 
ATOM   849  C  CD2   . HIS A 1 134 ? -19.222 -9.333  3.299   1.00 27.44 ? 132 HIS D CD2   1 
ATOM   850  C  CE1   . HIS A 1 134 ? -19.811 -8.592  1.322   1.00 24.98 ? 132 HIS D CE1   1 
ATOM   851  N  NE2   . HIS A 1 134 ? -19.403 -9.660  1.980   1.00 26.17 ? 132 HIS D NE2   1 
ATOM   852  N  N     . ALA A 1 137 ? -17.733 -5.219  8.561   1.00 27.80 ? 135 ALA D N     1 
ATOM   853  C  CA    . ALA A 1 137 ? -16.872 -4.220  7.935   1.00 27.59 ? 135 ALA D CA    1 
ATOM   854  C  C     . ALA A 1 137 ? -17.063 -2.825  8.523   1.00 27.93 ? 135 ALA D C     1 
ATOM   855  O  O     . ALA A 1 137 ? -18.199 -2.371  8.738   1.00 27.59 ? 135 ALA D O     1 
ATOM   856  C  CB    . ALA A 1 137 ? -17.093 -4.209  6.450   1.00 27.65 ? 135 ALA D CB    1 
ATOM   857  N  N     . VAL A 1 138 ? -15.946 -2.137  8.763   1.00 27.89 ? 136 VAL D N     1 
ATOM   858  C  CA    . VAL A 1 138 ? -15.967 -0.789  9.305   1.00 27.84 ? 136 VAL D CA    1 
ATOM   859  C  C     . VAL A 1 138 ? -15.157 0.115   8.373   1.00 27.11 ? 136 VAL D C     1 
ATOM   860  O  O     . VAL A 1 138 ? -13.986 -0.146  8.187   1.00 28.70 ? 136 VAL D O     1 
ATOM   861  C  CB    . VAL A 1 138 ? -15.387 -0.781  10.722  1.00 28.53 ? 136 VAL D CB    1 
ATOM   862  N  N     . PRO A 1 139 ? -15.779 1.155   7.773   1.00 26.96 ? 137 PRO D N     1 
ATOM   863  C  CA    . PRO A 1 139 ? -15.047 2.025   6.815   1.00 25.59 ? 137 PRO D CA    1 
ATOM   864  C  C     . PRO A 1 139 ? -14.040 2.986   7.455   1.00 24.76 ? 137 PRO D C     1 
ATOM   865  O  O     . PRO A 1 139 ? -14.236 3.428   8.593   1.00 25.86 ? 137 PRO D O     1 
ATOM   866  C  CB    . PRO A 1 139 ? -16.143 2.821   6.123   1.00 25.91 ? 137 PRO D CB    1 
ATOM   867  C  CG    . PRO A 1 139 ? -17.364 2.731   7.021   1.00 26.97 ? 137 PRO D CG    1 
ATOM   868  C  CD    . PRO A 1 139 ? -17.192 1.551   7.940   1.00 26.72 ? 137 PRO D CD    1 
ATOM   869  N  N     . ILE A 1 140 ? -12.957 3.297   6.727   1.00 23.00 ? 138 ILE D N     1 
ATOM   870  C  CA    . ILE A 1 140 ? -11.981 4.282   7.158   1.00 20.83 ? 138 ILE D CA    1 
ATOM   871  C  C     . ILE A 1 140 ? -12.154 5.491   6.259   1.00 20.25 ? 138 ILE D C     1 
ATOM   872  O  O     . ILE A 1 140 ? -12.119 5.346   5.047   1.00 17.99 ? 138 ILE D O     1 
ATOM   873  C  CB    . ILE A 1 140 ? -10.512 3.763   7.075   1.00 22.00 ? 138 ILE D CB    1 
ATOM   874  C  CG1   . ILE A 1 140 ? -10.219 2.745   8.182   1.00 22.75 ? 138 ILE D CG1   1 
ATOM   875  C  CG2   . ILE A 1 140 ? -9.567  4.884   7.318   1.00 19.87 ? 138 ILE D CG2   1 
ATOM   876  C  CD1   . ILE A 1 140 ? -10.245 1.324   7.798   1.00 23.11 ? 138 ILE D CD1   1 
ATOM   877  N  N     . THR A 1 141 ? -12.329 6.675   6.851   1.00 18.51 ? 139 THR D N     1 
ATOM   878  C  CA    . THR A 1 141 ? -12.605 7.874   6.039   1.00 20.20 ? 139 THR D CA    1 
ATOM   879  C  C     . THR A 1 141 ? -11.322 8.456   5.466   1.00 18.81 ? 139 THR D C     1 
ATOM   880  O  O     . THR A 1 141 ? -10.251 8.212   5.997   1.00 19.99 ? 139 THR D O     1 
ATOM   881  C  CB    . THR A 1 141 ? -13.314 8.981   6.848   1.00 19.92 ? 139 THR D CB    1 
ATOM   882  O  OG1   . THR A 1 141 ? -12.445 9.442   7.901   1.00 22.75 ? 139 THR D OG1   1 
ATOM   883  C  CG2   . THR A 1 141 ? -14.636 8.444   7.470   1.00 21.32 ? 139 THR D CG2   1 
ATOM   884  N  N     . THR A 1 142 ? -11.429 9.239   4.379   1.00 19.74 ? 140 THR D N     1 
ATOM   885  C  CA    . THR A 1 142 ? -10.257 9.978   3.880   1.00 19.08 ? 140 THR D CA    1 
ATOM   886  C  C     . THR A 1 142 ? -9.573  10.761  5.019   1.00 19.91 ? 140 THR D C     1 
ATOM   887  O  O     . THR A 1 142 ? -8.355  10.697  5.160   1.00 18.24 ? 140 THR D O     1 
ATOM   888  C  CB    . THR A 1 142 ? -10.574 10.847  2.679   1.00 19.05 ? 140 THR D CB    1 
ATOM   889  O  OG1   . THR A 1 142 ? -11.215 10.026  1.696   1.00 20.29 ? 140 THR D OG1   1 
ATOM   890  C  CG2   . THR A 1 142 ? -9.291  11.453  2.056   1.00 20.98 ? 140 THR D CG2   1 
ATOM   891  N  N     . VAL A 1 143 ? -10.339 11.447  5.873   1.00 19.28 ? 141 VAL D N     1 
ATOM   892  C  CA    . VAL A 1 143 ? -9.652  12.284  6.886   1.00 19.54 ? 141 VAL D CA    1 
ATOM   893  C  C     . VAL A 1 143 ? -8.886  11.425  7.898   1.00 19.37 ? 141 VAL D C     1 
ATOM   894  O  O     . VAL A 1 143 ? -7.784  11.774  8.286   1.00 20.69 ? 141 VAL D O     1 
ATOM   895  C  CB    . VAL A 1 143 ? -10.581 13.270  7.628   1.00 20.15 ? 141 VAL D CB    1 
ATOM   896  C  CG1   . VAL A 1 143 ? -11.193 14.280  6.648   1.00 22.11 ? 141 VAL D CG1   1 
ATOM   897  C  CG2   . VAL A 1 143 ? -11.636 12.527  8.399   1.00 21.75 ? 141 VAL D CG2   1 
ATOM   898  N  N     . GLN A 1 144 ? -9.458  10.332  8.312   1.00 18.52 ? 142 GLN D N     1 
ATOM   899  C  CA    . GLN A 1 144 ? -8.702  9.352   9.108   1.00 18.83 ? 142 GLN D CA    1 
ATOM   900  C  C     . GLN A 1 144 ? -7.499  8.724   8.448   1.00 18.51 ? 142 GLN D C     1 
ATOM   901  O  O     . GLN A 1 144 ? -6.591  8.415   9.104   1.00 17.77 ? 142 GLN D O     1 
ATOM   902  C  CB    . GLN A 1 144 ? -9.557  8.253   9.618   1.00 18.62 ? 142 GLN D CB    1 
ATOM   903  C  CG    . GLN A 1 144 ? -10.701 8.767   10.381  1.00 23.00 ? 142 GLN D CG    1 
ATOM   904  C  CD    . GLN A 1 144 ? -11.851 7.792   10.599  1.00 23.79 ? 142 GLN D CD    1 
ATOM   905  O  OE1   . GLN A 1 144 ? -11.950 6.757   9.990   1.00 27.30 ? 142 GLN D OE1   1 
ATOM   906  N  NE2   . GLN A 1 144 ? -12.744 8.171   11.526  1.00 31.36 ? 142 GLN D NE2   1 
ATOM   907  N  N     . GLY A 1 145 ? -7.542  8.523   7.152   1.00 17.84 ? 143 GLY D N     1 
ATOM   908  C  CA    . GLY A 1 145 ? -6.326  7.972   6.483   1.00 17.86 ? 143 GLY D CA    1 
ATOM   909  C  C     . GLY A 1 145 ? -5.232  9.022   6.515   1.00 17.56 ? 143 GLY D C     1 
ATOM   910  O  O     . GLY A 1 145 ? -4.021  8.705   6.687   1.00 17.20 ? 143 GLY D O     1 
ATOM   911  N  N     . GLU A 1 146 ? -5.643  10.274  6.352   1.00 17.62 ? 144 GLU D N     1 
ATOM   912  C  CA    . GLU A 1 146 ? -4.724  11.396  6.316   1.00 18.25 ? 144 GLU D CA    1 
ATOM   913  C  C     . GLU A 1 146 ? -4.068  11.633  7.670   1.00 17.91 ? 144 GLU D C     1 
ATOM   914  O  O     . GLU A 1 146 ? -2.856  11.936  7.764   1.00 17.73 ? 144 GLU D O     1 
ATOM   915  C  CB    . GLU A 1 146 ? -5.479  12.662  5.892   1.00 19.34 ? 144 GLU D CB    1 
ATOM   916  C  CG    . GLU A 1 146 ? -5.822  12.689  4.408   1.00 23.91 ? 144 GLU D CG    1 
ATOM   917  C  CD    . GLU A 1 146 ? -4.619  12.924  3.541   1.00 30.94 ? 144 GLU D CD    1 
ATOM   918  O  OE1   . GLU A 1 146 ? -4.628  12.456  2.382   1.00 35.52 ? 144 GLU D OE1   1 
ATOM   919  O  OE2   . GLU A 1 146 ? -3.666  13.581  4.012   1.00 36.75 ? 144 GLU D OE2   1 
ATOM   920  N  N     . GLU A 1 147 ? -4.847  11.448  8.721   1.00 16.64 ? 145 GLU D N     1 
ATOM   921  C  CA    . GLU A 1 147 ? -4.311  11.592  10.067  1.00 17.19 ? 145 GLU D CA    1 
ATOM   922  C  C     . GLU A 1 147 ? -3.290  10.469  10.344  1.00 16.47 ? 145 GLU D C     1 
ATOM   923  O  O     . GLU A 1 147 ? -2.242  10.720  10.948  1.00 16.09 ? 145 GLU D O     1 
ATOM   924  C  CB    . GLU A 1 147 ? -5.456  11.656  11.068  1.00 18.12 ? 145 GLU D CB    1 
ATOM   925  C  CG    . GLU A 1 147 ? -6.354  12.908  10.798  1.00 20.65 ? 145 GLU D CG    1 
ATOM   926  C  CD    . GLU A 1 147 ? -5.605  14.233  10.962  1.00 25.17 ? 145 GLU D CD    1 
ATOM   927  O  OE1   . GLU A 1 147 ? -5.718  15.108  10.060  1.00 29.50 ? 145 GLU D OE1   1 
ATOM   928  O  OE2   . GLU A 1 147 ? -4.904  14.424  11.987  1.00 23.09 ? 145 GLU D OE2   1 
ATOM   929  N  N     . LEU A 1 148 ? -3.543  9.268   9.814   1.00 15.98 ? 146 LEU D N     1 
ATOM   930  C  CA    . LEU A 1 148 ? -2.596  8.131   9.973   1.00 14.65 ? 146 LEU D CA    1 
ATOM   931  C  C     . LEU A 1 148 ? -1.291  8.392   9.227   1.00 13.81 ? 146 LEU D C     1 
ATOM   932  O  O     . LEU A 1 148 ? -0.204  8.062   9.740   1.00 12.68 ? 146 LEU D O     1 
ATOM   933  C  CB    . LEU A 1 148 ? -3.210  6.857   9.394   1.00 13.60 ? 146 LEU D CB    1 
ATOM   934  C  CG    . LEU A 1 148 ? -3.024  5.475   9.994   1.00 18.49 ? 146 LEU D CG    1 
ATOM   935  C  CD1   . LEU A 1 148 ? -3.075  4.398   8.858   1.00 13.47 ? 146 LEU D CD1   1 
ATOM   936  C  CD2   . LEU A 1 148 ? -1.834  5.341   10.955  1.00 19.27 ? 146 LEU D CD2   1 
ATOM   937  N  N     . LYS A 1 149 ? -1.425  8.940   8.024   1.00 11.36 ? 147 LYS D N     1 
ATOM   938  C  CA    . LYS A 1 149 ? -0.291  9.421   7.205   1.00 10.46 ? 147 LYS D CA    1 
ATOM   939  C  C     . LYS A 1 149 ? 0.713   10.327  8.018   1.00 11.77 ? 147 LYS D C     1 
ATOM   940  O  O     . LYS A 1 149 ? 1.839   10.193  8.049   1.00 11.07 ? 147 LYS D O     1 
ATOM   941  C  CB    . LYS A 1 149 ? -0.760  10.233  5.978   1.00 12.31 ? 147 LYS D CB    1 
ATOM   942  C  CG    . LYS A 1 149 ? 0.257   10.649  5.062   1.00 11.47 ? 147 LYS D CG    1 
ATOM   943  C  CD    . LYS A 1 149 ? -0.016  11.775  4.134   1.00 18.39 ? 147 LYS D CD    1 
ATOM   944  C  CE    . LYS A 1 149 ? -0.165  12.954  4.776   1.00 22.89 ? 147 LYS D CE    1 
ATOM   945  N  NZ    . LYS A 1 149 ? -0.234  14.113  3.876   1.00 29.23 ? 147 LYS D NZ    1 
ATOM   946  N  N     . LYS A 1 150 ? 0.032   11.298  8.619   1.00 11.55 ? 148 LYS D N     1 
ATOM   947  C  CA    . LYS A 1 150 ? 0.799   12.257  9.430   1.00 11.96 ? 148 LYS D CA    1 
ATOM   948  C  C     . LYS A 1 150 ? 1.460   11.593  10.625  1.00 11.81 ? 148 LYS D C     1 
ATOM   949  O  O     . LYS A 1 150 ? 2.610   11.912  10.949  1.00 11.45 ? 148 LYS D O     1 
ATOM   950  C  CB    . LYS A 1 150 ? -0.118  13.381  9.898   1.00 11.72 ? 148 LYS D CB    1 
ATOM   951  C  CG    . LYS A 1 150 ? -0.578  14.245  8.718   1.00 13.61 ? 148 LYS D CG    1 
ATOM   952  C  CD    . LYS A 1 150 ? -1.164  15.580  9.140   1.00 20.58 ? 148 LYS D CD    1 
ATOM   953  C  CE    . LYS A 1 150 ? -2.670  15.587  9.086   1.00 20.60 ? 148 LYS D CE    1 
ATOM   954  N  NZ    . LYS A 1 150 ? -3.229  16.861  9.687   1.00 22.47 ? 148 LYS D NZ    1 
ATOM   955  N  N     . LEU A 1 151 ? 0.715   10.723  11.299  1.00 13.12 ? 149 LEU D N     1 
ATOM   956  C  CA    . LEU A 1 151 ? 1.201   10.036  12.475  1.00 13.50 ? 149 LEU D CA    1 
ATOM   957  C  C     . LEU A 1 151 ? 2.480   9.225   12.221  1.00 14.92 ? 149 LEU D C     1 
ATOM   958  O  O     . LEU A 1 151 ? 3.466   9.278   13.003  1.00 17.34 ? 149 LEU D O     1 
ATOM   959  C  CB    . LEU A 1 151 ? 0.064   9.204   13.074  1.00 14.10 ? 149 LEU D CB    1 
ATOM   960  C  CG    . LEU A 1 151 ? 0.347   8.550   14.420  1.00 14.68 ? 149 LEU D CG    1 
ATOM   961  C  CD1   . LEU A 1 151 ? 0.566   9.605   15.536  1.00 11.93 ? 149 LEU D CD1   1 
ATOM   962  C  CD2   . LEU A 1 151 ? -0.765  7.568   14.782  1.00 15.31 ? 149 LEU D CD2   1 
ATOM   963  N  N     . ILE A 1 152 ? 2.525   8.549   11.078  1.00 13.48 ? 150 ILE D N     1 
ATOM   964  C  CA    . ILE A 1 152 ? 3.674   7.676   10.753  1.00 15.05 ? 150 ILE D CA    1 
ATOM   965  C  C     . ILE A 1 152 ? 4.760   8.382   9.941   1.00 15.44 ? 150 ILE D C     1 
ATOM   966  O  O     . ILE A 1 152 ? 5.824   7.801   9.646   1.00 18.42 ? 150 ILE D O     1 
ATOM   967  C  CB    . ILE A 1 152 ? 3.187   6.378   9.985   1.00 14.28 ? 150 ILE D CB    1 
ATOM   968  C  CG1   . ILE A 1 152 ? 2.708   6.753   8.604   1.00 14.64 ? 150 ILE D CG1   1 
ATOM   969  C  CG2   . ILE A 1 152 ? 2.072   5.635   10.790  1.00 15.15 ? 150 ILE D CG2   1 
ATOM   970  C  CD1   . ILE A 1 152 ? 2.331   5.537   7.743   1.00 15.60 ? 150 ILE D CD1   1 
ATOM   971  N  N     . GLY A 1 153 ? 4.513   9.643   9.560   1.00 15.04 ? 151 GLY D N     1 
ATOM   972  C  CA    . GLY A 1 153 ? 5.477   10.436  8.794   1.00 15.76 ? 151 GLY D CA    1 
ATOM   973  C  C     . GLY A 1 153 ? 5.574   10.107  7.313   1.00 16.83 ? 151 GLY D C     1 
ATOM   974  O  O     . GLY A 1 153 ? 6.602   10.393  6.663   1.00 19.90 ? 151 GLY D O     1 
ATOM   975  N  N     . ALA A 1 154 ? 4.539   9.489   6.762   1.00 14.60 ? 152 ALA D N     1 
ATOM   976  C  CA    . ALA A 1 154 ? 4.534   9.145   5.354   1.00 15.43 ? 152 ALA D CA    1 
ATOM   977  C  C     . ALA A 1 154 ? 4.409   10.431  4.499   1.00 13.79 ? 152 ALA D C     1 
ATOM   978  O  O     . ALA A 1 154 ? 3.602   11.338  4.823   1.00 14.59 ? 152 ALA D O     1 
ATOM   979  C  CB    . ALA A 1 154 ? 3.411   8.176   5.084   1.00 15.30 ? 152 ALA D CB    1 
ATOM   980  N  N     . PRO A 1 155 ? 5.262   10.585  3.475   1.00 13.85 ? 153 PRO D N     1 
ATOM   981  C  CA    . PRO A 1 155 ? 5.089   11.744  2.606   1.00 14.03 ? 153 PRO D CA    1 
ATOM   982  C  C     . PRO A 1 155 ? 3.806   11.732  1.777   1.00 14.16 ? 153 PRO D C     1 
ATOM   983  O  O     . PRO A 1 155 ? 3.370   12.801  1.329   1.00 16.28 ? 153 PRO D O     1 
ATOM   984  C  CB    . PRO A 1 155 ? 6.311   11.705  1.680   1.00 15.66 ? 153 PRO D CB    1 
ATOM   985  C  CG    . PRO A 1 155 ? 6.802   10.267  1.726   1.00 16.44 ? 153 PRO D CG    1 
ATOM   986  C  CD    . PRO A 1 155 ? 6.468   9.797   3.146   1.00 13.87 ? 153 PRO D CD    1 
ATOM   987  N  N     . ALA A 1 156 ? 3.210   10.562  1.566   1.00 11.90 ? 154 ALA D N     1 
ATOM   988  C  CA    . ALA A 1 156 ? 2.030   10.396  0.693   1.00 12.26 ? 154 ALA D CA    1 
ATOM   989  C  C     . ALA A 1 156 ? 0.993   9.439   1.285   1.00 11.99 ? 154 ALA D C     1 
ATOM   990  O  O     . ALA A 1 156 ? 1.341   8.444   1.894   1.00 11.37 ? 154 ALA D O     1 
ATOM   991  C  CB    . ALA A 1 156 ? 2.452   9.905   -0.661  1.00 12.26 ? 154 ALA D CB    1 
ATOM   992  N  N     . TYR A 1 157 ? -0.283  9.740   1.026   1.00 11.50 ? 155 TYR D N     1 
ATOM   993  C  CA    . TYR A 1 157 ? -1.399  8.842   1.327   1.00 11.14 ? 155 TYR D CA    1 
ATOM   994  C  C     . TYR A 1 157 ? -2.314  8.837   0.103   1.00 12.62 ? 155 TYR D C     1 
ATOM   995  O  O     . TYR A 1 157 ? -2.691  9.889   -0.381  1.00 13.05 ? 155 TYR D O     1 
ATOM   996  C  CB    . TYR A 1 157 ? -2.199  9.285   2.558   1.00 11.79 ? 155 TYR D CB    1 
ATOM   997  C  CG    . TYR A 1 157 ? -3.494  8.549   2.775   1.00 14.06 ? 155 TYR D CG    1 
ATOM   998  C  CD1   . TYR A 1 157 ? -3.507  7.180   3.009   1.00 13.55 ? 155 TYR D CD1   1 
ATOM   999  C  CD2   . TYR A 1 157 ? -4.734  9.237   2.750   1.00 14.66 ? 155 TYR D CD2   1 
ATOM   1000 C  CE1   . TYR A 1 157 ? -4.692  6.468   3.216   1.00 12.88 ? 155 TYR D CE1   1 
ATOM   1001 C  CE2   . TYR A 1 157 ? -5.921  8.534   2.973   1.00 16.06 ? 155 TYR D CE2   1 
ATOM   1002 C  CZ    . TYR A 1 157 ? -5.889  7.184   3.195   1.00 13.63 ? 155 TYR D CZ    1 
ATOM   1003 O  OH    . TYR A 1 157 ? -7.069  6.452   3.393   1.00 15.45 ? 155 TYR D OH    1 
ATOM   1004 N  N     . ILE A 1 158 ? -2.582  7.674   -0.443  1.00 11.94 ? 156 ILE D N     1 
ATOM   1005 C  CA    . ILE A 1 158 ? -3.413  7.534   -1.607  1.00 11.83 ? 156 ILE D CA    1 
ATOM   1006 C  C     . ILE A 1 158 ? -4.484  6.472   -1.273  1.00 10.73 ? 156 ILE D C     1 
ATOM   1007 O  O     . ILE A 1 158 ? -4.172  5.501   -0.753  1.00 11.36 ? 156 ILE D O     1 
ATOM   1008 C  CB    . ILE A 1 158 ? -2.658  6.986   -2.808  1.00 12.72 ? 156 ILE D CB    1 
ATOM   1009 C  CG1   . ILE A 1 158 ? -1.311  7.649   -3.016  1.00 16.62 ? 156 ILE D CG1   1 
ATOM   1010 C  CG2   . ILE A 1 158 ? -3.630  6.711   -3.982  1.00 14.14 ? 156 ILE D CG2   1 
ATOM   1011 C  CD1   . ILE A 1 158 ? -1.208  8.521   -3.990  1.00 21.97 ? 156 ILE D CD1   1 
ATOM   1012 N  N     . GLU A 1 159 ? -5.740  6.733   -1.628  1.00 10.05 ? 157 GLU D N     1 
ATOM   1013 C  CA    . GLU A 1 159 ? -6.795  5.745   -1.588  1.00 9.52  ? 157 GLU D CA    1 
ATOM   1014 C  C     . GLU A 1 159 ? -7.033  5.251   -2.999  1.00 8.88  ? 157 GLU D C     1 
ATOM   1015 O  O     . GLU A 1 159 ? -7.117  6.035   -3.963  1.00 9.52  ? 157 GLU D O     1 
ATOM   1016 C  CB    . GLU A 1 159 ? -8.099  6.354   -1.024  1.00 10.17 ? 157 GLU D CB    1 
ATOM   1017 C  CG    . GLU A 1 159 ? -7.870  6.977   0.336   1.00 10.37 ? 157 GLU D CG    1 
ATOM   1018 C  CD    . GLU A 1 159 ? -9.133  7.502   0.961   1.00 17.76 ? 157 GLU D CD    1 
ATOM   1019 O  OE1   . GLU A 1 159 ? -9.994  8.023   0.221   1.00 20.70 ? 157 GLU D OE1   1 
ATOM   1020 O  OE2   . GLU A 1 159 ? -9.215  7.414   2.170   1.00 16.32 ? 157 GLU D OE2   1 
ATOM   1021 N  N     A CYS A 1 160 ? -7.174  3.945   -3.112  0.80 9.26  ? 158 CYS D N     1 
ATOM   1022 N  N     B CYS A 1 160 ? -7.252  3.955   -3.084  0.20 9.26  ? 158 CYS D N     1 
ATOM   1023 C  CA    A CYS A 1 160 ? -7.241  3.329   -4.450  0.80 9.33  ? 158 CYS D CA    1 
ATOM   1024 C  CA    B CYS A 1 160 ? -7.282  3.348   -4.369  0.20 9.33  ? 158 CYS D CA    1 
ATOM   1025 C  C     A CYS A 1 160 ? -8.078  2.081   -4.481  0.80 8.68  ? 158 CYS D C     1 
ATOM   1026 C  C     B CYS A 1 160 ? -8.036  2.024   -4.478  0.20 8.68  ? 158 CYS D C     1 
ATOM   1027 O  O     A CYS A 1 160 ? -8.424  1.519   -3.441  0.80 9.24  ? 158 CYS D O     1 
ATOM   1028 O  O     B CYS A 1 160 ? -8.250  1.339   -3.476  0.20 9.24  ? 158 CYS D O     1 
ATOM   1029 C  CB    A CYS A 1 160 ? -5.836  3.071   -5.050  0.80 9.34  ? 158 CYS D CB    1 
ATOM   1030 C  CB    B CYS A 1 160 ? -5.878  3.244   -4.879  0.20 9.34  ? 158 CYS D CB    1 
ATOM   1031 S  SG    A CYS A 1 160 ? -5.027  1.678   -4.272  0.80 13.76 ? 158 CYS D SG    1 
ATOM   1032 S  SG    B CYS A 1 160 ? -5.996  2.544   -6.368  0.20 13.76 ? 158 CYS D SG    1 
ATOM   1033 N  N     . SER A 1 161 ? -8.448  1.668   -5.700  1.00 8.01  ? 159 SER D N     1 
ATOM   1034 C  CA    . SER A 1 161 ? -9.165  0.427   -5.907  1.00 8.90  ? 159 SER D CA    1 
ATOM   1035 C  C     . SER A 1 161 ? -8.565  -0.310  -7.092  1.00 8.81  ? 159 SER D C     1 
ATOM   1036 O  O     . SER A 1 161 ? -8.519  0.247   -8.218  1.00 10.15 ? 159 SER D O     1 
ATOM   1037 C  CB    . SER A 1 161 ? -10.622 0.734   -6.305  1.00 9.61  ? 159 SER D CB    1 
ATOM   1038 O  OG    . SER A 1 161 ? -11.245 -0.503  -6.651  1.00 11.98 ? 159 SER D OG    1 
ATOM   1039 N  N     . SER A 1 162 ? -8.010  -1.504  -6.849  1.00 10.48 ? 160 SER D N     1 
ATOM   1040 C  CA    . SER A 1 162 ? -7.560  -2.376  -7.955  1.00 10.20 ? 160 SER D CA    1 
ATOM   1041 C  C     . SER A 1 162 ? -8.712  -2.849  -8.781  1.00 12.43 ? 160 SER D C     1 
ATOM   1042 O  O     . SER A 1 162 ? -8.538  -3.186  -9.946  1.00 13.66 ? 160 SER D O     1 
ATOM   1043 C  CB    . SER A 1 162 ? -6.778  -3.604  -7.429  1.00 10.49 ? 160 SER D CB    1 
ATOM   1044 O  OG    . SER A 1 162 ? -5.637  -3.138  -6.818  1.00 13.43 ? 160 SER D OG    1 
ATOM   1045 N  N     . LYS A 1 163 ? -9.894  -2.918  -8.205  1.00 10.80 ? 161 LYS D N     1 
ATOM   1046 C  CA    . LYS A 1 163 ? -11.072 -3.369  -8.971  1.00 14.09 ? 161 LYS D CA    1 
ATOM   1047 C  C     . LYS A 1 163 ? -11.502 -2.378  -10.043 1.00 13.14 ? 161 LYS D C     1 
ATOM   1048 O  O     . LYS A 1 163 ? -11.725 -2.760  -11.113 1.00 15.03 ? 161 LYS D O     1 
ATOM   1049 C  CB    . LYS A 1 163 ? -12.246 -3.745  -8.066  1.00 14.84 ? 161 LYS D CB    1 
ATOM   1050 C  CG    . LYS A 1 163 ? -13.478 -4.340  -8.771  1.00 17.15 ? 161 LYS D CG    1 
ATOM   1051 C  CD    . LYS A 1 163 ? -14.423 -4.960  -7.812  1.00 16.85 ? 161 LYS D CD    1 
ATOM   1052 C  CE    . LYS A 1 163 ? -15.613 -5.582  -8.543  1.00 20.81 ? 161 LYS D CE    1 
ATOM   1053 N  NZ    . LYS A 1 163 ? -16.252 -6.818  -7.847  1.00 23.80 ? 161 LYS D NZ    1 
ATOM   1054 N  N     . SER A 1 164 ? -11.604 -1.114  -9.686  1.00 12.37 ? 162 SER D N     1 
ATOM   1055 C  CA    . SER A 1 164 ? -12.014 -0.051  -10.612 1.00 13.56 ? 162 SER D CA    1 
ATOM   1056 C  C     . SER A 1 164 ? -10.811 0.585   -11.261 1.00 13.98 ? 162 SER D C     1 
ATOM   1057 O  O     . SER A 1 164 ? -10.960 1.353   -12.200 1.00 15.55 ? 162 SER D O     1 
ATOM   1058 C  CB    . SER A 1 164 ? -12.785 1.041   -9.874  1.00 14.23 ? 162 SER D CB    1 
ATOM   1059 O  OG    . SER A 1 164 ? -11.895 1.805   -9.049  1.00 15.52 ? 162 SER D OG    1 
ATOM   1060 N  N     . GLN A 1 165 ? -9.618  0.295   -10.708 1.00 13.53 ? 163 GLN D N     1 
ATOM   1061 C  CA    . GLN A 1 165 ? -8.314  0.894   -11.081 1.00 15.16 ? 163 GLN D CA    1 
ATOM   1062 C  C     . GLN A 1 165 ? -8.096  2.336   -10.625 1.00 15.08 ? 163 GLN D C     1 
ATOM   1063 O  O     . GLN A 1 165 ? -7.051  2.922   -10.894 1.00 14.66 ? 163 GLN D O     1 
ATOM   1064 C  CB    . GLN A 1 165 ? -8.007  0.868   -12.594 1.00 15.77 ? 163 GLN D CB    1 
ATOM   1065 C  CG    . GLN A 1 165 ? -8.348  -0.387  -13.346 1.00 22.69 ? 163 GLN D CG    1 
ATOM   1066 C  CD    . GLN A 1 165 ? -7.291  -1.443  -13.245 1.00 27.61 ? 163 GLN D CD    1 
ATOM   1067 O  OE1   . GLN A 1 165 ? -6.204  -1.299  -13.800 1.00 30.77 ? 163 GLN D OE1   1 
ATOM   1068 N  NE2   . GLN A 1 165 ? -7.602  -2.521  -12.542 1.00 30.54 ? 163 GLN D NE2   1 
ATOM   1069 N  N     . GLU A 1 166 ? -9.119  2.951   -10.024 1.00 12.92 ? 164 GLU D N     1 
ATOM   1070 C  CA    . GLU A 1 166 ? -9.049  4.329   -9.596  1.00 13.57 ? 164 GLU D CA    1 
ATOM   1071 C  C     . GLU A 1 166 ? -7.847  4.608   -8.710  1.00 12.11 ? 164 GLU D C     1 
ATOM   1072 O  O     . GLU A 1 166 ? -7.603  3.875   -7.715  1.00 12.86 ? 164 GLU D O     1 
ATOM   1073 C  CB    . GLU A 1 166 ? -10.326 4.746   -8.856  1.00 15.16 ? 164 GLU D CB    1 
ATOM   1074 C  CG    . GLU A 1 166 ? -10.404 6.275   -8.824  1.00 16.76 ? 164 GLU D CG    1 
ATOM   1075 C  CD    . GLU A 1 166 ? -11.570 6.821   -8.029  1.00 22.04 ? 164 GLU D CD    1 
ATOM   1076 O  OE1   . GLU A 1 166 ? -12.544 6.077   -7.780  1.00 21.30 ? 164 GLU D OE1   1 
ATOM   1077 O  OE2   . GLU A 1 166 ? -11.475 8.007   -7.628  1.00 25.44 ? 164 GLU D OE2   1 
ATOM   1078 N  N     . ASN A 1 167 ? -7.059  5.595   -9.130  1.00 12.50 ? 165 ASN D N     1 
ATOM   1079 C  CA    . ASN A 1 167 ? -5.867  6.070   -8.412  1.00 12.00 ? 165 ASN D CA    1 
ATOM   1080 C  C     . ASN A 1 167 ? -4.709  5.096   -8.330  1.00 12.62 ? 165 ASN D C     1 
ATOM   1081 O  O     . ASN A 1 167 ? -3.712  5.379   -7.668  1.00 13.70 ? 165 ASN D O     1 
ATOM   1082 C  CB    . ASN A 1 167 ? -6.213  6.536   -7.001  1.00 12.66 ? 165 ASN D CB    1 
ATOM   1083 C  CG    . ASN A 1 167 ? -7.105  7.762   -6.995  1.00 16.73 ? 165 ASN D CG    1 
ATOM   1084 O  OD1   . ASN A 1 167 ? -7.157  8.529   -7.977  1.00 20.45 ? 165 ASN D OD1   1 
ATOM   1085 N  ND2   . ASN A 1 167 ? -7.840  7.928   -5.930  1.00 16.73 ? 165 ASN D ND2   1 
ATOM   1086 N  N     . VAL A 1 168 ? -4.837  3.948   -8.962  1.00 11.60 ? 166 VAL D N     1 
ATOM   1087 C  CA    . VAL A 1 168 ? -3.746  2.973   -8.884  1.00 10.47 ? 166 VAL D CA    1 
ATOM   1088 C  C     . VAL A 1 168 ? -2.453  3.555   -9.501  1.00 12.18 ? 166 VAL D C     1 
ATOM   1089 O  O     . VAL A 1 168 ? -1.365  3.456   -8.902  1.00 12.15 ? 166 VAL D O     1 
ATOM   1090 C  CB    . VAL A 1 168 ? -4.134  1.639   -9.519  1.00 9.71  ? 166 VAL D CB    1 
ATOM   1091 C  CG1   . VAL A 1 168 ? -2.883  0.770   -9.778  1.00 10.19 ? 166 VAL D CG1   1 
ATOM   1092 C  CG2   . VAL A 1 168 ? -5.159  0.911   -8.643  1.00 11.25 ? 166 VAL D CG2   1 
ATOM   1093 N  N     . LYS A 1 169 ? -2.581  4.209   -10.667 1.00 12.97 ? 167 LYS D N     1 
ATOM   1094 C  CA    . LYS A 1 169 ? -1.456  4.900   -11.272 1.00 16.75 ? 167 LYS D CA    1 
ATOM   1095 C  C     . LYS A 1 169 ? -0.898  5.943   -10.307 1.00 15.30 ? 167 LYS D C     1 
ATOM   1096 O  O     . LYS A 1 169 ? 0.324   6.092   -10.231 1.00 18.63 ? 167 LYS D O     1 
ATOM   1097 C  CB    . LYS A 1 169 ? -1.863  5.589   -12.614 1.00 16.44 ? 167 LYS D CB    1 
ATOM   1098 C  CG    . LYS A 1 169 ? -0.654  5.889   -13.510 1.00 20.43 ? 167 LYS D CG    1 
ATOM   1099 C  CD    . LYS A 1 169 ? -1.043  6.226   -14.959 1.00 22.55 ? 167 LYS D CD    1 
ATOM   1100 C  CE    . LYS A 1 169 ? -2.030  7.348   -15.104 1.00 27.76 ? 167 LYS D CE    1 
ATOM   1101 N  NZ    . LYS A 1 169 ? -1.519  8.607   -14.517 1.00 32.59 ? 167 LYS D NZ    1 
ATOM   1102 N  N     . GLY A 1 170 ? -1.779  6.611   -9.555  1.00 14.94 ? 168 GLY D N     1 
ATOM   1103 C  CA    . GLY A 1 170 ? -1.381  7.617   -8.561  1.00 13.88 ? 168 GLY D CA    1 
ATOM   1104 C  C     . GLY A 1 170 ? -0.446  7.071   -7.489  1.00 12.96 ? 168 GLY D C     1 
ATOM   1105 O  O     . GLY A 1 170 ? 0.430   7.774   -6.991  1.00 13.18 ? 168 GLY D O     1 
ATOM   1106 N  N     . VAL A 1 171 ? -0.704  5.829   -7.085  1.00 11.37 ? 169 VAL D N     1 
ATOM   1107 C  CA    . VAL A 1 171 ? 0.143   5.180   -6.018  1.00 9.65  ? 169 VAL D CA    1 
ATOM   1108 C  C     . VAL A 1 171 ? 1.565   5.187   -6.441  1.00 10.95 ? 169 VAL D C     1 
ATOM   1109 O  O     . VAL A 1 171 ? 2.455   5.577   -5.672  1.00 10.60 ? 169 VAL D O     1 
ATOM   1110 C  CB    . VAL A 1 171 ? -0.327  3.740   -5.735  1.00 8.82  ? 169 VAL D CB    1 
ATOM   1111 C  CG1   . VAL A 1 171 ? 0.632   2.989   -4.772  1.00 9.76  ? 169 VAL D CG1   1 
ATOM   1112 C  CG2   . VAL A 1 171 ? -1.721  3.725   -5.178  1.00 8.93  ? 169 VAL D CG2   1 
ATOM   1113 N  N     . PHE A 1 172 ? 1.799   4.735   -7.672  1.00 11.25 ? 170 PHE D N     1 
ATOM   1114 C  CA    . PHE A 1 172 ? 3.152   4.517   -8.072  1.00 12.23 ? 170 PHE D CA    1 
ATOM   1115 C  C     . PHE A 1 172 ? 3.771   5.817   -8.551  1.00 13.44 ? 170 PHE D C     1 
ATOM   1116 O  O     . PHE A 1 172 ? 4.915   6.016   -8.432  1.00 15.49 ? 170 PHE D O     1 
ATOM   1117 C  CB    . PHE A 1 172 ? 3.229   3.330   -9.053  1.00 12.56 ? 170 PHE D CB    1 
ATOM   1118 C  CG    . PHE A 1 172 ? 2.775   2.059   -8.423  1.00 11.98 ? 170 PHE D CG    1 
ATOM   1119 C  CD1   . PHE A 1 172 ? 1.486   1.660   -8.492  1.00 11.05 ? 170 PHE D CD1   1 
ATOM   1120 C  CD2   . PHE A 1 172 ? 3.629   1.332   -7.687  1.00 14.30 ? 170 PHE D CD2   1 
ATOM   1121 C  CE1   . PHE A 1 172 ? 1.064   0.531   -7.896  1.00 12.48 ? 170 PHE D CE1   1 
ATOM   1122 C  CE2   . PHE A 1 172 ? 3.199   0.245   -7.093  1.00 14.49 ? 170 PHE D CE2   1 
ATOM   1123 C  CZ    . PHE A 1 172 ? 1.880   -0.156  -7.235  1.00 14.25 ? 170 PHE D CZ    1 
ATOM   1124 N  N     . ASP A 1 173 ? 2.958   6.706   -9.057  1.00 20.00 ? 171 ASP D N     1 
ATOM   1125 C  CA    . ASP A 1 173 ? 3.474   8.037   -9.353  1.00 20.00 ? 171 ASP D CA    1 
ATOM   1126 C  C     . ASP A 1 173 ? 3.922   8.748   -8.080  1.00 20.00 ? 171 ASP D C     1 
ATOM   1127 O  O     . ASP A 1 173 ? 4.920   9.387   -8.069  1.00 17.06 ? 171 ASP D O     1 
ATOM   1128 C  CB    . ASP A 1 173 ? 2.427   8.862   -10.083 1.00 20.00 ? 171 ASP D CB    1 
ATOM   1129 N  N     . ALA A 1 174 ? 3.207   8.559   -6.963  1.00 14.81 ? 172 ALA D N     1 
ATOM   1130 C  CA    . ALA A 1 174 ? 3.666   9.102   -5.672  1.00 14.28 ? 172 ALA D CA    1 
ATOM   1131 C  C     . ALA A 1 174 ? 4.970   8.463   -5.327  1.00 14.74 ? 172 ALA D C     1 
ATOM   1132 O  O     . ALA A 1 174 ? 5.904   9.141   -4.942  1.00 15.93 ? 172 ALA D O     1 
ATOM   1133 C  CB    . ALA A 1 174 ? 2.662   8.846   -4.548  1.00 14.67 ? 172 ALA D CB    1 
ATOM   1134 N  N     . ALA A 1 175 ? 5.021   7.149   -5.459  1.00 13.15 ? 173 ALA D N     1 
ATOM   1135 C  CA    . ALA A 1 175 ? 6.208   6.389   -5.100  1.00 15.62 ? 173 ALA D CA    1 
ATOM   1136 C  C     . ALA A 1 175 ? 7.428   6.949   -5.821  1.00 16.41 ? 173 ALA D C     1 
ATOM   1137 O  O     . ALA A 1 175 ? 8.460   7.204   -5.210  1.00 19.48 ? 173 ALA D O     1 
ATOM   1138 C  CB    . ALA A 1 175 ? 5.994   4.927   -5.401  1.00 14.95 ? 173 ALA D CB    1 
ATOM   1139 N  N     . ILE A 1 176 ? 7.326   7.197   -7.112  1.00 18.19 ? 174 ILE D N     1 
ATOM   1140 C  CA    . ILE A 1 176 ? 8.506   7.701   -7.823  1.00 19.85 ? 174 ILE D CA    1 
ATOM   1141 C  C     . ILE A 1 176 ? 8.856   9.154   -7.441  1.00 19.45 ? 174 ILE D C     1 
ATOM   1142 O  O     . ILE A 1 176 ? 10.036  9.478   -7.279  1.00 20.27 ? 174 ILE D O     1 
ATOM   1143 C  CB    . ILE A 1 176 ? 8.353   7.554   -9.273  1.00 20.95 ? 174 ILE D CB    1 
ATOM   1144 C  CG1   . ILE A 1 176 ? 8.045   6.085   -9.597  1.00 21.54 ? 174 ILE D CG1   1 
ATOM   1145 C  CG2   . ILE A 1 176 ? 9.605   8.036   -10.015 1.00 21.34 ? 174 ILE D CG2   1 
ATOM   1146 C  CD1   . ILE A 1 176 ? 7.744   5.897   -11.054 1.00 24.64 ? 174 ILE D CD1   1 
ATOM   1147 N  N     . ARG A 1 177 ? 7.833   9.986   -7.280  1.00 17.32 ? 175 ARG D N     1 
ATOM   1148 C  CA    . ARG A 1 177 ? 8.032   11.383  -6.866  1.00 15.92 ? 175 ARG D CA    1 
ATOM   1149 C  C     . ARG A 1 177 ? 8.726   11.492  -5.546  1.00 14.83 ? 175 ARG D C     1 
ATOM   1150 O  O     . ARG A 1 177 ? 9.596   12.350  -5.410  1.00 15.25 ? 175 ARG D O     1 
ATOM   1151 C  CB    . ARG A 1 177 ? 6.771   12.112  -6.809  1.00 15.86 ? 175 ARG D CB    1 
ATOM   1152 N  N     . VAL A 1 178 ? 8.382   10.646  -4.581  1.00 14.23 ? 176 VAL D N     1 
ATOM   1153 C  CA    . VAL A 1 178 ? 8.977   10.681  -3.239  1.00 14.90 ? 176 VAL D CA    1 
ATOM   1154 C  C     . VAL A 1 178 ? 10.408  10.194  -3.157  1.00 15.18 ? 176 VAL D C     1 
ATOM   1155 O  O     . VAL A 1 178 ? 11.070  10.510  -2.265  1.00 15.89 ? 176 VAL D O     1 
ATOM   1156 C  CB    . VAL A 1 178 ? 8.138   10.082  -2.062  1.00 14.89 ? 176 VAL D CB    1 
ATOM   1157 C  CG1   . VAL A 1 178 ? 6.704   10.536  -2.018  1.00 15.40 ? 176 VAL D CG1   1 
ATOM   1158 C  CG2   . VAL A 1 178 ? 8.297   8.646   -1.851  1.00 18.00 ? 176 VAL D CG2   1 
ATOM   1159 N  N     . VAL A 1 179 ? 10.867  9.403   -4.105  1.00 15.16 ? 177 VAL D N     1 
ATOM   1160 C  CA    . VAL A 1 179 ? 12.277  8.977   -4.114  1.00 17.49 ? 177 VAL D CA    1 
ATOM   1161 C  C     . VAL A 1 179 ? 13.171  9.836   -5.038  1.00 18.11 ? 177 VAL D C     1 
ATOM   1162 O  O     . VAL A 1 179 ? 14.214  10.182  -4.675  1.00 18.97 ? 177 VAL D O     1 
ATOM   1163 C  CB    . VAL A 1 179 ? 12.429  7.565   -4.587  1.00 17.37 ? 177 VAL D CB    1 
ATOM   1164 C  CG1   . VAL A 1 179 ? 11.679  6.553   -3.774  1.00 19.94 ? 177 VAL D CG1   1 
ATOM   1165 C  CG2   . VAL A 1 179 ? 12.100  7.561   -5.814  1.00 16.93 ? 177 VAL D CG2   1 
ATOM   1166 N  N     . LEU A 1 180 ? 12.715  10.140  -6.233  1.00 19.18 ? 178 LEU D N     1 
ATOM   1167 C  CA    . LEU A 1 180 ? 13.501  10.935  -7.132  1.00 20.61 ? 178 LEU D CA    1 
ATOM   1168 C  C     . LEU A 1 180 ? 13.761  12.379  -6.641  1.00 21.63 ? 178 LEU D C     1 
ATOM   1169 O  O     . LEU A 1 180 ? 12.919  13.019  -6.161  1.00 20.65 ? 178 LEU D O     1 
ATOM   1170 C  CB    . LEU A 1 180 ? 12.889  11.005  -8.517  1.00 20.29 ? 178 LEU D CB    1 
ATOM   1171 C  CG    . LEU A 1 180 ? 13.005  9.742   -9.348  1.00 24.74 ? 178 LEU D CG    1 
ATOM   1172 C  CD1   . LEU A 1 180 ? 12.789  10.089  -10.745 1.00 27.37 ? 178 LEU D CD1   1 
ATOM   1173 C  CD2   . LEU A 1 180 ? 14.241  8.994   -9.120  1.00 22.71 ? 178 LEU D CD2   1 
ATOM   1174 N  N     . GLN A 1 181 ? 14.948  12.883  -6.896  1.00 22.61 ? 179 GLN D N     1 
ATOM   1175 C  CA    . GLN A 1 181 ? 15.337  14.236  -6.563  1.00 24.62 ? 179 GLN D CA    1 
ATOM   1176 C  C     . GLN A 1 181 ? 14.477  15.048  -7.438  1.00 27.08 ? 179 GLN D C     1 
ATOM   1177 O  O     . GLN A 1 181 ? 14.405  14.777  -8.598  1.00 28.03 ? 179 GLN D O     1 
ATOM   1178 C  CB    . GLN A 1 181 ? 16.804  14.433  -6.941  1.00 24.72 ? 179 GLN D CB    1 
ATOM   1179 N  N     . PRO A 1 182 ? 13.808  16.045  -6.902  1.00 20.00 ? 180 PRO D N     1 
ATOM   1180 C  CA    . PRO A 1 182 ? 14.253  16.804  -5.784  1.00 20.00 ? 180 PRO D CA    1 
ATOM   1181 C  C     . PRO A 1 182 ? 14.344  16.062  -4.560  1.00 20.00 ? 180 PRO D C     1 
ATOM   1182 O  O     . PRO A 1 182 ? 15.419  15.797  -4.106  1.00 20.00 ? 180 PRO D O     1 
ATOM   1183 C  CB    . PRO A 1 182 ? 13.157  17.858  -5.680  1.00 20.00 ? 180 PRO D CB    1 
ATOM   1184 C  CG    . PRO A 1 182 ? 12.831  18.073  -6.991  1.00 20.00 ? 180 PRO D CG    1 
ATOM   1185 C  CD    . PRO A 1 182 ? 12.648  16.705  -7.473  1.00 20.00 ? 180 PRO D CD    1 
HETATM 1186 MG MG    . MG  B 2 .   ? -0.687  -11.328 -2.215  1.00 14.59 ? 181 MG  D MG    1 
HETATM 1187 P  PB    . GDP C 3 .   ? -2.996  -9.670  -0.618  1.00 12.00 ? 200 GDP D PB    1 
HETATM 1188 O  O1B   . GDP C 3 .   ? -2.706  -8.456  0.102   1.00 13.12 ? 200 GDP D O1B   1 
HETATM 1189 O  O2B   . GDP C 3 .   ? -2.017  -9.905  -1.580  1.00 10.28 ? 200 GDP D O2B   1 
HETATM 1190 O  O3B   . GDP C 3 .   ? -3.085  -10.840 0.312   1.00 16.74 ? 200 GDP D O3B   1 
HETATM 1191 O  O3A   . GDP C 3 .   ? -4.457  -9.490  -1.293  1.00 9.65  ? 200 GDP D O3A   1 
HETATM 1192 P  PA    . GDP C 3 .   ? -4.959  -9.976  -2.770  1.00 11.85 ? 200 GDP D PA    1 
HETATM 1193 O  O1A   . GDP C 3 .   ? -4.437  -9.091  -3.766  1.00 12.69 ? 200 GDP D O1A   1 
HETATM 1194 O  O2A   . GDP C 3 .   ? -4.689  -11.397 -3.054  1.00 14.96 ? 200 GDP D O2A   1 
HETATM 1195 O  "O5'" . GDP C 3 .   ? -6.468  -9.687  -2.631  1.00 11.26 ? 200 GDP D "O5'" 1 
HETATM 1196 C  "C5'" . GDP C 3 .   ? -7.237  -10.248 -1.609  1.00 14.85 ? 200 GDP D "C5'" 1 
HETATM 1197 C  "C4'" . GDP C 3 .   ? -8.736  -10.170 -1.928  1.00 14.25 ? 200 GDP D "C4'" 1 
HETATM 1198 O  "O4'" . GDP C 3 .   ? -9.228  -8.874  -1.993  1.00 14.88 ? 200 GDP D "O4'" 1 
HETATM 1199 C  "C3'" . GDP C 3 .   ? -9.075  -10.867 -3.205  1.00 16.50 ? 200 GDP D "C3'" 1 
HETATM 1200 O  "O3'" . GDP C 3 .   ? -10.290 -11.550 -2.992  1.00 20.78 ? 200 GDP D "O3'" 1 
HETATM 1201 C  "C2'" . GDP C 3 .   ? -9.329  -9.706  -4.107  1.00 14.32 ? 200 GDP D "C2'" 1 
HETATM 1202 O  "O2'" . GDP C 3 .   ? -10.136 -9.918  -5.218  1.00 15.41 ? 200 GDP D "O2'" 1 
HETATM 1203 C  "C1'" . GDP C 3 .   ? -9.835  -8.639  -3.223  1.00 14.02 ? 200 GDP D "C1'" 1 
HETATM 1204 N  N9    . GDP C 3 .   ? -9.428  -7.322  -3.658  1.00 10.04 ? 200 GDP D N9    1 
HETATM 1205 C  C8    . GDP C 3 .   ? -8.189  -6.855  -3.807  1.00 12.54 ? 200 GDP D C8    1 
HETATM 1206 N  N7    . GDP C 3 .   ? -8.164  -5.552  -4.133  1.00 11.42 ? 200 GDP D N7    1 
HETATM 1207 C  C5    . GDP C 3 .   ? -9.442  -5.186  -4.213  1.00 11.77 ? 200 GDP D C5    1 
HETATM 1208 C  C6    . GDP C 3 .   ? -10.140 -3.975  -4.558  1.00 13.35 ? 200 GDP D C6    1 
HETATM 1209 O  O6    . GDP C 3 .   ? -9.618  -2.933  -4.846  1.00 11.80 ? 200 GDP D O6    1 
HETATM 1210 N  N1    . GDP C 3 .   ? -11.463 -4.053  -4.507  1.00 12.23 ? 200 GDP D N1    1 
HETATM 1211 C  C2    . GDP C 3 .   ? -12.156 -5.136  -4.184  1.00 11.77 ? 200 GDP D C2    1 
HETATM 1212 N  N2    . GDP C 3 .   ? -13.505 -5.002  -4.181  1.00 16.13 ? 200 GDP D N2    1 
HETATM 1213 N  N3    . GDP C 3 .   ? -11.606 -6.289  -3.871  1.00 10.42 ? 200 GDP D N3    1 
HETATM 1214 C  C4    . GDP C 3 .   ? -10.262 -6.342  -3.865  1.00 12.28 ? 200 GDP D C4    1 
HETATM 1215 O  O     . HOH D 4 .   ? -2.385  -3.590  6.539   1.00 20.18 ? 201 HOH D O     1 
HETATM 1216 O  O     . HOH D 4 .   ? 3.520   -7.610  3.863   1.00 19.44 ? 202 HOH D O     1 
HETATM 1217 O  O     . HOH D 4 .   ? -0.381  -11.199 2.304   1.00 17.51 ? 203 HOH D O     1 
HETATM 1218 O  O     . HOH D 4 .   ? 10.869  -0.752  15.584  1.00 21.81 ? 204 HOH D O     1 
HETATM 1219 O  O     . HOH D 4 .   ? 12.853  -2.035  16.856  1.00 22.26 ? 205 HOH D O     1 
HETATM 1220 O  O     . HOH D 4 .   ? 8.224   8.022   5.363   1.00 16.29 ? 206 HOH D O     1 
HETATM 1221 O  O     . HOH D 4 .   ? -7.101  -1.186  -3.849  1.00 11.33 ? 207 HOH D O     1 
HETATM 1222 O  O     . HOH D 4 .   ? -5.881  -3.816  -4.223  1.00 12.92 ? 208 HOH D O     1 
HETATM 1223 O  O     . HOH D 4 .   ? 1.097   -10.193 -1.463  1.00 13.74 ? 209 HOH D O     1 
HETATM 1224 O  O     . HOH D 4 .   ? -2.310  -12.394 -2.960  1.00 15.16 ? 210 HOH D O     1 
HETATM 1225 O  O     . HOH D 4 .   ? 11.068  3.112   6.831   1.00 22.20 ? 211 HOH D O     1 
HETATM 1226 O  O     . HOH D 4 .   ? 17.564  0.896   1.110   1.00 29.70 ? 212 HOH D O     1 
HETATM 1227 O  O     . HOH D 4 .   ? 17.855  -4.367  11.525  1.00 30.12 ? 213 HOH D O     1 
HETATM 1228 O  O     . HOH D 4 .   ? 17.406  1.894   5.295   1.00 28.72 ? 214 HOH D O     1 
HETATM 1229 O  O     . HOH D 4 .   ? -13.270 3.135   -7.163  1.00 28.26 ? 215 HOH D O     1 
HETATM 1230 O  O     . HOH D 4 .   ? 8.935   -16.668 8.888   1.00 27.74 ? 216 HOH D O     1 
HETATM 1231 O  O     . HOH D 4 .   ? -9.805  -6.218  3.490   1.00 16.97 ? 217 HOH D O     1 
HETATM 1232 O  O     . HOH D 4 .   ? -16.112 3.281   -6.828  1.00 30.34 ? 218 HOH D O     1 
HETATM 1233 O  O     . HOH D 4 .   ? -4.829  3.729   -12.511 1.00 22.84 ? 219 HOH D O     1 
HETATM 1234 O  O     . HOH D 4 .   ? -4.056  7.339   -10.854 1.00 25.40 ? 220 HOH D O     1 
HETATM 1235 O  O     . HOH D 4 .   ? -5.710  -6.363  -9.960  1.00 16.06 ? 221 HOH D O     1 
HETATM 1236 O  O     . HOH D 4 .   ? 11.200  -12.746 1.629   1.00 29.72 ? 222 HOH D O     1 
HETATM 1237 O  O     . HOH D 4 .   ? -0.846  12.611  0.150   1.00 20.44 ? 223 HOH D O     1 
HETATM 1238 O  O     . HOH D 4 .   ? -0.855  -12.244 -0.427  1.00 17.39 ? 224 HOH D O     1 
HETATM 1239 O  O     . HOH D 4 .   ? 0.557   -13.057 -2.576  1.00 18.75 ? 225 HOH D O     1 
HETATM 1240 O  O     . HOH D 4 .   ? -13.307 12.121  5.000   1.00 20.76 ? 226 HOH D O     1 
HETATM 1241 O  O     . HOH D 4 .   ? 15.773  2.217   -5.211  1.00 24.83 ? 227 HOH D O     1 
HETATM 1242 O  O     . HOH D 4 .   ? 16.712  2.832   -3.180  1.00 23.81 ? 228 HOH D O     1 
HETATM 1243 O  O     . HOH D 4 .   ? -5.764  -9.447  7.431   1.00 20.00 ? 229 HOH D O     1 
HETATM 1244 O  O     . HOH D 4 .   ? -11.593 -7.279  5.115   1.00 20.00 ? 230 HOH D O     1 
HETATM 1245 O  O     . HOH D 4 .   ? -13.436 -6.038  6.644   1.00 20.00 ? 231 HOH D O     1 
HETATM 1246 O  O     . HOH D 4 .   ? -6.453  9.560   -2.633  1.00 20.00 ? 232 HOH D O     1 
HETATM 1247 O  O     . HOH D 4 .   ? -1.890  -10.729 7.657   1.00 20.00 ? 233 HOH D O     1 
HETATM 1248 O  O     . HOH D 4 .   ? 7.406   -10.104 -5.843  1.00 20.00 ? 234 HOH D O     1 
HETATM 1249 O  O     . HOH D 4 .   ? -5.843  -13.632 -2.308  1.00 20.00 ? 235 HOH D O     1 
HETATM 1250 O  O     . HOH D 4 .   ? 7.622   -8.983  -7.878  1.00 20.00 ? 236 HOH D O     1 
HETATM 1251 O  O     . HOH D 4 .   ? -15.522 6.552   -0.423  1.00 20.00 ? 237 HOH D O     1 
HETATM 1252 O  O     . HOH D 4 .   ? -14.127 9.645   2.947   1.00 20.00 ? 238 HOH D O     1 
HETATM 1253 O  O     . HOH D 4 .   ? -7.431  7.080   -11.719 1.00 20.00 ? 239 HOH D O     1 
HETATM 1254 O  O     . HOH D 4 .   ? -1.287  -13.374 10.288  1.00 20.00 ? 240 HOH D O     1 
HETATM 1255 O  O     . HOH D 4 .   ? 9.150   -17.913 11.793  1.00 20.00 ? 241 HOH D O     1 
HETATM 1256 O  O     . HOH D 4 .   ? -7.445  -7.513  4.906   1.00 20.00 ? 242 HOH D O     1 
HETATM 1257 O  O     . HOH D 4 .   ? -0.329  -9.716  -14.766 1.00 20.00 ? 243 HOH D O     1 
HETATM 1258 O  O     . HOH D 4 .   ? 9.095   -14.165 2.258   1.00 20.00 ? 244 HOH D O     1 
HETATM 1259 O  O     . HOH D 4 .   ? -2.695  2.533   13.132  1.00 20.00 ? 245 HOH D O     1 
HETATM 1260 O  O     . HOH D 4 .   ? 6.191   -5.463  14.314  1.00 20.00 ? 246 HOH D O     1 
HETATM 1261 O  O     . HOH D 4 .   ? -7.498  14.325  8.804   1.00 20.00 ? 247 HOH D O     1 
HETATM 1262 O  O     . HOH D 4 .   ? -3.924  9.445   -7.292  1.00 20.00 ? 248 HOH D O     1 
# 
loop_
_pdbx_poly_seq_scheme.asym_id 
_pdbx_poly_seq_scheme.entity_id 
_pdbx_poly_seq_scheme.seq_id 
_pdbx_poly_seq_scheme.mon_id 
_pdbx_poly_seq_scheme.ndb_seq_num 
_pdbx_poly_seq_scheme.pdb_seq_num 
_pdbx_poly_seq_scheme.auth_seq_num 
_pdbx_poly_seq_scheme.pdb_mon_id 
_pdbx_poly_seq_scheme.auth_mon_id 
_pdbx_poly_seq_scheme.pdb_strand_id 
_pdbx_poly_seq_scheme.pdb_ins_code 
_pdbx_poly_seq_scheme.hetero 
A 1 1   GLY 1   -1  ?   ?   ?   D . n 
A 1 2   SER 2   0   ?   ?   ?   D . n 
A 1 3   MET 3   1   ?   ?   ?   D . n 
A 1 4   SER 4   2   ?   ?   ?   D . n 
A 1 5   ALA 5   3   ?   ?   ?   D . n 
A 1 6   SER 6   4   ?   ?   ?   D . n 
A 1 7   ARG 7   5   5   ARG ARG D . n 
A 1 8   PHE 8   6   6   PHE PHE D . n 
A 1 9   ILE 9   7   7   ILE ILE D . n 
A 1 10  LYS 10  8   8   LYS LYS D . n 
A 1 11  CYS 11  9   9   CYS CYS D . n 
A 1 12  VAL 12  10  10  VAL VAL D . n 
A 1 13  THR 13  11  11  THR THR D . n 
A 1 14  VAL 14  12  12  VAL VAL D . n 
A 1 15  GLY 15  13  13  GLY GLY D . n 
A 1 16  ASP 16  14  14  ASP ASP D . n 
A 1 17  GLY 17  15  15  GLY GLY D . n 
A 1 18  ALA 18  16  16  ALA ALA D . n 
A 1 19  VAL 19  17  17  VAL VAL D . n 
A 1 20  GLY 20  18  18  GLY GLY D . n 
A 1 21  LYS 21  19  19  LYS LYS D . n 
A 1 22  THR 22  20  20  THR THR D . n 
A 1 23  CYS 23  21  21  CYS CYS D . n 
A 1 24  LEU 24  22  22  LEU LEU D . n 
A 1 25  LEU 25  23  23  LEU LEU D . n 
A 1 26  ILE 26  24  24  ILE ILE D . n 
A 1 27  SER 27  25  25  SER SER D . n 
A 1 28  TYR 28  26  26  TYR TYR D . n 
A 1 29  THR 29  27  27  THR THR D . n 
A 1 30  SER 30  28  28  SER SER D . n 
A 1 31  ASN 31  29  29  ASN ASN D . n 
A 1 32  THR 32  30  30  THR THR D . n 
A 1 33  PHE 33  31  31  PHE PHE D . n 
A 1 34  PRO 34  32  32  PRO PRO D . n 
A 1 35  THR 35  33  ?   ?   ?   D . n 
A 1 36  ASP 36  34  ?   ?   ?   D . n 
A 1 37  TYR 37  35  ?   ?   ?   D . n 
A 1 38  VAL 38  36  ?   ?   ?   D . n 
A 1 39  PRO 39  37  ?   ?   ?   D . n 
A 1 40  THR 40  38  ?   ?   ?   D . n 
A 1 41  VAL 41  39  ?   ?   ?   D . n 
A 1 42  PHE 42  40  ?   ?   ?   D . n 
A 1 43  ASP 43  41  ?   ?   ?   D . n 
A 1 44  ASN 44  42  ?   ?   ?   D . n 
A 1 45  PHE 45  43  43  PHE PHE D . n 
A 1 46  SER 46  44  44  SER SER D . n 
A 1 47  ALA 47  45  45  ALA ALA D . n 
A 1 48  ASN 48  46  46  ASN ASN D . n 
A 1 49  VAL 49  47  47  VAL VAL D . n 
A 1 50  VAL 50  48  48  VAL VAL D . n 
A 1 51  VAL 51  49  ?   ?   ?   D . n 
A 1 52  ASN 52  50  ?   ?   ?   D . n 
A 1 53  GLY 53  51  ?   ?   ?   D . n 
A 1 54  ALA 54  52  ?   ?   ?   D . n 
A 1 55  THR 55  53  ?   ?   ?   D . n 
A 1 56  VAL 56  54  ?   ?   ?   D . n 
A 1 57  ASN 57  55  ?   ?   ?   D . n 
A 1 58  LEU 58  56  56  LEU LEU D . n 
A 1 59  GLY 59  57  57  GLY GLY D . n 
A 1 60  LEU 60  58  58  LEU LEU D . n 
A 1 61  TRP 61  59  59  TRP TRP D . n 
A 1 62  ASP 62  60  60  ASP ASP D . n 
A 1 63  THR 63  61  61  THR THR D . n 
A 1 64  ALA 64  62  62  ALA ALA D . n 
A 1 65  GLY 65  63  63  GLY GLY D . n 
A 1 66  GLN 66  64  ?   ?   ?   D . n 
A 1 67  GLU 67  65  65  GLU GLU D . n 
A 1 68  ASP 68  66  66  ASP ASP D . n 
A 1 69  TYR 69  67  67  TYR TYR D . n 
A 1 70  ASN 70  68  68  ASN ASN D . n 
A 1 71  ARG 71  69  69  ARG ARG D . n 
A 1 72  LEU 72  70  70  LEU LEU D . n 
A 1 73  ARG 73  71  71  ARG ARG D . n 
A 1 74  PRO 74  72  72  PRO PRO D . n 
A 1 75  LEU 75  73  73  LEU LEU D . n 
A 1 76  SER 76  74  74  SER SER D . n 
A 1 77  TYR 77  75  75  TYR TYR D . n 
A 1 78  ARG 78  76  76  ARG ARG D . n 
A 1 79  GLY 79  77  77  GLY GLY D . n 
A 1 80  ALA 80  78  78  ALA ALA D . n 
A 1 81  ASP 81  79  79  ASP ASP D . n 
A 1 82  VAL 82  80  80  VAL VAL D . n 
A 1 83  PHE 83  81  81  PHE PHE D . n 
A 1 84  ILE 84  82  82  ILE ILE D . n 
A 1 85  LEU 85  83  83  LEU LEU D . n 
A 1 86  ALA 86  84  84  ALA ALA D . n 
A 1 87  PHE 87  85  85  PHE PHE D . n 
A 1 88  SER 88  86  86  SER SER D . n 
A 1 89  LEU 89  87  87  LEU LEU D . n 
A 1 90  ILE 90  88  88  ILE ILE D . n 
A 1 91  SER 91  89  89  SER SER D . n 
A 1 92  LYS 92  90  90  LYS LYS D . n 
A 1 93  ALA 93  91  91  ALA ALA D . n 
A 1 94  SER 94  92  92  SER SER D . n 
A 1 95  TYR 95  93  93  TYR TYR D . n 
A 1 96  GLU 96  94  94  GLU GLU D . n 
A 1 97  ASN 97  95  95  ASN ASN D . n 
A 1 98  VAL 98  96  96  VAL VAL D . n 
A 1 99  SER 99  97  97  SER SER D . n 
A 1 100 LYS 100 98  98  LYS LYS D . n 
A 1 101 LYS 101 99  99  LYS LYS D . n 
A 1 102 TRP 102 100 100 TRP TRP D . n 
A 1 103 ILE 103 101 101 ILE ILE D . n 
A 1 104 PRO 104 102 102 PRO PRO D . n 
A 1 105 GLU 105 103 103 GLU GLU D . n 
A 1 106 LEU 106 104 104 LEU LEU D . n 
A 1 107 LYS 107 105 105 LYS LYS D . n 
A 1 108 HIS 108 106 106 HIS HIS D . n 
A 1 109 TYR 109 107 107 TYR TYR D . n 
A 1 110 ALA 110 108 108 ALA ALA D . n 
A 1 111 PRO 111 109 109 PRO PRO D . n 
A 1 112 GLY 112 110 110 GLY GLY D . n 
A 1 113 VAL 113 111 111 VAL VAL D . n 
A 1 114 PRO 114 112 112 PRO PRO D . n 
A 1 115 ILE 115 113 113 ILE ILE D . n 
A 1 116 VAL 116 114 114 VAL VAL D . n 
A 1 117 LEU 117 115 115 LEU LEU D . n 
A 1 118 VAL 118 116 116 VAL VAL D . n 
A 1 119 GLY 119 117 117 GLY GLY D . n 
A 1 120 THR 120 118 118 THR THR D . n 
A 1 121 LYS 121 119 119 LYS LYS D . n 
A 1 122 LEU 122 120 120 LEU LEU D . n 
A 1 123 ASP 123 121 121 ASP ASP D . n 
A 1 124 LEU 124 122 122 LEU LEU D . n 
A 1 125 ARG 125 123 123 ARG ARG D . n 
A 1 126 ASP 126 124 124 ASP ASP D . n 
A 1 127 ASP 127 125 125 ASP ASP D . n 
A 1 128 LYS 128 126 126 LYS LYS D . n 
A 1 129 GLN 129 127 127 GLN GLN D . n 
A 1 130 PHE 130 128 128 PHE PHE D . n 
A 1 131 PHE 131 129 129 PHE PHE D . n 
A 1 132 ILE 132 130 130 ILE ILE D . n 
A 1 133 ASP 133 131 131 ASP ASP D . n 
A 1 134 HIS 134 132 132 HIS HIS D . n 
A 1 135 PRO 135 133 ?   ?   ?   D . n 
A 1 136 GLY 136 134 ?   ?   ?   D . n 
A 1 137 ALA 137 135 135 ALA ALA D . n 
A 1 138 VAL 138 136 136 VAL VAL D . n 
A 1 139 PRO 139 137 137 PRO PRO D . n 
A 1 140 ILE 140 138 138 ILE ILE D . n 
A 1 141 THR 141 139 139 THR THR D . n 
A 1 142 THR 142 140 140 THR THR D . n 
A 1 143 VAL 143 141 141 VAL VAL D . n 
A 1 144 GLN 144 142 142 GLN GLN D . n 
A 1 145 GLY 145 143 143 GLY GLY D . n 
A 1 146 GLU 146 144 144 GLU GLU D . n 
A 1 147 GLU 147 145 145 GLU GLU D . n 
A 1 148 LEU 148 146 146 LEU LEU D . n 
A 1 149 LYS 149 147 147 LYS LYS D . n 
A 1 150 LYS 150 148 148 LYS LYS D . n 
A 1 151 LEU 151 149 149 LEU LEU D . n 
A 1 152 ILE 152 150 150 ILE ILE D . n 
A 1 153 GLY 153 151 151 GLY GLY D . n 
A 1 154 ALA 154 152 152 ALA ALA D . n 
A 1 155 PRO 155 153 153 PRO PRO D . n 
A 1 156 ALA 156 154 154 ALA ALA D . n 
A 1 157 TYR 157 155 155 TYR TYR D . n 
A 1 158 ILE 158 156 156 ILE ILE D . n 
A 1 159 GLU 159 157 157 GLU GLU D . n 
A 1 160 CYS 160 158 158 CYS CYS D . n 
A 1 161 SER 161 159 159 SER SER D . n 
A 1 162 SER 162 160 160 SER SER D . n 
A 1 163 LYS 163 161 161 LYS LYS D . n 
A 1 164 SER 164 162 162 SER SER D . n 
A 1 165 GLN 165 163 163 GLN GLN D . n 
A 1 166 GLU 166 164 164 GLU GLU D . n 
A 1 167 ASN 167 165 165 ASN ASN D . n 
A 1 168 VAL 168 166 166 VAL VAL D . n 
A 1 169 LYS 169 167 167 LYS LYS D . n 
A 1 170 GLY 170 168 168 GLY GLY D . n 
A 1 171 VAL 171 169 169 VAL VAL D . n 
A 1 172 PHE 172 170 170 PHE PHE D . n 
A 1 173 ASP 173 171 171 ASP ASP D . n 
A 1 174 ALA 174 172 172 ALA ALA D . n 
A 1 175 ALA 175 173 173 ALA ALA D . n 
A 1 176 ILE 176 174 174 ILE ILE D . n 
A 1 177 ARG 177 175 175 ARG ARG D . n 
A 1 178 VAL 178 176 176 VAL VAL D . n 
A 1 179 VAL 179 177 177 VAL VAL D . n 
A 1 180 LEU 180 178 178 LEU LEU D . n 
A 1 181 GLN 181 179 179 GLN GLN D . n 
A 1 182 PRO 182 180 180 PRO PRO D . n 
# 
loop_
_pdbx_nonpoly_scheme.asym_id 
_pdbx_nonpoly_scheme.entity_id 
_pdbx_nonpoly_scheme.mon_id 
_pdbx_nonpoly_scheme.ndb_seq_num 
_pdbx_nonpoly_scheme.pdb_seq_num 
_pdbx_nonpoly_scheme.auth_seq_num 
_pdbx_nonpoly_scheme.pdb_mon_id 
_pdbx_nonpoly_scheme.auth_mon_id 
_pdbx_nonpoly_scheme.pdb_strand_id 
_pdbx_nonpoly_scheme.pdb_ins_code 
B 2 MG  1  181 1   MG  MG  D . 
C 3 GDP 1  200 200 GDP GDP D . 
D 4 HOH 1  201 1   HOH HOH D . 
D 4 HOH 2  202 2   HOH HOH D . 
D 4 HOH 3  203 3   HOH HOH D . 
D 4 HOH 4  204 4   HOH HOH D . 
D 4 HOH 5  205 5   HOH HOH D . 
D 4 HOH 6  206 6   HOH HOH D . 
D 4 HOH 7  207 7   HOH HOH D . 
D 4 HOH 8  208 8   HOH HOH D . 
D 4 HOH 9  209 9   HOH HOH D . 
D 4 HOH 10 210 10  HOH HOH D . 
D 4 HOH 11 211 11  HOH HOH D . 
D 4 HOH 12 212 12  HOH HOH D . 
D 4 HOH 13 213 13  HOH HOH D . 
D 4 HOH 14 214 14  HOH HOH D . 
D 4 HOH 15 215 15  HOH HOH D . 
D 4 HOH 16 216 16  HOH HOH D . 
D 4 HOH 17 217 17  HOH HOH D . 
D 4 HOH 18 218 18  HOH HOH D . 
D 4 HOH 19 219 19  HOH HOH D . 
D 4 HOH 20 220 20  HOH HOH D . 
D 4 HOH 21 221 21  HOH HOH D . 
D 4 HOH 22 222 22  HOH HOH D . 
D 4 HOH 23 223 23  HOH HOH D . 
D 4 HOH 24 224 24  HOH HOH D . 
D 4 HOH 25 225 25  HOH HOH D . 
D 4 HOH 26 226 26  HOH HOH D . 
D 4 HOH 27 227 27  HOH HOH D . 
D 4 HOH 28 228 28  HOH HOH D . 
D 4 HOH 29 229 29  HOH HOH D . 
D 4 HOH 30 230 30  HOH HOH D . 
D 4 HOH 31 231 31  HOH HOH D . 
D 4 HOH 32 232 32  HOH HOH D . 
D 4 HOH 33 233 33  HOH HOH D . 
D 4 HOH 34 234 34  HOH HOH D . 
D 4 HOH 35 235 35  HOH HOH D . 
D 4 HOH 36 236 36  HOH HOH D . 
D 4 HOH 37 237 37  HOH HOH D . 
D 4 HOH 38 238 38  HOH HOH D . 
D 4 HOH 39 239 39  HOH HOH D . 
D 4 HOH 40 240 40  HOH HOH D . 
D 4 HOH 41 241 41  HOH HOH D . 
D 4 HOH 42 242 42  HOH HOH D . 
D 4 HOH 43 243 43  HOH HOH D . 
D 4 HOH 44 244 44  HOH HOH D . 
D 4 HOH 45 245 45  HOH HOH D . 
D 4 HOH 46 246 46  HOH HOH D . 
D 4 HOH 47 247 47  HOH HOH D . 
D 4 HOH 48 248 48  HOH HOH D . 
# 
_pdbx_struct_assembly.id                   1 
_pdbx_struct_assembly.details              author_and_software_defined_assembly 
_pdbx_struct_assembly.method_details       PISA 
_pdbx_struct_assembly.oligomeric_details   monomeric 
_pdbx_struct_assembly.oligomeric_count     1 
# 
_pdbx_struct_assembly_gen.assembly_id       1 
_pdbx_struct_assembly_gen.oper_expression   1 
_pdbx_struct_assembly_gen.asym_id_list      A,B,C,D 
# 
_pdbx_struct_oper_list.id                   1 
_pdbx_struct_oper_list.type                 'identity operation' 
_pdbx_struct_oper_list.name                 1_555 
_pdbx_struct_oper_list.symmetry_operation   x,y,z 
_pdbx_struct_oper_list.matrix[1][1]         1.0000000000 
_pdbx_struct_oper_list.matrix[1][2]         0.0000000000 
_pdbx_struct_oper_list.matrix[1][3]         0.0000000000 
_pdbx_struct_oper_list.vector[1]            0.0000000000 
_pdbx_struct_oper_list.matrix[2][1]         0.0000000000 
_pdbx_struct_oper_list.matrix[2][2]         1.0000000000 
_pdbx_struct_oper_list.matrix[2][3]         0.0000000000 
_pdbx_struct_oper_list.vector[2]            0.0000000000 
_pdbx_struct_oper_list.matrix[3][1]         0.0000000000 
_pdbx_struct_oper_list.matrix[3][2]         0.0000000000 
_pdbx_struct_oper_list.matrix[3][3]         1.0000000000 
_pdbx_struct_oper_list.vector[3]            0.0000000000 
# 
loop_
_pdbx_struct_conn_angle.id 
_pdbx_struct_conn_angle.ptnr1_label_atom_id 
_pdbx_struct_conn_angle.ptnr1_label_alt_id 
_pdbx_struct_conn_angle.ptnr1_label_asym_id 
_pdbx_struct_conn_angle.ptnr1_label_comp_id 
_pdbx_struct_conn_angle.ptnr1_label_seq_id 
_pdbx_struct_conn_angle.ptnr1_auth_atom_id 
_pdbx_struct_conn_angle.ptnr1_auth_asym_id 
_pdbx_struct_conn_angle.ptnr1_auth_comp_id 
_pdbx_struct_conn_angle.ptnr1_auth_seq_id 
_pdbx_struct_conn_angle.ptnr1_PDB_ins_code 
_pdbx_struct_conn_angle.ptnr1_symmetry 
_pdbx_struct_conn_angle.ptnr2_label_atom_id 
_pdbx_struct_conn_angle.ptnr2_label_alt_id 
_pdbx_struct_conn_angle.ptnr2_label_asym_id 
_pdbx_struct_conn_angle.ptnr2_label_comp_id 
_pdbx_struct_conn_angle.ptnr2_label_seq_id 
_pdbx_struct_conn_angle.ptnr2_auth_atom_id 
_pdbx_struct_conn_angle.ptnr2_auth_asym_id 
_pdbx_struct_conn_angle.ptnr2_auth_comp_id 
_pdbx_struct_conn_angle.ptnr2_auth_seq_id 
_pdbx_struct_conn_angle.ptnr2_PDB_ins_code 
_pdbx_struct_conn_angle.ptnr2_symmetry 
_pdbx_struct_conn_angle.ptnr3_label_atom_id 
_pdbx_struct_conn_angle.ptnr3_label_alt_id 
_pdbx_struct_conn_angle.ptnr3_label_asym_id 
_pdbx_struct_conn_angle.ptnr3_label_comp_id 
_pdbx_struct_conn_angle.ptnr3_label_seq_id 
_pdbx_struct_conn_angle.ptnr3_auth_atom_id 
_pdbx_struct_conn_angle.ptnr3_auth_asym_id 
_pdbx_struct_conn_angle.ptnr3_auth_comp_id 
_pdbx_struct_conn_angle.ptnr3_auth_seq_id 
_pdbx_struct_conn_angle.ptnr3_PDB_ins_code 
_pdbx_struct_conn_angle.ptnr3_symmetry 
_pdbx_struct_conn_angle.value 
_pdbx_struct_conn_angle.value_esd 
1  OG1 ? A THR 22 ? D THR 20  ? 1_555 MG ? B MG . ? D MG 181 ? 1_555 O2B ? C GDP . ? D GDP 200 ? 1_555 98.5  ? 
2  OG1 ? A THR 22 ? D THR 20  ? 1_555 MG ? B MG . ? D MG 181 ? 1_555 O   ? D HOH . ? D HOH 209 ? 1_555 86.7  ? 
3  O2B ? C GDP .  ? D GDP 200 ? 1_555 MG ? B MG . ? D MG 181 ? 1_555 O   ? D HOH . ? D HOH 209 ? 1_555 93.5  ? 
4  OG1 ? A THR 22 ? D THR 20  ? 1_555 MG ? B MG . ? D MG 181 ? 1_555 O   ? D HOH . ? D HOH 210 ? 1_555 92.1  ? 
5  O2B ? C GDP .  ? D GDP 200 ? 1_555 MG ? B MG . ? D MG 181 ? 1_555 O   ? D HOH . ? D HOH 210 ? 1_555 87.7  ? 
6  O   ? D HOH .  ? D HOH 209 ? 1_555 MG ? B MG . ? D MG 181 ? 1_555 O   ? D HOH . ? D HOH 210 ? 1_555 178.4 ? 
7  OG1 ? A THR 22 ? D THR 20  ? 1_555 MG ? B MG . ? D MG 181 ? 1_555 O   ? D HOH . ? D HOH 224 ? 1_555 171.7 ? 
8  O2B ? C GDP .  ? D GDP 200 ? 1_555 MG ? B MG . ? D MG 181 ? 1_555 O   ? D HOH . ? D HOH 224 ? 1_555 89.2  ? 
9  O   ? D HOH .  ? D HOH 209 ? 1_555 MG ? B MG . ? D MG 181 ? 1_555 O   ? D HOH . ? D HOH 224 ? 1_555 89.9  ? 
10 O   ? D HOH .  ? D HOH 210 ? 1_555 MG ? B MG . ? D MG 181 ? 1_555 O   ? D HOH . ? D HOH 224 ? 1_555 91.1  ? 
11 OG1 ? A THR 22 ? D THR 20  ? 1_555 MG ? B MG . ? D MG 181 ? 1_555 O   ? D HOH . ? D HOH 225 ? 1_555 92.0  ? 
12 O2B ? C GDP .  ? D GDP 200 ? 1_555 MG ? B MG . ? D MG 181 ? 1_555 O   ? D HOH . ? D HOH 225 ? 1_555 169.0 ? 
13 O   ? D HOH .  ? D HOH 209 ? 1_555 MG ? B MG . ? D MG 181 ? 1_555 O   ? D HOH . ? D HOH 225 ? 1_555 90.2  ? 
14 O   ? D HOH .  ? D HOH 210 ? 1_555 MG ? B MG . ? D MG 181 ? 1_555 O   ? D HOH . ? D HOH 225 ? 1_555 88.8  ? 
15 O   ? D HOH .  ? D HOH 224 ? 1_555 MG ? B MG . ? D MG 181 ? 1_555 O   ? D HOH . ? D HOH 225 ? 1_555 80.4  ? 
# 
loop_
_pdbx_audit_revision_history.ordinal 
_pdbx_audit_revision_history.data_content_type 
_pdbx_audit_revision_history.major_revision 
_pdbx_audit_revision_history.minor_revision 
_pdbx_audit_revision_history.revision_date 
1 'Structure model' 1 0 2008-03-11 
2 'Structure model' 1 1 2011-07-13 
3 'Structure model' 1 2 2023-08-30 
# 
_pdbx_audit_revision_details.ordinal             1 
_pdbx_audit_revision_details.revision_ordinal    1 
_pdbx_audit_revision_details.data_content_type   'Structure model' 
_pdbx_audit_revision_details.provider            repository 
_pdbx_audit_revision_details.type                'Initial release' 
_pdbx_audit_revision_details.description         ? 
_pdbx_audit_revision_details.details             ? 
# 
loop_
_pdbx_audit_revision_group.ordinal 
_pdbx_audit_revision_group.revision_ordinal 
_pdbx_audit_revision_group.data_content_type 
_pdbx_audit_revision_group.group 
1 2 'Structure model' 'Version format compliance' 
2 3 'Structure model' 'Data collection'           
3 3 'Structure model' 'Database references'       
4 3 'Structure model' 'Derived calculations'      
5 3 'Structure model' 'Refinement description'    
# 
loop_
_pdbx_audit_revision_category.ordinal 
_pdbx_audit_revision_category.revision_ordinal 
_pdbx_audit_revision_category.data_content_type 
_pdbx_audit_revision_category.category 
1 3 'Structure model' chem_comp_atom                
2 3 'Structure model' chem_comp_bond                
3 3 'Structure model' database_2                    
4 3 'Structure model' pdbx_initial_refinement_model 
5 3 'Structure model' pdbx_struct_conn_angle        
6 3 'Structure model' struct_conn                   
7 3 'Structure model' struct_ref_seq_dif            
8 3 'Structure model' struct_site                   
# 
loop_
_pdbx_audit_revision_item.ordinal 
_pdbx_audit_revision_item.revision_ordinal 
_pdbx_audit_revision_item.data_content_type 
_pdbx_audit_revision_item.item 
1  3 'Structure model' '_database_2.pdbx_DOI'                      
2  3 'Structure model' '_database_2.pdbx_database_accession'       
3  3 'Structure model' '_pdbx_struct_conn_angle.ptnr1_auth_seq_id' 
4  3 'Structure model' '_pdbx_struct_conn_angle.ptnr3_auth_seq_id' 
5  3 'Structure model' '_pdbx_struct_conn_angle.value'             
6  3 'Structure model' '_struct_conn.pdbx_dist_value'              
7  3 'Structure model' '_struct_conn.ptnr2_auth_seq_id'            
8  3 'Structure model' '_struct_ref_seq_dif.details'               
9  3 'Structure model' '_struct_site.pdbx_auth_asym_id'            
10 3 'Structure model' '_struct_site.pdbx_auth_comp_id'            
11 3 'Structure model' '_struct_site.pdbx_auth_seq_id'             
# 
_software.name             REFMAC 
_software.classification   refinement 
_software.version          5.2.0019 
_software.citation_id      ? 
_software.pdbx_ordinal     1 
# 
loop_
_pdbx_validate_rmsd_bond.id 
_pdbx_validate_rmsd_bond.PDB_model_num 
_pdbx_validate_rmsd_bond.auth_atom_id_1 
_pdbx_validate_rmsd_bond.auth_asym_id_1 
_pdbx_validate_rmsd_bond.auth_comp_id_1 
_pdbx_validate_rmsd_bond.auth_seq_id_1 
_pdbx_validate_rmsd_bond.PDB_ins_code_1 
_pdbx_validate_rmsd_bond.label_alt_id_1 
_pdbx_validate_rmsd_bond.auth_atom_id_2 
_pdbx_validate_rmsd_bond.auth_asym_id_2 
_pdbx_validate_rmsd_bond.auth_comp_id_2 
_pdbx_validate_rmsd_bond.auth_seq_id_2 
_pdbx_validate_rmsd_bond.PDB_ins_code_2 
_pdbx_validate_rmsd_bond.label_alt_id_2 
_pdbx_validate_rmsd_bond.bond_value 
_pdbx_validate_rmsd_bond.bond_target_value 
_pdbx_validate_rmsd_bond.bond_deviation 
_pdbx_validate_rmsd_bond.bond_standard_deviation 
_pdbx_validate_rmsd_bond.linker_flag 
1 1 C   D PHE 6   ? ? O   D PHE 6   ? ? 1.092 1.229 -0.137 0.019 N 
2 1 C   D GLY 13  ? ? O   D GLY 13  ? ? 1.126 1.232 -0.106 0.016 N 
3 1 CB  D SER 25  ? B OG  D SER 25  ? B 1.294 1.418 -0.124 0.013 N 
4 1 CB  D SER 28  ? B OG  D SER 28  ? B 1.339 1.418 -0.079 0.013 N 
5 1 CD1 D TYR 67  ? ? CE1 D TYR 67  ? ? 1.289 1.389 -0.100 0.015 N 
6 1 CD  D LYS 147 ? ? CE  D LYS 147 ? ? 1.351 1.508 -0.157 0.025 N 
7 1 CB  D CYS 158 ? B SG  D CYS 158 ? B 1.649 1.812 -0.163 0.016 N 
8 1 CB  D VAL 177 ? ? CG2 D VAL 177 ? ? 1.270 1.524 -0.254 0.021 N 
# 
_pdbx_validate_rmsd_angle.id                         1 
_pdbx_validate_rmsd_angle.PDB_model_num              1 
_pdbx_validate_rmsd_angle.auth_atom_id_1             CA 
_pdbx_validate_rmsd_angle.auth_asym_id_1             D 
_pdbx_validate_rmsd_angle.auth_comp_id_1             CYS 
_pdbx_validate_rmsd_angle.auth_seq_id_1              9 
_pdbx_validate_rmsd_angle.PDB_ins_code_1             ? 
_pdbx_validate_rmsd_angle.label_alt_id_1             B 
_pdbx_validate_rmsd_angle.auth_atom_id_2             CB 
_pdbx_validate_rmsd_angle.auth_asym_id_2             D 
_pdbx_validate_rmsd_angle.auth_comp_id_2             CYS 
_pdbx_validate_rmsd_angle.auth_seq_id_2              9 
_pdbx_validate_rmsd_angle.PDB_ins_code_2             ? 
_pdbx_validate_rmsd_angle.label_alt_id_2             B 
_pdbx_validate_rmsd_angle.auth_atom_id_3             SG 
_pdbx_validate_rmsd_angle.auth_asym_id_3             D 
_pdbx_validate_rmsd_angle.auth_comp_id_3             CYS 
_pdbx_validate_rmsd_angle.auth_seq_id_3              9 
_pdbx_validate_rmsd_angle.PDB_ins_code_3             ? 
_pdbx_validate_rmsd_angle.label_alt_id_3             B 
_pdbx_validate_rmsd_angle.angle_value                128.19 
_pdbx_validate_rmsd_angle.angle_target_value         114.20 
_pdbx_validate_rmsd_angle.angle_deviation            13.99 
_pdbx_validate_rmsd_angle.angle_standard_deviation   1.10 
_pdbx_validate_rmsd_angle.linker_flag                N 
# 
loop_
_pdbx_validate_torsion.id 
_pdbx_validate_torsion.PDB_model_num 
_pdbx_validate_torsion.auth_comp_id 
_pdbx_validate_torsion.auth_asym_id 
_pdbx_validate_torsion.auth_seq_id 
_pdbx_validate_torsion.PDB_ins_code 
_pdbx_validate_torsion.label_alt_id 
_pdbx_validate_torsion.phi 
_pdbx_validate_torsion.psi 
1 1 ALA D 108 ? ? -152.86 60.18 
2 1 GLN D 163 ? ? 73.38   -4.63 
# 
_pdbx_validate_peptide_omega.id               1 
_pdbx_validate_peptide_omega.PDB_model_num    1 
_pdbx_validate_peptide_omega.auth_comp_id_1   GLN 
_pdbx_validate_peptide_omega.auth_asym_id_1   D 
_pdbx_validate_peptide_omega.auth_seq_id_1    179 
_pdbx_validate_peptide_omega.PDB_ins_code_1   ? 
_pdbx_validate_peptide_omega.label_alt_id_1   ? 
_pdbx_validate_peptide_omega.auth_comp_id_2   PRO 
_pdbx_validate_peptide_omega.auth_asym_id_2   D 
_pdbx_validate_peptide_omega.auth_seq_id_2    180 
_pdbx_validate_peptide_omega.PDB_ins_code_2   ? 
_pdbx_validate_peptide_omega.label_alt_id_2   ? 
_pdbx_validate_peptide_omega.omega            30.90 
# 
loop_
_pdbx_unobs_or_zero_occ_atoms.id 
_pdbx_unobs_or_zero_occ_atoms.PDB_model_num 
_pdbx_unobs_or_zero_occ_atoms.polymer_flag 
_pdbx_unobs_or_zero_occ_atoms.occupancy_flag 
_pdbx_unobs_or_zero_occ_atoms.auth_asym_id 
_pdbx_unobs_or_zero_occ_atoms.auth_comp_id 
_pdbx_unobs_or_zero_occ_atoms.auth_seq_id 
_pdbx_unobs_or_zero_occ_atoms.PDB_ins_code 
_pdbx_unobs_or_zero_occ_atoms.auth_atom_id 
_pdbx_unobs_or_zero_occ_atoms.label_alt_id 
_pdbx_unobs_or_zero_occ_atoms.label_asym_id 
_pdbx_unobs_or_zero_occ_atoms.label_comp_id 
_pdbx_unobs_or_zero_occ_atoms.label_seq_id 
_pdbx_unobs_or_zero_occ_atoms.label_atom_id 
1  1 Y 1 D ARG 5   ? CG  ? A ARG 7   CG  
2  1 Y 1 D ARG 5   ? CD  ? A ARG 7   CD  
3  1 Y 1 D ARG 5   ? NE  ? A ARG 7   NE  
4  1 Y 1 D ARG 5   ? CZ  ? A ARG 7   CZ  
5  1 Y 1 D ARG 5   ? NH1 ? A ARG 7   NH1 
6  1 Y 1 D ARG 5   ? NH2 ? A ARG 7   NH2 
7  1 Y 1 D PHE 6   ? CG  ? A PHE 8   CG  
8  1 Y 1 D PHE 6   ? CD1 ? A PHE 8   CD1 
9  1 Y 1 D PHE 6   ? CD2 ? A PHE 8   CD2 
10 1 Y 1 D PHE 6   ? CE1 ? A PHE 8   CE1 
11 1 Y 1 D PHE 6   ? CE2 ? A PHE 8   CE2 
12 1 Y 1 D PHE 6   ? CZ  ? A PHE 8   CZ  
13 1 Y 1 D VAL 47  ? CG1 ? A VAL 49  CG1 
14 1 Y 1 D VAL 47  ? CG2 ? A VAL 49  CG2 
15 1 Y 1 D VAL 48  ? CG1 ? A VAL 50  CG1 
16 1 Y 1 D VAL 48  ? CG2 ? A VAL 50  CG2 
17 1 Y 1 D GLU 65  ? CG  ? A GLU 67  CG  
18 1 Y 1 D GLU 65  ? CD  ? A GLU 67  CD  
19 1 Y 1 D GLU 65  ? OE1 ? A GLU 67  OE1 
20 1 Y 1 D GLU 65  ? OE2 ? A GLU 67  OE2 
21 1 Y 1 D ASP 66  ? CG  ? A ASP 68  CG  
22 1 Y 1 D ASP 66  ? OD1 ? A ASP 68  OD1 
23 1 Y 1 D ASP 66  ? OD2 ? A ASP 68  OD2 
24 1 Y 1 D ARG 76  ? CG  ? A ARG 78  CG  
25 1 Y 1 D ARG 76  ? CD  ? A ARG 78  CD  
26 1 Y 1 D ARG 76  ? NE  ? A ARG 78  NE  
27 1 Y 1 D ARG 76  ? CZ  ? A ARG 78  CZ  
28 1 Y 1 D ARG 76  ? NH1 ? A ARG 78  NH1 
29 1 Y 1 D ARG 76  ? NH2 ? A ARG 78  NH2 
30 1 Y 1 D ASP 79  ? CG  ? A ASP 81  CG  
31 1 Y 1 D ASP 79  ? OD1 ? A ASP 81  OD1 
32 1 Y 1 D ASP 79  ? OD2 ? A ASP 81  OD2 
33 1 Y 1 D LYS 90  ? CG  ? A LYS 92  CG  
34 1 Y 1 D LYS 90  ? CD  ? A LYS 92  CD  
35 1 Y 1 D LYS 90  ? CE  ? A LYS 92  CE  
36 1 Y 1 D LYS 90  ? NZ  ? A LYS 92  NZ  
37 1 Y 1 D GLU 94  ? CG  ? A GLU 96  CG  
38 1 Y 1 D GLU 94  ? CD  ? A GLU 96  CD  
39 1 Y 1 D GLU 94  ? OE1 ? A GLU 96  OE1 
40 1 Y 1 D GLU 94  ? OE2 ? A GLU 96  OE2 
41 1 Y 1 D SER 97  ? OG  ? A SER 99  OG  
42 1 Y 1 D LYS 98  ? CG  ? A LYS 100 CG  
43 1 Y 1 D LYS 98  ? CD  ? A LYS 100 CD  
44 1 Y 1 D LYS 98  ? CE  ? A LYS 100 CE  
45 1 Y 1 D LYS 98  ? NZ  ? A LYS 100 NZ  
46 1 Y 1 D LYS 105 ? CG  ? A LYS 107 CG  
47 1 Y 1 D LYS 105 ? CD  ? A LYS 107 CD  
48 1 Y 1 D LYS 105 ? CE  ? A LYS 107 CE  
49 1 Y 1 D LYS 105 ? NZ  ? A LYS 107 NZ  
50 1 Y 1 D LYS 126 ? CG  ? A LYS 128 CG  
51 1 Y 1 D LYS 126 ? CD  ? A LYS 128 CD  
52 1 Y 1 D LYS 126 ? CE  ? A LYS 128 CE  
53 1 Y 1 D LYS 126 ? NZ  ? A LYS 128 NZ  
54 1 Y 1 D VAL 136 ? CG1 ? A VAL 138 CG1 
55 1 Y 1 D VAL 136 ? CG2 ? A VAL 138 CG2 
56 1 Y 1 D ASP 171 ? CG  ? A ASP 173 CG  
57 1 Y 1 D ASP 171 ? OD1 ? A ASP 173 OD1 
58 1 Y 1 D ASP 171 ? OD2 ? A ASP 173 OD2 
59 1 Y 1 D ARG 175 ? CG  ? A ARG 177 CG  
60 1 Y 1 D ARG 175 ? CD  ? A ARG 177 CD  
61 1 Y 1 D ARG 175 ? NE  ? A ARG 177 NE  
62 1 Y 1 D ARG 175 ? CZ  ? A ARG 177 CZ  
63 1 Y 1 D ARG 175 ? NH1 ? A ARG 177 NH1 
64 1 Y 1 D ARG 175 ? NH2 ? A ARG 177 NH2 
65 1 Y 1 D GLN 179 ? CG  ? A GLN 181 CG  
66 1 Y 1 D GLN 179 ? CD  ? A GLN 181 CD  
67 1 Y 1 D GLN 179 ? OE1 ? A GLN 181 OE1 
68 1 Y 1 D GLN 179 ? NE2 ? A GLN 181 NE2 
# 
loop_
_pdbx_unobs_or_zero_occ_residues.id 
_pdbx_unobs_or_zero_occ_residues.PDB_model_num 
_pdbx_unobs_or_zero_occ_residues.polymer_flag 
_pdbx_unobs_or_zero_occ_residues.occupancy_flag 
_pdbx_unobs_or_zero_occ_residues.auth_asym_id 
_pdbx_unobs_or_zero_occ_residues.auth_comp_id 
_pdbx_unobs_or_zero_occ_residues.auth_seq_id 
_pdbx_unobs_or_zero_occ_residues.PDB_ins_code 
_pdbx_unobs_or_zero_occ_residues.label_asym_id 
_pdbx_unobs_or_zero_occ_residues.label_comp_id 
_pdbx_unobs_or_zero_occ_residues.label_seq_id 
1  1 Y 1 D GLY -1  ? A GLY 1   
2  1 Y 1 D SER 0   ? A SER 2   
3  1 Y 1 D MET 1   ? A MET 3   
4  1 Y 1 D SER 2   ? A SER 4   
5  1 Y 1 D ALA 3   ? A ALA 5   
6  1 Y 1 D SER 4   ? A SER 6   
7  1 Y 1 D THR 33  ? A THR 35  
8  1 Y 1 D ASP 34  ? A ASP 36  
9  1 Y 1 D TYR 35  ? A TYR 37  
10 1 Y 1 D VAL 36  ? A VAL 38  
11 1 Y 1 D PRO 37  ? A PRO 39  
12 1 Y 1 D THR 38  ? A THR 40  
13 1 Y 1 D VAL 39  ? A VAL 41  
14 1 Y 1 D PHE 40  ? A PHE 42  
15 1 Y 1 D ASP 41  ? A ASP 43  
16 1 Y 1 D ASN 42  ? A ASN 44  
17 1 Y 1 D VAL 49  ? A VAL 51  
18 1 Y 1 D ASN 50  ? A ASN 52  
19 1 Y 1 D GLY 51  ? A GLY 53  
20 1 Y 1 D ALA 52  ? A ALA 54  
21 1 Y 1 D THR 53  ? A THR 55  
22 1 Y 1 D VAL 54  ? A VAL 56  
23 1 Y 1 D ASN 55  ? A ASN 57  
24 1 Y 1 D GLN 64  ? A GLN 66  
25 1 Y 1 D PRO 133 ? A PRO 135 
26 1 Y 1 D GLY 134 ? A GLY 136 
# 
loop_
_chem_comp_atom.comp_id 
_chem_comp_atom.atom_id 
_chem_comp_atom.type_symbol 
_chem_comp_atom.pdbx_aromatic_flag 
_chem_comp_atom.pdbx_stereo_config 
_chem_comp_atom.pdbx_ordinal 
ALA N      N  N N 1   
ALA CA     C  N S 2   
ALA C      C  N N 3   
ALA O      O  N N 4   
ALA CB     C  N N 5   
ALA OXT    O  N N 6   
ALA H      H  N N 7   
ALA H2     H  N N 8   
ALA HA     H  N N 9   
ALA HB1    H  N N 10  
ALA HB2    H  N N 11  
ALA HB3    H  N N 12  
ALA HXT    H  N N 13  
ARG N      N  N N 14  
ARG CA     C  N S 15  
ARG C      C  N N 16  
ARG O      O  N N 17  
ARG CB     C  N N 18  
ARG CG     C  N N 19  
ARG CD     C  N N 20  
ARG NE     N  N N 21  
ARG CZ     C  N N 22  
ARG NH1    N  N N 23  
ARG NH2    N  N N 24  
ARG OXT    O  N N 25  
ARG H      H  N N 26  
ARG H2     H  N N 27  
ARG HA     H  N N 28  
ARG HB2    H  N N 29  
ARG HB3    H  N N 30  
ARG HG2    H  N N 31  
ARG HG3    H  N N 32  
ARG HD2    H  N N 33  
ARG HD3    H  N N 34  
ARG HE     H  N N 35  
ARG HH11   H  N N 36  
ARG HH12   H  N N 37  
ARG HH21   H  N N 38  
ARG HH22   H  N N 39  
ARG HXT    H  N N 40  
ASN N      N  N N 41  
ASN CA     C  N S 42  
ASN C      C  N N 43  
ASN O      O  N N 44  
ASN CB     C  N N 45  
ASN CG     C  N N 46  
ASN OD1    O  N N 47  
ASN ND2    N  N N 48  
ASN OXT    O  N N 49  
ASN H      H  N N 50  
ASN H2     H  N N 51  
ASN HA     H  N N 52  
ASN HB2    H  N N 53  
ASN HB3    H  N N 54  
ASN HD21   H  N N 55  
ASN HD22   H  N N 56  
ASN HXT    H  N N 57  
ASP N      N  N N 58  
ASP CA     C  N S 59  
ASP C      C  N N 60  
ASP O      O  N N 61  
ASP CB     C  N N 62  
ASP CG     C  N N 63  
ASP OD1    O  N N 64  
ASP OD2    O  N N 65  
ASP OXT    O  N N 66  
ASP H      H  N N 67  
ASP H2     H  N N 68  
ASP HA     H  N N 69  
ASP HB2    H  N N 70  
ASP HB3    H  N N 71  
ASP HD2    H  N N 72  
ASP HXT    H  N N 73  
CYS N      N  N N 74  
CYS CA     C  N R 75  
CYS C      C  N N 76  
CYS O      O  N N 77  
CYS CB     C  N N 78  
CYS SG     S  N N 79  
CYS OXT    O  N N 80  
CYS H      H  N N 81  
CYS H2     H  N N 82  
CYS HA     H  N N 83  
CYS HB2    H  N N 84  
CYS HB3    H  N N 85  
CYS HG     H  N N 86  
CYS HXT    H  N N 87  
GDP PB     P  N N 88  
GDP O1B    O  N N 89  
GDP O2B    O  N N 90  
GDP O3B    O  N N 91  
GDP O3A    O  N N 92  
GDP PA     P  N N 93  
GDP O1A    O  N N 94  
GDP O2A    O  N N 95  
GDP "O5'"  O  N N 96  
GDP "C5'"  C  N N 97  
GDP "C4'"  C  N R 98  
GDP "O4'"  O  N N 99  
GDP "C3'"  C  N S 100 
GDP "O3'"  O  N N 101 
GDP "C2'"  C  N R 102 
GDP "O2'"  O  N N 103 
GDP "C1'"  C  N R 104 
GDP N9     N  Y N 105 
GDP C8     C  Y N 106 
GDP N7     N  Y N 107 
GDP C5     C  Y N 108 
GDP C6     C  N N 109 
GDP O6     O  N N 110 
GDP N1     N  N N 111 
GDP C2     C  N N 112 
GDP N2     N  N N 113 
GDP N3     N  N N 114 
GDP C4     C  Y N 115 
GDP HOB2   H  N N 116 
GDP HOB3   H  N N 117 
GDP HOA2   H  N N 118 
GDP "H5'"  H  N N 119 
GDP "H5''" H  N N 120 
GDP "H4'"  H  N N 121 
GDP "H3'"  H  N N 122 
GDP "HO3'" H  N N 123 
GDP "H2'"  H  N N 124 
GDP "HO2'" H  N N 125 
GDP "H1'"  H  N N 126 
GDP H8     H  N N 127 
GDP HN1    H  N N 128 
GDP HN21   H  N N 129 
GDP HN22   H  N N 130 
GLN N      N  N N 131 
GLN CA     C  N S 132 
GLN C      C  N N 133 
GLN O      O  N N 134 
GLN CB     C  N N 135 
GLN CG     C  N N 136 
GLN CD     C  N N 137 
GLN OE1    O  N N 138 
GLN NE2    N  N N 139 
GLN OXT    O  N N 140 
GLN H      H  N N 141 
GLN H2     H  N N 142 
GLN HA     H  N N 143 
GLN HB2    H  N N 144 
GLN HB3    H  N N 145 
GLN HG2    H  N N 146 
GLN HG3    H  N N 147 
GLN HE21   H  N N 148 
GLN HE22   H  N N 149 
GLN HXT    H  N N 150 
GLU N      N  N N 151 
GLU CA     C  N S 152 
GLU C      C  N N 153 
GLU O      O  N N 154 
GLU CB     C  N N 155 
GLU CG     C  N N 156 
GLU CD     C  N N 157 
GLU OE1    O  N N 158 
GLU OE2    O  N N 159 
GLU OXT    O  N N 160 
GLU H      H  N N 161 
GLU H2     H  N N 162 
GLU HA     H  N N 163 
GLU HB2    H  N N 164 
GLU HB3    H  N N 165 
GLU HG2    H  N N 166 
GLU HG3    H  N N 167 
GLU HE2    H  N N 168 
GLU HXT    H  N N 169 
GLY N      N  N N 170 
GLY CA     C  N N 171 
GLY C      C  N N 172 
GLY O      O  N N 173 
GLY OXT    O  N N 174 
GLY H      H  N N 175 
GLY H2     H  N N 176 
GLY HA2    H  N N 177 
GLY HA3    H  N N 178 
GLY HXT    H  N N 179 
HIS N      N  N N 180 
HIS CA     C  N S 181 
HIS C      C  N N 182 
HIS O      O  N N 183 
HIS CB     C  N N 184 
HIS CG     C  Y N 185 
HIS ND1    N  Y N 186 
HIS CD2    C  Y N 187 
HIS CE1    C  Y N 188 
HIS NE2    N  Y N 189 
HIS OXT    O  N N 190 
HIS H      H  N N 191 
HIS H2     H  N N 192 
HIS HA     H  N N 193 
HIS HB2    H  N N 194 
HIS HB3    H  N N 195 
HIS HD1    H  N N 196 
HIS HD2    H  N N 197 
HIS HE1    H  N N 198 
HIS HE2    H  N N 199 
HIS HXT    H  N N 200 
HOH O      O  N N 201 
HOH H1     H  N N 202 
HOH H2     H  N N 203 
ILE N      N  N N 204 
ILE CA     C  N S 205 
ILE C      C  N N 206 
ILE O      O  N N 207 
ILE CB     C  N S 208 
ILE CG1    C  N N 209 
ILE CG2    C  N N 210 
ILE CD1    C  N N 211 
ILE OXT    O  N N 212 
ILE H      H  N N 213 
ILE H2     H  N N 214 
ILE HA     H  N N 215 
ILE HB     H  N N 216 
ILE HG12   H  N N 217 
ILE HG13   H  N N 218 
ILE HG21   H  N N 219 
ILE HG22   H  N N 220 
ILE HG23   H  N N 221 
ILE HD11   H  N N 222 
ILE HD12   H  N N 223 
ILE HD13   H  N N 224 
ILE HXT    H  N N 225 
LEU N      N  N N 226 
LEU CA     C  N S 227 
LEU C      C  N N 228 
LEU O      O  N N 229 
LEU CB     C  N N 230 
LEU CG     C  N N 231 
LEU CD1    C  N N 232 
LEU CD2    C  N N 233 
LEU OXT    O  N N 234 
LEU H      H  N N 235 
LEU H2     H  N N 236 
LEU HA     H  N N 237 
LEU HB2    H  N N 238 
LEU HB3    H  N N 239 
LEU HG     H  N N 240 
LEU HD11   H  N N 241 
LEU HD12   H  N N 242 
LEU HD13   H  N N 243 
LEU HD21   H  N N 244 
LEU HD22   H  N N 245 
LEU HD23   H  N N 246 
LEU HXT    H  N N 247 
LYS N      N  N N 248 
LYS CA     C  N S 249 
LYS C      C  N N 250 
LYS O      O  N N 251 
LYS CB     C  N N 252 
LYS CG     C  N N 253 
LYS CD     C  N N 254 
LYS CE     C  N N 255 
LYS NZ     N  N N 256 
LYS OXT    O  N N 257 
LYS H      H  N N 258 
LYS H2     H  N N 259 
LYS HA     H  N N 260 
LYS HB2    H  N N 261 
LYS HB3    H  N N 262 
LYS HG2    H  N N 263 
LYS HG3    H  N N 264 
LYS HD2    H  N N 265 
LYS HD3    H  N N 266 
LYS HE2    H  N N 267 
LYS HE3    H  N N 268 
LYS HZ1    H  N N 269 
LYS HZ2    H  N N 270 
LYS HZ3    H  N N 271 
LYS HXT    H  N N 272 
MET N      N  N N 273 
MET CA     C  N S 274 
MET C      C  N N 275 
MET O      O  N N 276 
MET CB     C  N N 277 
MET CG     C  N N 278 
MET SD     S  N N 279 
MET CE     C  N N 280 
MET OXT    O  N N 281 
MET H      H  N N 282 
MET H2     H  N N 283 
MET HA     H  N N 284 
MET HB2    H  N N 285 
MET HB3    H  N N 286 
MET HG2    H  N N 287 
MET HG3    H  N N 288 
MET HE1    H  N N 289 
MET HE2    H  N N 290 
MET HE3    H  N N 291 
MET HXT    H  N N 292 
MG  MG     MG N N 293 
PHE N      N  N N 294 
PHE CA     C  N S 295 
PHE C      C  N N 296 
PHE O      O  N N 297 
PHE CB     C  N N 298 
PHE CG     C  Y N 299 
PHE CD1    C  Y N 300 
PHE CD2    C  Y N 301 
PHE CE1    C  Y N 302 
PHE CE2    C  Y N 303 
PHE CZ     C  Y N 304 
PHE OXT    O  N N 305 
PHE H      H  N N 306 
PHE H2     H  N N 307 
PHE HA     H  N N 308 
PHE HB2    H  N N 309 
PHE HB3    H  N N 310 
PHE HD1    H  N N 311 
PHE HD2    H  N N 312 
PHE HE1    H  N N 313 
PHE HE2    H  N N 314 
PHE HZ     H  N N 315 
PHE HXT    H  N N 316 
PRO N      N  N N 317 
PRO CA     C  N S 318 
PRO C      C  N N 319 
PRO O      O  N N 320 
PRO CB     C  N N 321 
PRO CG     C  N N 322 
PRO CD     C  N N 323 
PRO OXT    O  N N 324 
PRO H      H  N N 325 
PRO HA     H  N N 326 
PRO HB2    H  N N 327 
PRO HB3    H  N N 328 
PRO HG2    H  N N 329 
PRO HG3    H  N N 330 
PRO HD2    H  N N 331 
PRO HD3    H  N N 332 
PRO HXT    H  N N 333 
SER N      N  N N 334 
SER CA     C  N S 335 
SER C      C  N N 336 
SER O      O  N N 337 
SER CB     C  N N 338 
SER OG     O  N N 339 
SER OXT    O  N N 340 
SER H      H  N N 341 
SER H2     H  N N 342 
SER HA     H  N N 343 
SER HB2    H  N N 344 
SER HB3    H  N N 345 
SER HG     H  N N 346 
SER HXT    H  N N 347 
THR N      N  N N 348 
THR CA     C  N S 349 
THR C      C  N N 350 
THR O      O  N N 351 
THR CB     C  N R 352 
THR OG1    O  N N 353 
THR CG2    C  N N 354 
THR OXT    O  N N 355 
THR H      H  N N 356 
THR H2     H  N N 357 
THR HA     H  N N 358 
THR HB     H  N N 359 
THR HG1    H  N N 360 
THR HG21   H  N N 361 
THR HG22   H  N N 362 
THR HG23   H  N N 363 
THR HXT    H  N N 364 
TRP N      N  N N 365 
TRP CA     C  N S 366 
TRP C      C  N N 367 
TRP O      O  N N 368 
TRP CB     C  N N 369 
TRP CG     C  Y N 370 
TRP CD1    C  Y N 371 
TRP CD2    C  Y N 372 
TRP NE1    N  Y N 373 
TRP CE2    C  Y N 374 
TRP CE3    C  Y N 375 
TRP CZ2    C  Y N 376 
TRP CZ3    C  Y N 377 
TRP CH2    C  Y N 378 
TRP OXT    O  N N 379 
TRP H      H  N N 380 
TRP H2     H  N N 381 
TRP HA     H  N N 382 
TRP HB2    H  N N 383 
TRP HB3    H  N N 384 
TRP HD1    H  N N 385 
TRP HE1    H  N N 386 
TRP HE3    H  N N 387 
TRP HZ2    H  N N 388 
TRP HZ3    H  N N 389 
TRP HH2    H  N N 390 
TRP HXT    H  N N 391 
TYR N      N  N N 392 
TYR CA     C  N S 393 
TYR C      C  N N 394 
TYR O      O  N N 395 
TYR CB     C  N N 396 
TYR CG     C  Y N 397 
TYR CD1    C  Y N 398 
TYR CD2    C  Y N 399 
TYR CE1    C  Y N 400 
TYR CE2    C  Y N 401 
TYR CZ     C  Y N 402 
TYR OH     O  N N 403 
TYR OXT    O  N N 404 
TYR H      H  N N 405 
TYR H2     H  N N 406 
TYR HA     H  N N 407 
TYR HB2    H  N N 408 
TYR HB3    H  N N 409 
TYR HD1    H  N N 410 
TYR HD2    H  N N 411 
TYR HE1    H  N N 412 
TYR HE2    H  N N 413 
TYR HH     H  N N 414 
TYR HXT    H  N N 415 
VAL N      N  N N 416 
VAL CA     C  N S 417 
VAL C      C  N N 418 
VAL O      O  N N 419 
VAL CB     C  N N 420 
VAL CG1    C  N N 421 
VAL CG2    C  N N 422 
VAL OXT    O  N N 423 
VAL H      H  N N 424 
VAL H2     H  N N 425 
VAL HA     H  N N 426 
VAL HB     H  N N 427 
VAL HG11   H  N N 428 
VAL HG12   H  N N 429 
VAL HG13   H  N N 430 
VAL HG21   H  N N 431 
VAL HG22   H  N N 432 
VAL HG23   H  N N 433 
VAL HXT    H  N N 434 
# 
loop_
_chem_comp_bond.comp_id 
_chem_comp_bond.atom_id_1 
_chem_comp_bond.atom_id_2 
_chem_comp_bond.value_order 
_chem_comp_bond.pdbx_aromatic_flag 
_chem_comp_bond.pdbx_stereo_config 
_chem_comp_bond.pdbx_ordinal 
ALA N     CA     sing N N 1   
ALA N     H      sing N N 2   
ALA N     H2     sing N N 3   
ALA CA    C      sing N N 4   
ALA CA    CB     sing N N 5   
ALA CA    HA     sing N N 6   
ALA C     O      doub N N 7   
ALA C     OXT    sing N N 8   
ALA CB    HB1    sing N N 9   
ALA CB    HB2    sing N N 10  
ALA CB    HB3    sing N N 11  
ALA OXT   HXT    sing N N 12  
ARG N     CA     sing N N 13  
ARG N     H      sing N N 14  
ARG N     H2     sing N N 15  
ARG CA    C      sing N N 16  
ARG CA    CB     sing N N 17  
ARG CA    HA     sing N N 18  
ARG C     O      doub N N 19  
ARG C     OXT    sing N N 20  
ARG CB    CG     sing N N 21  
ARG CB    HB2    sing N N 22  
ARG CB    HB3    sing N N 23  
ARG CG    CD     sing N N 24  
ARG CG    HG2    sing N N 25  
ARG CG    HG3    sing N N 26  
ARG CD    NE     sing N N 27  
ARG CD    HD2    sing N N 28  
ARG CD    HD3    sing N N 29  
ARG NE    CZ     sing N N 30  
ARG NE    HE     sing N N 31  
ARG CZ    NH1    sing N N 32  
ARG CZ    NH2    doub N N 33  
ARG NH1   HH11   sing N N 34  
ARG NH1   HH12   sing N N 35  
ARG NH2   HH21   sing N N 36  
ARG NH2   HH22   sing N N 37  
ARG OXT   HXT    sing N N 38  
ASN N     CA     sing N N 39  
ASN N     H      sing N N 40  
ASN N     H2     sing N N 41  
ASN CA    C      sing N N 42  
ASN CA    CB     sing N N 43  
ASN CA    HA     sing N N 44  
ASN C     O      doub N N 45  
ASN C     OXT    sing N N 46  
ASN CB    CG     sing N N 47  
ASN CB    HB2    sing N N 48  
ASN CB    HB3    sing N N 49  
ASN CG    OD1    doub N N 50  
ASN CG    ND2    sing N N 51  
ASN ND2   HD21   sing N N 52  
ASN ND2   HD22   sing N N 53  
ASN OXT   HXT    sing N N 54  
ASP N     CA     sing N N 55  
ASP N     H      sing N N 56  
ASP N     H2     sing N N 57  
ASP CA    C      sing N N 58  
ASP CA    CB     sing N N 59  
ASP CA    HA     sing N N 60  
ASP C     O      doub N N 61  
ASP C     OXT    sing N N 62  
ASP CB    CG     sing N N 63  
ASP CB    HB2    sing N N 64  
ASP CB    HB3    sing N N 65  
ASP CG    OD1    doub N N 66  
ASP CG    OD2    sing N N 67  
ASP OD2   HD2    sing N N 68  
ASP OXT   HXT    sing N N 69  
CYS N     CA     sing N N 70  
CYS N     H      sing N N 71  
CYS N     H2     sing N N 72  
CYS CA    C      sing N N 73  
CYS CA    CB     sing N N 74  
CYS CA    HA     sing N N 75  
CYS C     O      doub N N 76  
CYS C     OXT    sing N N 77  
CYS CB    SG     sing N N 78  
CYS CB    HB2    sing N N 79  
CYS CB    HB3    sing N N 80  
CYS SG    HG     sing N N 81  
CYS OXT   HXT    sing N N 82  
GDP PB    O1B    doub N N 83  
GDP PB    O2B    sing N N 84  
GDP PB    O3B    sing N N 85  
GDP PB    O3A    sing N N 86  
GDP O2B   HOB2   sing N N 87  
GDP O3B   HOB3   sing N N 88  
GDP O3A   PA     sing N N 89  
GDP PA    O1A    doub N N 90  
GDP PA    O2A    sing N N 91  
GDP PA    "O5'"  sing N N 92  
GDP O2A   HOA2   sing N N 93  
GDP "O5'" "C5'"  sing N N 94  
GDP "C5'" "C4'"  sing N N 95  
GDP "C5'" "H5'"  sing N N 96  
GDP "C5'" "H5''" sing N N 97  
GDP "C4'" "O4'"  sing N N 98  
GDP "C4'" "C3'"  sing N N 99  
GDP "C4'" "H4'"  sing N N 100 
GDP "O4'" "C1'"  sing N N 101 
GDP "C3'" "O3'"  sing N N 102 
GDP "C3'" "C2'"  sing N N 103 
GDP "C3'" "H3'"  sing N N 104 
GDP "O3'" "HO3'" sing N N 105 
GDP "C2'" "O2'"  sing N N 106 
GDP "C2'" "C1'"  sing N N 107 
GDP "C2'" "H2'"  sing N N 108 
GDP "O2'" "HO2'" sing N N 109 
GDP "C1'" N9     sing N N 110 
GDP "C1'" "H1'"  sing N N 111 
GDP N9    C8     sing Y N 112 
GDP N9    C4     sing Y N 113 
GDP C8    N7     doub Y N 114 
GDP C8    H8     sing N N 115 
GDP N7    C5     sing Y N 116 
GDP C5    C6     sing N N 117 
GDP C5    C4     doub Y N 118 
GDP C6    O6     doub N N 119 
GDP C6    N1     sing N N 120 
GDP N1    C2     sing N N 121 
GDP N1    HN1    sing N N 122 
GDP C2    N2     sing N N 123 
GDP C2    N3     doub N N 124 
GDP N2    HN21   sing N N 125 
GDP N2    HN22   sing N N 126 
GDP N3    C4     sing N N 127 
GLN N     CA     sing N N 128 
GLN N     H      sing N N 129 
GLN N     H2     sing N N 130 
GLN CA    C      sing N N 131 
GLN CA    CB     sing N N 132 
GLN CA    HA     sing N N 133 
GLN C     O      doub N N 134 
GLN C     OXT    sing N N 135 
GLN CB    CG     sing N N 136 
GLN CB    HB2    sing N N 137 
GLN CB    HB3    sing N N 138 
GLN CG    CD     sing N N 139 
GLN CG    HG2    sing N N 140 
GLN CG    HG3    sing N N 141 
GLN CD    OE1    doub N N 142 
GLN CD    NE2    sing N N 143 
GLN NE2   HE21   sing N N 144 
GLN NE2   HE22   sing N N 145 
GLN OXT   HXT    sing N N 146 
GLU N     CA     sing N N 147 
GLU N     H      sing N N 148 
GLU N     H2     sing N N 149 
GLU CA    C      sing N N 150 
GLU CA    CB     sing N N 151 
GLU CA    HA     sing N N 152 
GLU C     O      doub N N 153 
GLU C     OXT    sing N N 154 
GLU CB    CG     sing N N 155 
GLU CB    HB2    sing N N 156 
GLU CB    HB3    sing N N 157 
GLU CG    CD     sing N N 158 
GLU CG    HG2    sing N N 159 
GLU CG    HG3    sing N N 160 
GLU CD    OE1    doub N N 161 
GLU CD    OE2    sing N N 162 
GLU OE2   HE2    sing N N 163 
GLU OXT   HXT    sing N N 164 
GLY N     CA     sing N N 165 
GLY N     H      sing N N 166 
GLY N     H2     sing N N 167 
GLY CA    C      sing N N 168 
GLY CA    HA2    sing N N 169 
GLY CA    HA3    sing N N 170 
GLY C     O      doub N N 171 
GLY C     OXT    sing N N 172 
GLY OXT   HXT    sing N N 173 
HIS N     CA     sing N N 174 
HIS N     H      sing N N 175 
HIS N     H2     sing N N 176 
HIS CA    C      sing N N 177 
HIS CA    CB     sing N N 178 
HIS CA    HA     sing N N 179 
HIS C     O      doub N N 180 
HIS C     OXT    sing N N 181 
HIS CB    CG     sing N N 182 
HIS CB    HB2    sing N N 183 
HIS CB    HB3    sing N N 184 
HIS CG    ND1    sing Y N 185 
HIS CG    CD2    doub Y N 186 
HIS ND1   CE1    doub Y N 187 
HIS ND1   HD1    sing N N 188 
HIS CD2   NE2    sing Y N 189 
HIS CD2   HD2    sing N N 190 
HIS CE1   NE2    sing Y N 191 
HIS CE1   HE1    sing N N 192 
HIS NE2   HE2    sing N N 193 
HIS OXT   HXT    sing N N 194 
HOH O     H1     sing N N 195 
HOH O     H2     sing N N 196 
ILE N     CA     sing N N 197 
ILE N     H      sing N N 198 
ILE N     H2     sing N N 199 
ILE CA    C      sing N N 200 
ILE CA    CB     sing N N 201 
ILE CA    HA     sing N N 202 
ILE C     O      doub N N 203 
ILE C     OXT    sing N N 204 
ILE CB    CG1    sing N N 205 
ILE CB    CG2    sing N N 206 
ILE CB    HB     sing N N 207 
ILE CG1   CD1    sing N N 208 
ILE CG1   HG12   sing N N 209 
ILE CG1   HG13   sing N N 210 
ILE CG2   HG21   sing N N 211 
ILE CG2   HG22   sing N N 212 
ILE CG2   HG23   sing N N 213 
ILE CD1   HD11   sing N N 214 
ILE CD1   HD12   sing N N 215 
ILE CD1   HD13   sing N N 216 
ILE OXT   HXT    sing N N 217 
LEU N     CA     sing N N 218 
LEU N     H      sing N N 219 
LEU N     H2     sing N N 220 
LEU CA    C      sing N N 221 
LEU CA    CB     sing N N 222 
LEU CA    HA     sing N N 223 
LEU C     O      doub N N 224 
LEU C     OXT    sing N N 225 
LEU CB    CG     sing N N 226 
LEU CB    HB2    sing N N 227 
LEU CB    HB3    sing N N 228 
LEU CG    CD1    sing N N 229 
LEU CG    CD2    sing N N 230 
LEU CG    HG     sing N N 231 
LEU CD1   HD11   sing N N 232 
LEU CD1   HD12   sing N N 233 
LEU CD1   HD13   sing N N 234 
LEU CD2   HD21   sing N N 235 
LEU CD2   HD22   sing N N 236 
LEU CD2   HD23   sing N N 237 
LEU OXT   HXT    sing N N 238 
LYS N     CA     sing N N 239 
LYS N     H      sing N N 240 
LYS N     H2     sing N N 241 
LYS CA    C      sing N N 242 
LYS CA    CB     sing N N 243 
LYS CA    HA     sing N N 244 
LYS C     O      doub N N 245 
LYS C     OXT    sing N N 246 
LYS CB    CG     sing N N 247 
LYS CB    HB2    sing N N 248 
LYS CB    HB3    sing N N 249 
LYS CG    CD     sing N N 250 
LYS CG    HG2    sing N N 251 
LYS CG    HG3    sing N N 252 
LYS CD    CE     sing N N 253 
LYS CD    HD2    sing N N 254 
LYS CD    HD3    sing N N 255 
LYS CE    NZ     sing N N 256 
LYS CE    HE2    sing N N 257 
LYS CE    HE3    sing N N 258 
LYS NZ    HZ1    sing N N 259 
LYS NZ    HZ2    sing N N 260 
LYS NZ    HZ3    sing N N 261 
LYS OXT   HXT    sing N N 262 
MET N     CA     sing N N 263 
MET N     H      sing N N 264 
MET N     H2     sing N N 265 
MET CA    C      sing N N 266 
MET CA    CB     sing N N 267 
MET CA    HA     sing N N 268 
MET C     O      doub N N 269 
MET C     OXT    sing N N 270 
MET CB    CG     sing N N 271 
MET CB    HB2    sing N N 272 
MET CB    HB3    sing N N 273 
MET CG    SD     sing N N 274 
MET CG    HG2    sing N N 275 
MET CG    HG3    sing N N 276 
MET SD    CE     sing N N 277 
MET CE    HE1    sing N N 278 
MET CE    HE2    sing N N 279 
MET CE    HE3    sing N N 280 
MET OXT   HXT    sing N N 281 
PHE N     CA     sing N N 282 
PHE N     H      sing N N 283 
PHE N     H2     sing N N 284 
PHE CA    C      sing N N 285 
PHE CA    CB     sing N N 286 
PHE CA    HA     sing N N 287 
PHE C     O      doub N N 288 
PHE C     OXT    sing N N 289 
PHE CB    CG     sing N N 290 
PHE CB    HB2    sing N N 291 
PHE CB    HB3    sing N N 292 
PHE CG    CD1    doub Y N 293 
PHE CG    CD2    sing Y N 294 
PHE CD1   CE1    sing Y N 295 
PHE CD1   HD1    sing N N 296 
PHE CD2   CE2    doub Y N 297 
PHE CD2   HD2    sing N N 298 
PHE CE1   CZ     doub Y N 299 
PHE CE1   HE1    sing N N 300 
PHE CE2   CZ     sing Y N 301 
PHE CE2   HE2    sing N N 302 
PHE CZ    HZ     sing N N 303 
PHE OXT   HXT    sing N N 304 
PRO N     CA     sing N N 305 
PRO N     CD     sing N N 306 
PRO N     H      sing N N 307 
PRO CA    C      sing N N 308 
PRO CA    CB     sing N N 309 
PRO CA    HA     sing N N 310 
PRO C     O      doub N N 311 
PRO C     OXT    sing N N 312 
PRO CB    CG     sing N N 313 
PRO CB    HB2    sing N N 314 
PRO CB    HB3    sing N N 315 
PRO CG    CD     sing N N 316 
PRO CG    HG2    sing N N 317 
PRO CG    HG3    sing N N 318 
PRO CD    HD2    sing N N 319 
PRO CD    HD3    sing N N 320 
PRO OXT   HXT    sing N N 321 
SER N     CA     sing N N 322 
SER N     H      sing N N 323 
SER N     H2     sing N N 324 
SER CA    C      sing N N 325 
SER CA    CB     sing N N 326 
SER CA    HA     sing N N 327 
SER C     O      doub N N 328 
SER C     OXT    sing N N 329 
SER CB    OG     sing N N 330 
SER CB    HB2    sing N N 331 
SER CB    HB3    sing N N 332 
SER OG    HG     sing N N 333 
SER OXT   HXT    sing N N 334 
THR N     CA     sing N N 335 
THR N     H      sing N N 336 
THR N     H2     sing N N 337 
THR CA    C      sing N N 338 
THR CA    CB     sing N N 339 
THR CA    HA     sing N N 340 
THR C     O      doub N N 341 
THR C     OXT    sing N N 342 
THR CB    OG1    sing N N 343 
THR CB    CG2    sing N N 344 
THR CB    HB     sing N N 345 
THR OG1   HG1    sing N N 346 
THR CG2   HG21   sing N N 347 
THR CG2   HG22   sing N N 348 
THR CG2   HG23   sing N N 349 
THR OXT   HXT    sing N N 350 
TRP N     CA     sing N N 351 
TRP N     H      sing N N 352 
TRP N     H2     sing N N 353 
TRP CA    C      sing N N 354 
TRP CA    CB     sing N N 355 
TRP CA    HA     sing N N 356 
TRP C     O      doub N N 357 
TRP C     OXT    sing N N 358 
TRP CB    CG     sing N N 359 
TRP CB    HB2    sing N N 360 
TRP CB    HB3    sing N N 361 
TRP CG    CD1    doub Y N 362 
TRP CG    CD2    sing Y N 363 
TRP CD1   NE1    sing Y N 364 
TRP CD1   HD1    sing N N 365 
TRP CD2   CE2    doub Y N 366 
TRP CD2   CE3    sing Y N 367 
TRP NE1   CE2    sing Y N 368 
TRP NE1   HE1    sing N N 369 
TRP CE2   CZ2    sing Y N 370 
TRP CE3   CZ3    doub Y N 371 
TRP CE3   HE3    sing N N 372 
TRP CZ2   CH2    doub Y N 373 
TRP CZ2   HZ2    sing N N 374 
TRP CZ3   CH2    sing Y N 375 
TRP CZ3   HZ3    sing N N 376 
TRP CH2   HH2    sing N N 377 
TRP OXT   HXT    sing N N 378 
TYR N     CA     sing N N 379 
TYR N     H      sing N N 380 
TYR N     H2     sing N N 381 
TYR CA    C      sing N N 382 
TYR CA    CB     sing N N 383 
TYR CA    HA     sing N N 384 
TYR C     O      doub N N 385 
TYR C     OXT    sing N N 386 
TYR CB    CG     sing N N 387 
TYR CB    HB2    sing N N 388 
TYR CB    HB3    sing N N 389 
TYR CG    CD1    doub Y N 390 
TYR CG    CD2    sing Y N 391 
TYR CD1   CE1    sing Y N 392 
TYR CD1   HD1    sing N N 393 
TYR CD2   CE2    doub Y N 394 
TYR CD2   HD2    sing N N 395 
TYR CE1   CZ     doub Y N 396 
TYR CE1   HE1    sing N N 397 
TYR CE2   CZ     sing Y N 398 
TYR CE2   HE2    sing N N 399 
TYR CZ    OH     sing N N 400 
TYR OH    HH     sing N N 401 
TYR OXT   HXT    sing N N 402 
VAL N     CA     sing N N 403 
VAL N     H      sing N N 404 
VAL N     H2     sing N N 405 
VAL CA    C      sing N N 406 
VAL CA    CB     sing N N 407 
VAL CA    HA     sing N N 408 
VAL C     O      doub N N 409 
VAL C     OXT    sing N N 410 
VAL CB    CG1    sing N N 411 
VAL CB    CG2    sing N N 412 
VAL CB    HB     sing N N 413 
VAL CG1   HG11   sing N N 414 
VAL CG1   HG12   sing N N 415 
VAL CG1   HG13   sing N N 416 
VAL CG2   HG21   sing N N 417 
VAL CG2   HG22   sing N N 418 
VAL CG2   HG23   sing N N 419 
VAL OXT   HXT    sing N N 420 
# 
loop_
_pdbx_entity_nonpoly.entity_id 
_pdbx_entity_nonpoly.name 
_pdbx_entity_nonpoly.comp_id 
2 'MAGNESIUM ION'            MG  
3 "GUANOSINE-5'-DIPHOSPHATE" GDP 
4 water                      HOH 
# 
_pdbx_initial_refinement_model.id               1 
_pdbx_initial_refinement_model.entity_id_list   ? 
_pdbx_initial_refinement_model.type             'experimental model' 
_pdbx_initial_refinement_model.source_name      PDB 
_pdbx_initial_refinement_model.accession_code   2NTY 
_pdbx_initial_refinement_model.details          'ROP4-GDP of model with PDB ID 2NTY' 
# 
